data_7JPX
#
_entry.id   7JPX
#
_cell.length_a   1.00
_cell.length_b   1.00
_cell.length_c   1.00
_cell.angle_alpha   90.00
_cell.angle_beta   90.00
_cell.angle_gamma   90.00
#
_symmetry.space_group_name_H-M   'P 1'
#
loop_
_entity.id
_entity.type
_entity.pdbx_description
1 polymer 'Voltage-dependent L-type calcium channel subunit alpha-1S'
2 polymer 'Voltage-dependent calcium channel gamma-1 subunit'
3 polymer 'Voltage-dependent calcium channel subunit alpha-2/delta-1'
4 non-polymer 'CALCIUM ION'
5 non-polymer 1,2-Distearoyl-sn-glycerophosphoethanolamine
6 non-polymer 1,2-DIACYL-SN-GLYCERO-3-PHOSPHOCHOLINE
7 non-polymer '(2S)-3-(hexadecanoyloxy)-2-[(9Z)-octadec-9-enoyloxy]propyl 2-(trimethylammonio)ethyl phosphate'
8 non-polymer amlodipine
#
loop_
_entity_poly.entity_id
_entity_poly.type
_entity_poly.pdbx_seq_one_letter_code
_entity_poly.pdbx_strand_id
1 'polypeptide(L)'
;MEPSSPQDEGLRKKQPKKPLPEVLPRPPRALFCLTLQNPLRKACISIVEWKPFETIILLTIFANCVALAVYLPMPEDDNN
SLNLGLEKLEYFFLTVFSIEAAMKIIAYGFLFHQDAYLRSGWNVLDFIIVFLGVFTAILEQVNVIQSNTAPMSSKGAGLD
VKALRAFRVLRPLRLVSGVPSLQVVLNSIFKAMLPLFHIALLVLFMVIIYAIIGLELFKGKMHKTCYYIGTDIVATVENE
KPSPCARTGSGRPCTINGSECRGGWPGPNHGITHFDNFGFSMLTVYQCITMEGWTDVLYWVNDAIGNEWPWIYFVTLILL
GSFFILNLVLGVLSGEFTKEREKAKSRGTFQKLREKQQLEEDLRGYMSWITQGEVMDVEDLREGKLSLEEGGSDTESLYE
IEGLNKIIQFIRHWRQWNRVFRWKCHDLVKSRVFYWLVILIVALNTLSIASEHHNQPLWLTHLQDIANRVLLSLFTIEML
LKMYGLGLRQYFMSIFNRFDCFVVCSGILELLLVESGAMTPLGISVLRCIRLLRLFKITKYWTSLSNLVASLLNSIRSIA
SLLLLLFLFIIIFALLGMQLFGGRYDFEDTEVRRSNFDNFPQALISVFQVLTGEDWNSVMYNGIMAYGGPSYPGVLVCIY
FIILFVCGNYILLNVFLAIAVDNLAEAESLTSAQKAKAEERKRRKMSRGLPDKTEEEKSVMAKKLEQKPKGEGIPTTAKL
KVDEFESNVNEVKDPYPSADFPGDDEEDEPEIPVSPRPRPLAELQLKEKAVPIPEASSFFIFSPTNKVRVLCHRIVNATW
FTNFILLFILLSSAALAAEDPIRAESVRNQILGYFDIAFTSVFTVEIVLKMTTYGAFLHKGSFCRNYFNILDLLVVAVSL
ISMGLESSTISVVKILRVLRVLRPLRAINRAKGLKHVVQCVFVAIRTIGNIVLVTTLLQFMFACIGVQLFKGKFFSCNDL
SKMTEEECRGYYYVYKDGDPTQMELRPRQWIHNDFHFDNVLSAMMSLFTVSTFEGWPQLLYRAIDSNEEDMGPVYNNRVE
MAIFFIIYIILIAFFMMNIFVGFVIVTFQEQGETEYKNCELDKNQRQCVQYALKARPLRCYIPKNPYQYQVWYVVTSSYF
EYLMFALIMLNTICLGMQHYHQSEEMNHISDILNVAFTIIFTLEMILKLLAFKARGYFGDPWNVFDFLIVIGSIIDVILS
EIDTFLASSGGLYCLGGGCGNVDPDESARISSAFFRLFRVMRLIKLLSRAEGVRTLLWTFIKSFQALPYVALLIVMLFFI
YAVIGMQMFGKIALVDGTQINRNNNFQTFPQAVLLLFRCATGEAWQEILLACSYGKLCDPESDYAPGEEYTCGTNFAYYY
FISFYMLCAFLIINLFVAVIMDNFDYLTRDWSILGPHHLDEFKAIWAEYDPEAKGRIKHLDVVTLLRRIQPPLGFGKFCP
HRVACKRLVGMNMPLNSDGTVTFNATLFALVRTALKIKTEGNFEQANEELRAIIKKIWKRTSMKLLDQVIPPIGDDEVTV
GKFYATFLIQEHFRKFMKRQEEYYGYRPKKDTVQIQAGLRTIEEEAAPEIRRTISGDLTAEEELERAMVEAAMEERIFRR
TGGLFGQVDTFLERTNSLPPVMANQRPLQFAEIEMEELESPVFLEDFPQDARTNPLARANTNNANANVAYGNSNHSNNQM
FSSVHCEREFPGEAETPAAGRGALSHSHRALGPHSKPCAGKLNGQLVQPGMPINQAPPAPCQQPSTDPPERGQRRTSLTG
SLQDEAPQRRSSEGSTPRRPAPATALLIQEALVRGGLDTLAADAGFVTATSQALADACQMEPEEVEVAATELLKARESVQ
GMASVPGSLSRRSSLGSLDQVQGSQETLIPPRP
;
A
2 'polypeptide(L)'
;MSPTEAPKVRVTLFCILVGIVLAMTAVVSDHWAVLSPHMENHNTTCEAAHFGLWRICTKRIALGEDRSCGPITLPGEKNC
SYFRHFNPGESSEIFEFTTQKEYSISAAAISVFSLGFLIMGTICALMAFRKKRDYLLRPASMFYVFAGLCLFVSLEVMRQ
SVKRMIDSEDTVWIEYYYSWSFACACAAFVLLFLGGISLLLFSLPRMPQNPWESCMDAEPEH
;
E
3 'polypeptide(L)'
;MAAGRPLAWTLTLWQAWLILIGPSSEEPFPSAVTIKSWVDKMQEDLVTLAKTASGVHQLVDIYEKYQDLYTVEPNNARQL
VEIAARDIEKLLSNRSKALVRLALEAEKVQAAHQWREDFASNEVVYYNAKDDLDPEKNDSEPGSQRIKPVFIDDANFRRQ
VSYQHAAVHIPTDIYEGSTIVLNELNWTSALDDVFKKNREEDPSLLWQVFGSATGLARYYPASPWVDNSRTPNKIDLYDV
RRRPWYIQGAASPKDMLILVDVSGSVSGLTLKLIRTSVSEMLETLSDDDFVNVASFNSNAQDVSCFQHLVQANVRNKKVL
KDAVNNITAKGITDYKKGFSFAFEQLLNYNVSRANCNKIIMLFTDGGEERAQEIFAKYNKDKKVRVFTFSVGQHNYDRGP
IQWMACENKGYYYEIPSIGAIRINTQEYLDVLGRPMVLAGDKAKQVQWTNVYLDALELGLVITGTLPVFNITGQFENKTN
LKNQLILGVMGVDVSLEDIKRLTPRFTLCPNGYYFAIDPNGYVLLHPNLQPKPIGVGIPTINLRKRRPNVQNPKSQEPVT
LDFLDAELENDIKVEIRNKMIDGESGEKTFRTLVKSQDERYIDKGNRTYTWTPVNGTDYSLALVLPTYSFYYIKAKIEET
ITQARYSETLKPDNFEESGYTFLAPRDYCSDLKPSDNNTEFLLNFNEFIDRKTPNNPSCNTDLINRVLLDAGFTNELVQN
YWSKQKNIKGVKARFVVTDGGITRVYPKEAGENWQENPETYEDSFYKRSLDNDNYVFTAPYFNKSGPGAYESGIMVSKAV
EIYIQGKLLKPAVVGIKIDVNSWIENFTKTSIRDPCAGPVCDCKRNSDVMDCVILDDGGFLLMANHDDYTNQIGRFFGEI
DPSLMRHLVNISVYAFNKSYDYQSVCEPGAAPKQGAGHRSAYVPSIADILQIGWWATAAAWSILQQFLLSLTFPRLLEAA
DMEDDDFTASMSKQSCITEQTQYFFDNDSKSFSGVLDCGNCSRIFHVEKLMNTNLIFIMVESKGTCPCDTRLLIQAEQTS
DGPDPCDMVKQPRYRKGPDVCFDNNVLEDYTDCGGVSGLNPSLWSIIGIQFVLLWLVSGSRHCLL
;
F
#
# COMPACT_ATOMS: atom_id res chain seq x y z
N ALA A 43 8.93 -68.03 5.09
CA ALA A 43 9.46 -67.59 3.80
C ALA A 43 8.58 -68.12 2.66
N CYS A 44 7.34 -68.44 2.99
CA CYS A 44 6.38 -68.93 2.00
C CYS A 44 6.04 -67.90 0.95
N ILE A 45 6.37 -66.62 1.18
CA ILE A 45 6.07 -65.53 0.25
C ILE A 45 7.20 -65.24 -0.71
N SER A 46 8.37 -65.83 -0.51
CA SER A 46 9.47 -65.72 -1.46
C SER A 46 9.02 -66.09 -2.86
N ILE A 47 7.98 -66.93 -2.96
CA ILE A 47 7.40 -67.28 -4.26
C ILE A 47 6.95 -66.03 -5.00
N VAL A 48 6.44 -65.03 -4.26
CA VAL A 48 5.83 -63.87 -4.91
C VAL A 48 6.90 -62.92 -5.42
N GLU A 49 7.75 -62.42 -4.52
CA GLU A 49 8.67 -61.34 -4.84
C GLU A 49 9.47 -61.57 -6.11
N TRP A 50 9.61 -62.83 -6.55
CA TRP A 50 10.34 -63.11 -7.77
C TRP A 50 9.50 -62.89 -9.02
N LYS A 51 8.18 -62.92 -8.90
CA LYS A 51 7.19 -62.64 -9.95
C LYS A 51 7.41 -61.22 -10.47
N PRO A 52 6.76 -60.80 -11.59
CA PRO A 52 6.62 -59.38 -11.91
C PRO A 52 5.76 -58.62 -10.90
N PHE A 53 6.15 -58.69 -9.63
CA PHE A 53 5.55 -57.96 -8.53
C PHE A 53 6.26 -56.64 -8.26
N GLU A 54 7.03 -56.15 -9.23
CA GLU A 54 7.68 -54.87 -9.10
C GLU A 54 7.08 -53.82 -10.01
N THR A 55 6.53 -54.22 -11.14
CA THR A 55 5.77 -53.34 -12.02
C THR A 55 4.34 -53.15 -11.55
N ILE A 56 3.85 -54.03 -10.69
CA ILE A 56 2.60 -53.76 -10.00
C ILE A 56 2.87 -52.66 -8.98
N ILE A 57 4.02 -52.71 -8.33
CA ILE A 57 4.27 -51.75 -7.26
C ILE A 57 4.67 -50.38 -7.76
N LEU A 58 5.50 -50.28 -8.80
CA LEU A 58 5.81 -48.94 -9.29
C LEU A 58 4.73 -48.37 -10.18
N LEU A 59 3.63 -49.10 -10.39
CA LEU A 59 2.49 -48.51 -11.09
C LEU A 59 1.40 -48.08 -10.13
N THR A 60 1.39 -48.60 -8.89
CA THR A 60 0.62 -47.98 -7.83
C THR A 60 1.41 -46.97 -7.04
N ILE A 61 2.72 -46.87 -7.27
CA ILE A 61 3.46 -45.72 -6.77
C ILE A 61 3.19 -44.51 -7.65
N PHE A 62 2.99 -44.73 -8.95
CA PHE A 62 2.54 -43.67 -9.83
C PHE A 62 1.10 -43.27 -9.59
N ALA A 63 0.30 -44.16 -9.00
CA ALA A 63 -1.08 -43.79 -8.69
C ALA A 63 -1.15 -42.91 -7.46
N ASN A 64 -0.24 -43.10 -6.50
CA ASN A 64 -0.17 -42.21 -5.36
C ASN A 64 0.52 -40.90 -5.67
N CYS A 65 1.14 -40.77 -6.84
CA CYS A 65 1.64 -39.48 -7.29
C CYS A 65 0.56 -38.64 -7.93
N VAL A 66 -0.52 -39.26 -8.44
CA VAL A 66 -1.66 -38.51 -8.95
C VAL A 66 -2.67 -38.19 -7.87
N ALA A 67 -2.84 -39.04 -6.86
CA ALA A 67 -3.67 -38.70 -5.73
C ALA A 67 -3.08 -37.60 -4.87
N LEU A 68 -1.87 -37.15 -5.18
CA LEU A 68 -1.26 -36.00 -4.55
C LEU A 68 -1.35 -34.76 -5.40
N ALA A 69 -1.37 -34.92 -6.73
CA ALA A 69 -1.40 -33.79 -7.64
C ALA A 69 -2.79 -33.22 -7.79
N VAL A 70 -3.81 -34.07 -7.80
CA VAL A 70 -5.18 -33.58 -7.97
C VAL A 70 -5.78 -33.06 -6.68
N TYR A 71 -5.08 -33.22 -5.57
CA TYR A 71 -5.52 -32.66 -4.31
C TYR A 71 -5.43 -31.14 -4.37
N LEU A 72 -6.51 -30.47 -3.98
CA LEU A 72 -6.58 -29.01 -4.02
C LEU A 72 -6.42 -28.49 -2.61
N PRO A 73 -5.39 -27.70 -2.32
CA PRO A 73 -5.23 -27.17 -0.96
C PRO A 73 -6.06 -25.91 -0.76
N MET A 74 -6.87 -25.91 0.28
CA MET A 74 -7.79 -24.83 0.57
C MET A 74 -7.51 -24.26 1.95
N PRO A 75 -7.86 -23.01 2.18
CA PRO A 75 -7.50 -22.34 3.43
C PRO A 75 -8.41 -22.72 4.58
N GLU A 76 -7.92 -22.44 5.78
CA GLU A 76 -8.71 -22.37 7.01
C GLU A 76 -9.74 -23.48 7.11
N ASP A 77 -9.28 -24.69 6.83
CA ASP A 77 -10.00 -25.91 7.15
C ASP A 77 -11.24 -26.13 6.28
N ASP A 78 -11.11 -25.88 4.99
CA ASP A 78 -12.19 -26.15 4.07
C ASP A 78 -11.84 -27.33 3.18
N ASN A 79 -12.85 -27.92 2.54
CA ASN A 79 -12.65 -29.06 1.67
C ASN A 79 -13.64 -29.02 0.52
N ASN A 80 -13.48 -29.96 -0.40
CA ASN A 80 -14.47 -30.29 -1.40
C ASN A 80 -14.73 -31.79 -1.38
N SER A 81 -15.51 -32.26 -2.34
CA SER A 81 -15.83 -33.68 -2.40
C SER A 81 -14.66 -34.49 -2.92
N LEU A 82 -13.93 -33.96 -3.90
CA LEU A 82 -12.78 -34.67 -4.43
C LEU A 82 -11.67 -34.75 -3.40
N ASN A 83 -11.53 -33.74 -2.55
CA ASN A 83 -10.51 -33.80 -1.52
C ASN A 83 -10.83 -34.87 -0.50
N LEU A 84 -12.11 -35.06 -0.19
CA LEU A 84 -12.53 -36.06 0.77
C LEU A 84 -12.58 -37.45 0.19
N GLY A 85 -12.72 -37.57 -1.13
CA GLY A 85 -12.57 -38.87 -1.75
C GLY A 85 -11.16 -39.40 -1.67
N LEU A 86 -10.17 -38.56 -1.95
CA LEU A 86 -8.77 -38.95 -1.93
C LEU A 86 -8.23 -39.15 -0.53
N GLU A 87 -8.98 -38.80 0.51
CA GLU A 87 -8.60 -39.24 1.84
C GLU A 87 -9.14 -40.62 2.17
N LYS A 88 -9.88 -41.22 1.24
CA LYS A 88 -10.18 -42.64 1.30
C LYS A 88 -9.19 -43.46 0.51
N LEU A 89 -8.70 -42.95 -0.61
CA LEU A 89 -7.68 -43.63 -1.38
C LEU A 89 -6.37 -43.77 -0.63
N GLU A 90 -6.11 -42.90 0.33
CA GLU A 90 -4.92 -43.01 1.15
C GLU A 90 -4.90 -44.31 1.94
N TYR A 91 -6.04 -44.76 2.44
CA TYR A 91 -6.08 -46.03 3.15
C TYR A 91 -5.78 -47.20 2.23
N PHE A 92 -6.30 -47.15 1.00
CA PHE A 92 -5.96 -48.19 0.04
C PHE A 92 -4.46 -48.22 -0.24
N PHE A 93 -3.87 -47.10 -0.65
CA PHE A 93 -2.44 -47.06 -0.89
C PHE A 93 -1.63 -47.41 0.33
N LEU A 94 -2.12 -47.13 1.52
CA LEU A 94 -1.43 -47.43 2.75
C LEU A 94 -1.51 -48.90 3.12
N THR A 95 -2.55 -49.61 2.68
CA THR A 95 -2.60 -51.05 2.87
C THR A 95 -2.05 -51.85 1.71
N VAL A 96 -1.69 -51.19 0.60
CA VAL A 96 -0.95 -51.89 -0.45
C VAL A 96 0.56 -51.79 -0.25
N PHE A 97 1.07 -50.70 0.30
CA PHE A 97 2.49 -50.55 0.53
C PHE A 97 2.93 -51.05 1.89
N SER A 98 2.05 -51.73 2.63
CA SER A 98 2.42 -52.40 3.86
C SER A 98 2.39 -53.92 3.74
N ILE A 99 1.35 -54.48 3.10
CA ILE A 99 1.38 -55.90 2.77
C ILE A 99 2.29 -56.18 1.60
N GLU A 100 3.01 -55.18 1.11
CA GLU A 100 4.11 -55.36 0.18
C GLU A 100 5.45 -55.45 0.90
N ALA A 101 5.60 -54.71 2.00
CA ALA A 101 6.79 -54.81 2.84
C ALA A 101 6.69 -55.95 3.85
N ALA A 102 5.59 -56.03 4.60
CA ALA A 102 5.41 -57.10 5.57
C ALA A 102 5.32 -58.46 4.91
N MET A 103 5.21 -58.50 3.59
CA MET A 103 5.33 -59.70 2.78
C MET A 103 6.72 -59.84 2.18
N LYS A 104 7.60 -58.87 2.47
CA LYS A 104 8.98 -58.92 2.06
C LYS A 104 9.96 -58.91 3.22
N ILE A 105 9.63 -58.22 4.32
CA ILE A 105 10.42 -58.28 5.55
C ILE A 105 10.18 -59.59 6.29
N ILE A 106 9.19 -60.38 5.88
CA ILE A 106 9.07 -61.75 6.34
C ILE A 106 9.80 -62.73 5.45
N ALA A 107 10.01 -62.41 4.17
CA ALA A 107 10.68 -63.36 3.29
C ALA A 107 12.20 -63.24 3.36
N TYR A 108 12.75 -62.10 2.91
CA TYR A 108 14.20 -61.99 2.86
C TYR A 108 14.74 -61.55 4.21
N GLY A 109 14.38 -60.35 4.63
CA GLY A 109 14.77 -59.88 5.94
C GLY A 109 14.08 -60.66 7.03
N PHE A 110 14.60 -60.51 8.24
CA PHE A 110 14.10 -61.26 9.37
C PHE A 110 14.50 -60.55 10.65
N LEU A 111 14.44 -61.26 11.79
CA LEU A 111 14.88 -60.67 13.05
C LEU A 111 16.27 -60.05 12.92
N PHE A 112 17.29 -60.86 12.62
CA PHE A 112 18.50 -60.31 12.03
C PHE A 112 18.83 -60.99 10.70
N HIS A 113 19.18 -62.26 10.79
CA HIS A 113 19.40 -63.21 9.70
C HIS A 113 20.54 -62.82 8.77
N GLN A 114 20.74 -61.52 8.57
CA GLN A 114 21.94 -60.98 7.97
C GLN A 114 22.14 -59.53 8.37
N ASP A 115 21.09 -58.84 8.81
CA ASP A 115 20.92 -57.39 8.68
C ASP A 115 21.50 -56.90 7.36
N ALA A 116 21.15 -57.58 6.27
CA ALA A 116 21.60 -57.20 4.93
C ALA A 116 20.48 -56.88 3.96
N TYR A 117 19.31 -57.51 4.07
CA TYR A 117 18.17 -57.07 3.28
C TYR A 117 17.97 -55.55 3.40
N LEU A 118 18.04 -55.05 4.64
CA LEU A 118 18.01 -53.61 4.85
C LEU A 118 19.24 -52.94 4.26
N ARG A 119 20.35 -53.67 4.19
CA ARG A 119 21.59 -53.13 3.65
C ARG A 119 21.46 -52.96 2.14
N SER A 120 20.50 -52.15 1.72
CA SER A 120 20.29 -51.86 0.30
C SER A 120 20.29 -50.35 0.10
N GLY A 121 20.10 -49.61 1.19
CA GLY A 121 19.90 -48.19 1.11
C GLY A 121 18.51 -47.78 0.68
N TRP A 122 17.76 -48.68 0.07
CA TRP A 122 16.45 -48.35 -0.48
C TRP A 122 15.33 -49.01 0.31
N ASN A 123 15.48 -50.28 0.66
CA ASN A 123 14.51 -50.89 1.55
C ASN A 123 14.48 -50.24 2.92
N VAL A 124 15.50 -49.42 3.23
CA VAL A 124 15.43 -48.61 4.44
C VAL A 124 14.60 -47.36 4.20
N LEU A 125 14.52 -46.88 2.95
CA LEU A 125 13.69 -45.75 2.60
C LEU A 125 12.21 -46.10 2.56
N ASP A 126 11.86 -47.21 1.92
CA ASP A 126 10.45 -47.56 1.77
C ASP A 126 9.82 -47.89 3.11
N PHE A 127 10.57 -48.48 4.04
CA PHE A 127 9.97 -48.75 5.34
C PHE A 127 9.69 -47.48 6.11
N ILE A 128 10.53 -46.46 5.97
CA ILE A 128 10.21 -45.16 6.55
C ILE A 128 8.97 -44.55 5.87
N ILE A 129 8.96 -44.56 4.54
CA ILE A 129 7.84 -44.00 3.78
C ILE A 129 6.53 -44.70 4.06
N VAL A 130 6.56 -45.99 4.41
CA VAL A 130 5.33 -46.71 4.73
C VAL A 130 5.05 -46.80 6.22
N PHE A 131 6.01 -46.44 7.06
CA PHE A 131 5.71 -46.36 8.49
C PHE A 131 5.05 -45.02 8.82
N LEU A 132 5.57 -43.93 8.24
CA LEU A 132 4.94 -42.64 8.46
C LEU A 132 3.50 -42.66 7.99
N GLY A 133 3.21 -43.43 6.93
CA GLY A 133 1.87 -43.53 6.41
C GLY A 133 0.88 -44.17 7.35
N VAL A 134 1.30 -45.11 8.18
CA VAL A 134 0.39 -45.72 9.15
C VAL A 134 0.31 -44.85 10.37
N PHE A 135 1.45 -44.34 10.82
CA PHE A 135 1.41 -43.49 12.01
C PHE A 135 0.51 -42.28 11.80
N THR A 136 0.66 -41.57 10.69
CA THR A 136 -0.16 -40.40 10.44
C THR A 136 -1.59 -40.75 10.03
N ALA A 137 -1.83 -41.97 9.54
CA ALA A 137 -3.18 -42.39 9.23
C ALA A 137 -3.96 -42.83 10.46
N ILE A 138 -3.30 -43.24 11.52
CA ILE A 138 -3.98 -43.60 12.75
C ILE A 138 -4.04 -42.43 13.72
N LEU A 139 -3.04 -41.55 13.71
CA LEU A 139 -2.97 -40.49 14.72
C LEU A 139 -4.18 -39.56 14.62
N GLU A 140 -4.72 -39.36 13.43
CA GLU A 140 -5.81 -38.41 13.28
C GLU A 140 -7.14 -39.04 13.69
N GLN A 141 -7.32 -40.33 13.40
CA GLN A 141 -8.52 -41.01 13.86
C GLN A 141 -8.52 -41.23 15.36
N VAL A 142 -7.35 -41.45 15.97
CA VAL A 142 -7.30 -41.52 17.42
C VAL A 142 -7.42 -40.15 18.07
N ASN A 143 -6.85 -39.11 17.46
CA ASN A 143 -7.08 -37.76 17.95
C ASN A 143 -8.49 -37.26 17.68
N VAL A 144 -9.33 -38.08 17.05
CA VAL A 144 -10.73 -37.73 16.79
C VAL A 144 -11.63 -38.87 17.26
N VAL A 161 -0.58 -31.76 13.28
CA VAL A 161 -0.71 -32.96 12.45
C VAL A 161 -0.57 -32.64 10.97
N LYS A 162 -1.15 -31.52 10.54
CA LYS A 162 -1.02 -31.12 9.14
C LYS A 162 0.42 -30.84 8.78
N ALA A 163 1.25 -30.56 9.78
CA ALA A 163 2.68 -30.57 9.57
C ALA A 163 3.16 -31.95 9.17
N LEU A 164 2.61 -32.99 9.78
CA LEU A 164 3.06 -34.36 9.54
C LEU A 164 2.47 -34.95 8.26
N ARG A 165 1.48 -34.30 7.67
CA ARG A 165 0.94 -34.67 6.37
C ARG A 165 1.89 -34.31 5.24
N ALA A 166 2.88 -33.47 5.50
CA ALA A 166 3.84 -33.08 4.48
C ALA A 166 4.92 -34.11 4.27
N PHE A 167 4.74 -35.32 4.78
CA PHE A 167 5.62 -36.44 4.49
C PHE A 167 5.07 -37.28 3.35
N ARG A 168 3.83 -37.05 2.96
CA ARG A 168 3.23 -37.75 1.85
C ARG A 168 3.89 -37.41 0.52
N VAL A 169 4.75 -36.39 0.50
CA VAL A 169 5.35 -35.91 -0.73
C VAL A 169 6.66 -36.64 -0.95
N LEU A 170 7.03 -37.50 0.00
CA LEU A 170 8.26 -38.29 -0.09
C LEU A 170 8.05 -39.61 -0.80
N ARG A 171 6.80 -39.99 -1.03
CA ARG A 171 6.47 -41.25 -1.68
C ARG A 171 6.97 -41.34 -3.12
N PRO A 172 7.04 -40.23 -3.89
CA PRO A 172 7.66 -40.33 -5.22
C PRO A 172 9.09 -40.82 -5.21
N LEU A 173 9.76 -40.89 -4.07
CA LEU A 173 11.12 -41.43 -4.00
C LEU A 173 11.15 -42.94 -4.21
N ARG A 174 10.06 -43.65 -3.92
CA ARG A 174 10.03 -45.06 -4.22
C ARG A 174 10.08 -45.31 -5.71
N LEU A 175 9.71 -44.30 -6.50
CA LEU A 175 9.88 -44.44 -7.95
C LEU A 175 11.33 -44.70 -8.31
N VAL A 176 12.25 -43.95 -7.70
CA VAL A 176 13.66 -44.23 -7.95
C VAL A 176 14.10 -45.49 -7.24
N SER A 177 13.67 -45.71 -5.99
CA SER A 177 14.04 -46.95 -5.32
C SER A 177 13.44 -48.18 -5.99
N GLY A 178 12.70 -48.00 -7.08
CA GLY A 178 12.09 -49.12 -7.79
C GLY A 178 12.53 -49.23 -9.23
N VAL A 179 13.08 -48.17 -9.79
CA VAL A 179 13.71 -48.20 -11.11
C VAL A 179 15.22 -48.33 -10.90
N PRO A 180 15.90 -49.24 -11.58
CA PRO A 180 17.33 -49.43 -11.29
C PRO A 180 18.22 -48.34 -11.86
N SER A 181 17.89 -47.77 -13.02
CA SER A 181 18.74 -46.77 -13.65
C SER A 181 18.82 -45.50 -12.80
N LEU A 182 17.68 -45.05 -12.28
CA LEU A 182 17.71 -43.90 -11.39
C LEU A 182 18.65 -44.12 -10.22
N GLN A 183 18.79 -45.37 -9.76
CA GLN A 183 19.67 -45.63 -8.64
C GLN A 183 21.11 -45.31 -8.99
N VAL A 184 21.54 -45.64 -10.21
CA VAL A 184 22.93 -45.39 -10.56
C VAL A 184 23.14 -43.90 -10.81
N VAL A 185 22.13 -43.24 -11.39
CA VAL A 185 22.27 -41.81 -11.65
C VAL A 185 22.35 -41.02 -10.36
N LEU A 186 21.51 -41.36 -9.38
CA LEU A 186 21.54 -40.68 -8.09
C LEU A 186 22.87 -40.89 -7.38
N ASN A 187 23.38 -42.12 -7.39
CA ASN A 187 24.65 -42.39 -6.73
C ASN A 187 25.79 -41.64 -7.42
N SER A 188 25.79 -41.63 -8.75
CA SER A 188 26.81 -40.89 -9.46
C SER A 188 26.75 -39.41 -9.11
N ILE A 189 25.55 -38.84 -9.08
CA ILE A 189 25.39 -37.42 -8.76
C ILE A 189 25.94 -37.12 -7.38
N PHE A 190 25.70 -38.01 -6.42
CA PHE A 190 26.23 -37.76 -5.08
C PHE A 190 27.73 -37.94 -4.98
N LYS A 191 28.33 -38.95 -5.63
CA LYS A 191 29.78 -39.09 -5.55
C LYS A 191 30.52 -38.03 -6.34
N ALA A 192 29.82 -37.11 -6.97
CA ALA A 192 30.43 -35.91 -7.53
C ALA A 192 30.34 -34.73 -6.59
N MET A 193 29.87 -34.94 -5.37
CA MET A 193 29.69 -33.87 -4.39
C MET A 193 30.79 -33.81 -3.36
N LEU A 194 31.58 -34.84 -3.23
CA LEU A 194 32.66 -34.82 -2.26
C LEU A 194 33.85 -33.96 -2.69
N PRO A 195 34.17 -33.84 -3.99
CA PRO A 195 35.18 -32.84 -4.37
C PRO A 195 34.78 -31.43 -4.02
N LEU A 196 33.50 -31.16 -3.82
CA LEU A 196 33.00 -29.85 -3.46
C LEU A 196 33.01 -29.60 -1.97
N PHE A 197 33.79 -30.37 -1.21
CA PHE A 197 33.86 -30.15 0.22
C PHE A 197 34.67 -28.92 0.57
N HIS A 198 35.53 -28.45 -0.31
CA HIS A 198 36.34 -27.28 -0.03
C HIS A 198 35.72 -26.00 -0.54
N ILE A 199 34.92 -26.06 -1.61
CA ILE A 199 34.19 -24.87 -2.02
C ILE A 199 33.05 -24.60 -1.06
N ALA A 200 32.41 -25.64 -0.53
CA ALA A 200 31.37 -25.41 0.45
C ALA A 200 31.93 -24.79 1.72
N LEU A 201 33.03 -25.34 2.23
CA LEU A 201 33.69 -24.81 3.40
C LEU A 201 34.20 -23.40 3.18
N LEU A 202 34.27 -22.94 1.94
CA LEU A 202 34.72 -21.59 1.66
C LEU A 202 33.54 -20.63 1.51
N VAL A 203 32.52 -21.01 0.75
CA VAL A 203 31.31 -20.21 0.69
C VAL A 203 30.72 -20.03 2.06
N LEU A 204 30.77 -21.06 2.89
CA LEU A 204 30.21 -20.91 4.22
C LEU A 204 30.95 -19.87 5.04
N PHE A 205 32.28 -19.97 5.09
CA PHE A 205 33.05 -19.03 5.90
C PHE A 205 33.15 -17.66 5.28
N MET A 206 32.77 -17.49 4.03
CA MET A 206 32.67 -16.16 3.44
C MET A 206 31.32 -15.51 3.70
N VAL A 207 30.23 -16.28 3.62
CA VAL A 207 28.94 -15.77 4.05
C VAL A 207 28.97 -15.39 5.52
N ILE A 208 29.67 -16.17 6.35
CA ILE A 208 29.74 -15.81 7.77
C ILE A 208 30.49 -14.51 7.97
N ILE A 209 31.60 -14.31 7.28
CA ILE A 209 32.36 -13.08 7.42
C ILE A 209 31.55 -11.88 6.96
N TYR A 210 30.84 -12.01 5.85
CA TYR A 210 30.07 -10.87 5.38
C TYR A 210 28.86 -10.59 6.24
N ALA A 211 28.28 -11.62 6.83
CA ALA A 211 27.21 -11.42 7.78
C ALA A 211 27.70 -10.68 9.02
N ILE A 212 28.87 -11.05 9.52
CA ILE A 212 29.41 -10.37 10.70
C ILE A 212 29.85 -8.96 10.37
N ILE A 213 30.35 -8.69 9.18
CA ILE A 213 30.69 -7.32 8.80
C ILE A 213 29.45 -6.46 8.63
N GLY A 214 28.42 -6.95 7.98
CA GLY A 214 27.23 -6.15 7.84
C GLY A 214 26.43 -6.03 9.08
N LEU A 215 26.67 -6.91 10.05
CA LEU A 215 26.07 -6.83 11.36
C LEU A 215 26.73 -5.75 12.19
N GLU A 216 27.85 -5.23 11.72
CA GLU A 216 28.57 -4.26 12.51
C GLU A 216 28.43 -2.87 11.92
N LEU A 217 28.38 -2.78 10.59
CA LEU A 217 28.27 -1.49 9.95
C LEU A 217 26.83 -1.06 9.69
N PHE A 218 25.88 -1.98 9.69
CA PHE A 218 24.53 -1.66 9.30
C PHE A 218 23.49 -2.02 10.34
N LYS A 219 23.90 -2.51 11.50
CA LYS A 219 22.96 -2.92 12.54
C LYS A 219 22.12 -1.76 13.05
N GLY A 220 20.83 -1.78 12.74
CA GLY A 220 19.91 -0.83 13.33
C GLY A 220 19.79 0.52 12.66
N LYS A 221 20.20 0.63 11.41
CA LYS A 221 20.19 1.90 10.71
C LYS A 221 19.01 2.05 9.76
N MET A 222 18.20 1.03 9.57
CA MET A 222 17.14 1.12 8.58
C MET A 222 15.76 1.04 9.21
N HIS A 223 15.56 1.76 10.32
CA HIS A 223 14.29 1.78 11.03
C HIS A 223 13.57 3.11 10.95
N LYS A 224 14.14 4.09 10.27
CA LYS A 224 13.50 5.38 10.05
C LYS A 224 12.91 5.40 8.65
N THR A 225 11.74 6.00 8.50
CA THR A 225 11.17 6.23 7.18
C THR A 225 10.25 7.43 7.29
N CYS A 226 9.76 7.93 6.15
CA CYS A 226 8.82 9.03 6.22
C CYS A 226 7.38 8.61 6.16
N TYR A 227 6.66 9.12 7.13
CA TYR A 227 5.23 8.96 7.24
C TYR A 227 4.62 10.31 6.94
N TYR A 228 3.31 10.35 6.76
CA TYR A 228 2.63 11.63 6.74
C TYR A 228 2.55 12.18 8.16
N ILE A 229 2.74 13.48 8.30
CA ILE A 229 2.91 14.10 9.62
C ILE A 229 1.70 13.83 10.49
N GLY A 230 1.92 13.15 11.61
CA GLY A 230 0.86 12.85 12.54
C GLY A 230 0.06 11.60 12.23
N THR A 231 0.55 10.72 11.37
CA THR A 231 -0.14 9.50 11.01
C THR A 231 0.84 8.35 11.09
N ASP A 232 0.34 7.15 10.83
CA ASP A 232 1.16 5.95 10.75
C ASP A 232 1.12 5.39 9.33
N ILE A 233 0.82 6.25 8.37
CA ILE A 233 0.78 5.89 6.96
C ILE A 233 2.13 6.22 6.34
N VAL A 234 2.77 5.24 5.72
CA VAL A 234 4.08 5.43 5.13
C VAL A 234 3.93 6.11 3.78
N ALA A 235 4.73 7.15 3.55
CA ALA A 235 4.51 8.07 2.44
C ALA A 235 5.42 7.73 1.27
N THR A 236 4.86 7.09 0.25
CA THR A 236 5.61 6.67 -0.91
C THR A 236 5.02 7.30 -2.17
N VAL A 237 5.50 6.87 -3.31
CA VAL A 237 5.14 7.44 -4.61
C VAL A 237 4.57 6.30 -5.47
N GLU A 238 4.27 6.60 -6.73
CA GLU A 238 3.56 5.71 -7.63
C GLU A 238 4.08 4.27 -7.62
N ASN A 239 5.33 4.06 -8.03
CA ASN A 239 5.90 2.71 -8.03
C ASN A 239 7.14 2.62 -7.17
N GLU A 240 7.23 3.44 -6.13
CA GLU A 240 8.26 3.33 -5.13
C GLU A 240 7.89 2.22 -4.15
N LYS A 241 8.90 1.62 -3.56
CA LYS A 241 8.69 0.78 -2.41
C LYS A 241 9.34 1.42 -1.19
N PRO A 242 8.74 1.30 -0.03
CA PRO A 242 9.21 2.05 1.15
C PRO A 242 10.70 1.95 1.41
N SER A 243 11.39 3.07 1.41
CA SER A 243 12.83 3.08 1.62
C SER A 243 13.18 3.74 2.94
N PRO A 244 14.38 3.49 3.46
CA PRO A 244 14.78 4.18 4.68
C PRO A 244 14.93 5.67 4.45
N CYS A 245 15.12 6.38 5.55
CA CYS A 245 15.25 7.83 5.56
C CYS A 245 16.33 8.24 6.55
N ALA A 246 16.81 9.46 6.42
CA ALA A 246 17.76 9.94 7.42
C ALA A 246 17.58 11.44 7.54
N ARG A 247 16.77 11.84 8.52
CA ARG A 247 16.74 13.22 8.94
C ARG A 247 18.00 13.54 9.71
N THR A 248 18.62 14.68 9.41
CA THR A 248 19.89 15.08 10.00
C THR A 248 20.96 14.02 9.72
N GLY A 249 21.31 13.92 8.45
CA GLY A 249 22.43 13.09 8.09
C GLY A 249 22.73 13.16 6.62
N SER A 250 23.49 12.17 6.15
CA SER A 250 23.83 12.04 4.75
C SER A 250 22.89 11.12 3.99
N GLY A 251 22.01 10.40 4.69
CA GLY A 251 21.01 9.62 4.00
C GLY A 251 20.10 10.48 3.16
N ARG A 252 19.14 9.85 2.52
CA ARG A 252 18.23 10.62 1.70
C ARG A 252 17.25 11.37 2.59
N PRO A 253 16.96 12.63 2.30
CA PRO A 253 15.90 13.34 2.99
C PRO A 253 14.57 13.14 2.29
N CYS A 254 13.52 13.07 3.09
CA CYS A 254 12.21 12.79 2.52
C CYS A 254 11.65 14.00 1.81
N THR A 255 11.18 13.76 0.58
CA THR A 255 10.75 14.80 -0.34
C THR A 255 9.23 14.92 -0.43
N ILE A 256 8.50 13.85 -0.12
CA ILE A 256 7.04 13.90 -0.15
C ILE A 256 6.57 15.06 0.72
N ASN A 257 5.53 15.74 0.26
CA ASN A 257 5.22 17.06 0.81
C ASN A 257 4.84 17.05 2.27
N GLY A 258 3.72 16.42 2.62
CA GLY A 258 3.31 16.44 4.00
C GLY A 258 3.85 15.29 4.82
N SER A 259 5.17 15.18 4.92
CA SER A 259 5.78 13.95 5.42
C SER A 259 7.00 14.25 6.25
N GLU A 260 7.17 13.47 7.31
CA GLU A 260 8.28 13.59 8.24
C GLU A 260 8.96 12.25 8.42
N CYS A 261 10.17 12.28 8.96
CA CYS A 261 11.03 11.12 9.06
C CYS A 261 11.03 10.61 10.50
N ARG A 262 10.30 9.53 10.75
CA ARG A 262 10.16 8.98 12.10
C ARG A 262 10.77 7.59 12.18
N GLY A 263 11.04 7.16 13.40
CA GLY A 263 11.58 5.84 13.65
C GLY A 263 10.50 4.84 13.99
N GLY A 264 10.93 3.67 14.40
CA GLY A 264 10.01 2.64 14.81
C GLY A 264 9.29 1.94 13.69
N TRP A 265 9.89 1.86 12.53
CA TRP A 265 9.56 1.17 11.28
C TRP A 265 10.22 -0.20 11.29
N PRO A 266 9.50 -1.26 10.93
CA PRO A 266 10.12 -2.59 10.99
C PRO A 266 11.27 -2.78 10.01
N GLY A 267 11.24 -2.12 8.85
CA GLY A 267 12.28 -2.29 7.88
C GLY A 267 11.75 -2.51 6.49
N PRO A 268 12.65 -2.67 5.53
CA PRO A 268 12.27 -2.59 4.11
C PRO A 268 11.31 -3.64 3.55
N ASN A 269 11.58 -4.94 3.65
CA ASN A 269 10.71 -5.92 3.01
C ASN A 269 9.75 -6.51 4.03
N HIS A 270 8.88 -5.65 4.57
CA HIS A 270 8.03 -5.97 5.71
C HIS A 270 8.83 -6.36 6.93
N GLY A 271 10.05 -5.88 7.04
CA GLY A 271 10.88 -6.22 8.17
C GLY A 271 11.71 -7.46 8.00
N ILE A 272 11.94 -7.90 6.76
CA ILE A 272 12.67 -9.13 6.53
C ILE A 272 14.10 -8.83 6.12
N THR A 273 14.31 -7.77 5.36
CA THR A 273 15.64 -7.41 4.87
C THR A 273 16.22 -6.35 5.79
N HIS A 274 17.26 -6.72 6.54
CA HIS A 274 17.98 -5.81 7.41
C HIS A 274 19.11 -6.59 8.04
N PHE A 275 19.95 -5.87 8.77
CA PHE A 275 21.18 -6.44 9.31
C PHE A 275 21.25 -6.38 10.82
N ASP A 276 20.14 -6.48 11.54
CA ASP A 276 20.21 -6.16 12.94
C ASP A 276 20.12 -7.37 13.87
N ASN A 277 20.38 -8.57 13.37
CA ASN A 277 20.90 -9.65 14.19
C ASN A 277 21.56 -10.63 13.25
N PHE A 278 22.20 -11.66 13.79
CA PHE A 278 23.04 -12.51 12.96
C PHE A 278 22.23 -13.26 11.92
N GLY A 279 21.06 -13.74 12.29
CA GLY A 279 20.26 -14.53 11.37
C GLY A 279 19.75 -13.74 10.18
N PHE A 280 19.25 -12.53 10.43
CA PHE A 280 18.74 -11.71 9.36
C PHE A 280 19.86 -11.15 8.50
N SER A 281 20.98 -10.83 9.13
CA SER A 281 22.15 -10.43 8.36
C SER A 281 22.61 -11.54 7.43
N MET A 282 22.60 -12.78 7.91
CA MET A 282 23.00 -13.90 7.07
C MET A 282 21.98 -14.16 5.97
N LEU A 283 20.71 -13.94 6.23
CA LEU A 283 19.72 -14.15 5.20
C LEU A 283 19.86 -13.14 4.08
N THR A 284 20.10 -11.88 4.42
CA THR A 284 20.23 -10.88 3.38
C THR A 284 21.55 -11.00 2.63
N VAL A 285 22.59 -11.51 3.30
CA VAL A 285 23.85 -11.77 2.61
C VAL A 285 23.68 -12.91 1.62
N TYR A 286 23.00 -13.98 2.02
CA TYR A 286 22.75 -15.07 1.09
C TYR A 286 21.96 -14.61 -0.12
N GLN A 287 20.92 -13.81 0.10
CA GLN A 287 20.11 -13.37 -1.02
C GLN A 287 20.89 -12.45 -1.94
N CYS A 288 21.83 -11.68 -1.41
CA CYS A 288 22.68 -10.87 -2.28
C CYS A 288 23.66 -11.73 -3.04
N ILE A 289 24.17 -12.79 -2.42
CA ILE A 289 25.15 -13.63 -3.07
C ILE A 289 24.54 -14.44 -4.21
N THR A 290 23.23 -14.67 -4.18
CA THR A 290 22.56 -15.24 -5.35
C THR A 290 22.26 -14.20 -6.42
N MET A 291 22.66 -12.95 -6.22
CA MET A 291 22.55 -11.87 -7.21
C MET A 291 21.12 -11.51 -7.55
N GLU A 292 20.20 -11.73 -6.62
CA GLU A 292 18.79 -11.42 -6.83
C GLU A 292 18.39 -10.38 -5.80
N GLY A 293 18.10 -9.17 -6.25
CA GLY A 293 17.79 -8.11 -5.32
C GLY A 293 18.95 -7.58 -4.53
N TRP A 294 20.16 -7.66 -5.05
CA TRP A 294 21.32 -7.09 -4.38
C TRP A 294 21.34 -5.58 -4.50
N THR A 295 20.78 -5.02 -5.56
CA THR A 295 20.80 -3.59 -5.75
C THR A 295 19.78 -2.90 -4.87
N ASP A 296 18.68 -3.56 -4.55
CA ASP A 296 17.72 -2.98 -3.61
C ASP A 296 18.31 -2.86 -2.23
N VAL A 297 19.04 -3.87 -1.79
CA VAL A 297 19.72 -3.77 -0.50
C VAL A 297 20.79 -2.70 -0.55
N LEU A 298 21.53 -2.61 -1.64
CA LEU A 298 22.52 -1.54 -1.73
C LEU A 298 21.86 -0.18 -1.65
N TYR A 299 20.74 0.00 -2.36
CA TYR A 299 20.08 1.29 -2.39
C TYR A 299 19.47 1.65 -1.06
N TRP A 300 18.97 0.66 -0.32
CA TRP A 300 18.42 0.92 1.00
C TRP A 300 19.50 1.31 1.98
N VAL A 301 20.65 0.66 1.93
CA VAL A 301 21.76 1.09 2.77
C VAL A 301 22.21 2.49 2.41
N ASN A 302 22.21 2.83 1.12
CA ASN A 302 22.48 4.19 0.68
C ASN A 302 21.52 5.20 1.31
N ASP A 303 20.22 4.92 1.26
CA ASP A 303 19.25 5.82 1.85
C ASP A 303 19.37 5.91 3.35
N ALA A 304 19.81 4.84 4.00
CA ALA A 304 19.98 4.88 5.45
C ALA A 304 21.17 5.74 5.86
N ILE A 305 22.35 5.45 5.33
CA ILE A 305 23.57 6.04 5.87
C ILE A 305 24.34 6.90 4.90
N GLY A 306 24.00 6.91 3.62
CA GLY A 306 24.71 7.75 2.67
C GLY A 306 25.38 6.94 1.58
N ASN A 307 25.85 7.68 0.58
CA ASN A 307 26.02 7.20 -0.77
C ASN A 307 27.39 6.64 -1.07
N GLU A 308 28.43 7.03 -0.33
CA GLU A 308 29.79 6.89 -0.84
C GLU A 308 30.53 5.65 -0.35
N TRP A 309 30.32 5.21 0.85
CA TRP A 309 31.03 4.01 1.28
C TRP A 309 30.35 2.69 0.96
N PRO A 310 29.04 2.51 1.22
CA PRO A 310 28.48 1.15 1.21
C PRO A 310 28.60 0.37 -0.08
N TRP A 311 28.85 1.02 -1.22
CA TRP A 311 29.07 0.26 -2.43
C TRP A 311 30.27 -0.67 -2.32
N ILE A 312 31.26 -0.34 -1.49
CA ILE A 312 32.40 -1.23 -1.33
C ILE A 312 31.96 -2.55 -0.73
N TYR A 313 30.93 -2.54 0.10
CA TYR A 313 30.53 -3.78 0.73
C TYR A 313 29.83 -4.69 -0.26
N PHE A 314 28.97 -4.12 -1.09
CA PHE A 314 28.15 -4.92 -1.98
C PHE A 314 28.89 -5.27 -3.26
N VAL A 315 29.48 -4.28 -3.93
CA VAL A 315 30.16 -4.54 -5.18
C VAL A 315 31.25 -5.58 -5.01
N THR A 316 31.84 -5.66 -3.83
CA THR A 316 32.84 -6.69 -3.56
C THR A 316 32.21 -8.05 -3.34
N LEU A 317 31.12 -8.10 -2.59
CA LEU A 317 30.45 -9.37 -2.30
C LEU A 317 29.91 -10.03 -3.56
N ILE A 318 29.61 -9.24 -4.60
CA ILE A 318 29.24 -9.79 -5.90
C ILE A 318 30.45 -10.23 -6.71
N LEU A 319 31.59 -9.58 -6.54
CA LEU A 319 32.80 -10.02 -7.20
C LEU A 319 33.44 -11.23 -6.53
N LEU A 320 33.33 -11.34 -5.23
CA LEU A 320 33.99 -12.39 -4.44
C LEU A 320 33.07 -13.56 -4.15
N GLY A 321 31.79 -13.32 -3.96
CA GLY A 321 30.90 -14.41 -3.61
C GLY A 321 30.14 -14.96 -4.79
N SER A 322 29.78 -14.11 -5.73
CA SER A 322 28.99 -14.60 -6.85
C SER A 322 29.89 -15.11 -7.95
N PHE A 323 30.73 -14.24 -8.50
CA PHE A 323 31.50 -14.59 -9.68
C PHE A 323 32.66 -15.52 -9.34
N PHE A 324 33.45 -15.17 -8.33
CA PHE A 324 34.65 -15.94 -8.02
C PHE A 324 34.30 -17.36 -7.59
N ILE A 325 33.30 -17.50 -6.72
CA ILE A 325 32.96 -18.82 -6.21
C ILE A 325 32.32 -19.66 -7.29
N LEU A 326 31.53 -19.04 -8.16
CA LEU A 326 30.94 -19.75 -9.29
C LEU A 326 32.02 -20.27 -10.23
N ASN A 327 33.03 -19.46 -10.50
CA ASN A 327 34.19 -19.92 -11.26
C ASN A 327 34.76 -21.21 -10.67
N LEU A 328 35.00 -21.23 -9.36
CA LEU A 328 35.55 -22.40 -8.71
C LEU A 328 34.64 -23.61 -8.85
N VAL A 329 33.34 -23.42 -8.63
CA VAL A 329 32.41 -24.55 -8.67
C VAL A 329 32.40 -25.17 -10.06
N LEU A 330 32.23 -24.34 -11.08
CA LEU A 330 32.30 -24.83 -12.46
C LEU A 330 33.62 -25.53 -12.74
N GLY A 331 34.73 -24.99 -12.24
CA GLY A 331 36.01 -25.58 -12.49
C GLY A 331 36.09 -26.98 -11.93
N VAL A 332 35.74 -27.14 -10.67
CA VAL A 332 35.85 -28.44 -10.03
C VAL A 332 34.92 -29.45 -10.67
N LEU A 333 33.69 -29.04 -10.96
CA LEU A 333 32.74 -29.97 -11.58
C LEU A 333 33.22 -30.44 -12.94
N SER A 334 33.63 -29.53 -13.81
CA SER A 334 34.06 -29.96 -15.13
C SER A 334 35.33 -30.81 -15.02
N GLY A 335 36.20 -30.49 -14.07
CA GLY A 335 37.37 -31.32 -13.87
C GLY A 335 37.02 -32.74 -13.50
N GLU A 336 36.09 -32.91 -12.56
CA GLU A 336 35.65 -34.25 -12.19
C GLU A 336 34.96 -34.96 -13.36
N PHE A 337 34.17 -34.23 -14.14
CA PHE A 337 33.48 -34.86 -15.25
C PHE A 337 34.47 -35.40 -16.28
N THR A 338 35.49 -34.60 -16.65
CA THR A 338 36.48 -35.10 -17.58
C THR A 338 37.30 -36.23 -16.98
N LYS A 339 37.56 -36.18 -15.67
CA LYS A 339 38.22 -37.30 -15.02
C LYS A 339 37.46 -38.59 -15.26
N GLU A 340 36.17 -38.61 -14.91
CA GLU A 340 35.37 -39.81 -15.12
C GLU A 340 35.27 -40.18 -16.59
N ARG A 341 35.22 -39.18 -17.48
CA ARG A 341 35.09 -39.48 -18.90
C ARG A 341 36.32 -40.20 -19.43
N GLU A 342 37.51 -39.68 -19.14
CA GLU A 342 38.72 -40.32 -19.62
C GLU A 342 38.97 -41.63 -18.90
N LYS A 343 38.36 -41.80 -17.72
CA LYS A 343 38.44 -43.13 -17.10
C LYS A 343 37.54 -44.14 -17.80
N ALA A 344 36.35 -43.74 -18.22
CA ALA A 344 35.41 -44.70 -18.80
C ALA A 344 35.63 -44.89 -20.30
N LYS A 345 36.28 -43.93 -20.95
CA LYS A 345 36.67 -44.13 -22.35
C LYS A 345 37.74 -45.20 -22.47
N SER A 346 38.29 -45.65 -21.36
CA SER A 346 39.21 -46.77 -21.33
C SER A 346 38.54 -48.06 -20.87
N ARG A 347 37.21 -48.10 -20.86
CA ARG A 347 36.49 -49.25 -20.33
C ARG A 347 36.22 -50.30 -21.39
N VAL A 433 21.59 -25.76 -60.52
CA VAL A 433 20.48 -24.98 -61.05
C VAL A 433 19.21 -25.18 -60.22
N PHE A 434 18.68 -26.41 -60.24
CA PHE A 434 17.42 -26.70 -59.56
C PHE A 434 17.55 -26.57 -58.05
N TYR A 435 18.61 -27.13 -57.47
CA TYR A 435 18.83 -27.04 -56.03
C TYR A 435 18.86 -25.60 -55.55
N TRP A 436 19.49 -24.70 -56.31
CA TRP A 436 19.52 -23.29 -56.00
C TRP A 436 18.24 -22.57 -56.39
N LEU A 437 17.25 -23.28 -56.93
CA LEU A 437 15.93 -22.72 -57.19
C LEU A 437 14.91 -23.20 -56.18
N VAL A 438 15.29 -24.08 -55.26
CA VAL A 438 14.51 -24.34 -54.06
C VAL A 438 14.71 -23.27 -53.01
N ILE A 439 15.96 -22.85 -52.74
CA ILE A 439 16.19 -21.79 -51.76
C ILE A 439 15.58 -20.46 -52.17
N LEU A 440 15.23 -20.29 -53.44
CA LEU A 440 14.46 -19.12 -53.86
C LEU A 440 13.05 -19.13 -53.32
N ILE A 441 12.50 -20.31 -53.05
CA ILE A 441 11.10 -20.43 -52.65
C ILE A 441 10.94 -20.81 -51.19
N VAL A 442 11.98 -21.34 -50.54
CA VAL A 442 11.92 -21.54 -49.09
C VAL A 442 12.43 -20.32 -48.35
N ALA A 443 12.93 -19.32 -49.05
CA ALA A 443 13.20 -18.01 -48.46
C ALA A 443 12.06 -17.03 -48.70
N LEU A 444 11.53 -17.01 -49.91
CA LEU A 444 10.33 -16.22 -50.22
C LEU A 444 9.13 -16.70 -49.42
N ASN A 445 9.24 -17.83 -48.72
CA ASN A 445 8.21 -18.32 -47.82
C ASN A 445 8.41 -17.82 -46.40
N THR A 446 9.64 -17.85 -45.89
CA THR A 446 9.89 -17.31 -44.57
C THR A 446 9.56 -15.82 -44.54
N LEU A 447 9.96 -15.07 -45.55
CA LEU A 447 9.64 -13.66 -45.58
C LEU A 447 8.13 -13.44 -45.63
N SER A 448 7.40 -14.36 -46.26
CA SER A 448 5.95 -14.31 -46.21
C SER A 448 5.44 -14.39 -44.79
N ILE A 449 5.84 -15.44 -44.08
CA ILE A 449 5.29 -15.66 -42.74
C ILE A 449 5.90 -14.69 -41.74
N ALA A 450 6.95 -13.98 -42.13
CA ALA A 450 7.58 -13.03 -41.23
C ALA A 450 7.02 -11.63 -41.43
N SER A 451 6.43 -11.35 -42.59
CA SER A 451 5.83 -10.04 -42.78
C SER A 451 4.53 -9.88 -42.00
N GLU A 452 4.09 -10.91 -41.31
CA GLU A 452 2.79 -10.90 -40.66
C GLU A 452 2.82 -10.14 -39.35
N HIS A 453 1.96 -9.14 -39.21
CA HIS A 453 1.87 -8.39 -37.96
C HIS A 453 0.44 -8.05 -37.61
N HIS A 454 0.26 -7.15 -36.65
CA HIS A 454 -1.06 -6.76 -36.17
C HIS A 454 -1.52 -5.53 -36.93
N ASN A 455 -2.77 -5.56 -37.38
CA ASN A 455 -3.34 -4.49 -38.21
C ASN A 455 -2.57 -4.38 -39.53
N GLN A 456 -2.60 -5.37 -40.23
CA GLN A 456 -1.85 -5.26 -41.48
C GLN A 456 -2.76 -4.76 -42.59
N PRO A 457 -2.21 -4.13 -43.61
CA PRO A 457 -3.03 -3.71 -44.75
C PRO A 457 -3.59 -4.92 -45.48
N LEU A 458 -4.86 -4.83 -45.86
CA LEU A 458 -5.56 -5.97 -46.45
C LEU A 458 -4.85 -6.57 -47.64
N TRP A 459 -4.17 -5.75 -48.45
CA TRP A 459 -3.38 -6.33 -49.53
C TRP A 459 -2.33 -7.28 -49.00
N LEU A 460 -1.87 -7.08 -47.77
CA LEU A 460 -0.90 -8.02 -47.20
C LEU A 460 -1.53 -9.35 -46.87
N THR A 461 -2.73 -9.37 -46.28
CA THR A 461 -3.40 -10.65 -46.07
C THR A 461 -3.60 -11.38 -47.39
N HIS A 462 -4.04 -10.65 -48.42
CA HIS A 462 -4.23 -11.28 -49.72
C HIS A 462 -2.91 -11.83 -50.26
N LEU A 463 -1.86 -11.01 -50.26
CA LEU A 463 -0.59 -11.45 -50.81
C LEU A 463 -0.06 -12.65 -50.03
N GLN A 464 -0.33 -12.70 -48.74
CA GLN A 464 0.19 -13.80 -47.92
C GLN A 464 -0.50 -15.11 -48.22
N ASP A 465 -1.83 -15.13 -48.26
CA ASP A 465 -2.45 -16.43 -48.52
C ASP A 465 -2.26 -16.84 -49.98
N ILE A 466 -2.13 -15.87 -50.88
CA ILE A 466 -1.82 -16.20 -52.28
C ILE A 466 -0.44 -16.84 -52.38
N ALA A 467 0.55 -16.24 -51.71
CA ALA A 467 1.88 -16.82 -51.71
C ALA A 467 1.87 -18.20 -51.09
N ASN A 468 1.04 -18.40 -50.06
CA ASN A 468 0.98 -19.73 -49.45
C ASN A 468 0.45 -20.76 -50.42
N ARG A 469 -0.64 -20.46 -51.12
CA ARG A 469 -1.16 -21.41 -52.09
C ARG A 469 -0.15 -21.68 -53.20
N VAL A 470 0.43 -20.61 -53.76
CA VAL A 470 1.41 -20.75 -54.83
C VAL A 470 2.59 -21.60 -54.39
N LEU A 471 3.05 -21.41 -53.15
CA LEU A 471 4.23 -22.12 -52.70
C LEU A 471 3.91 -23.56 -52.33
N LEU A 472 2.74 -23.83 -51.78
CA LEU A 472 2.36 -25.21 -51.53
C LEU A 472 2.24 -25.98 -52.83
N SER A 473 1.72 -25.34 -53.88
CA SER A 473 1.66 -25.98 -55.19
C SER A 473 3.04 -26.46 -55.62
N LEU A 474 4.03 -25.56 -55.58
CA LEU A 474 5.38 -25.91 -56.00
C LEU A 474 5.99 -26.95 -55.09
N PHE A 475 5.78 -26.83 -53.78
CA PHE A 475 6.33 -27.81 -52.85
C PHE A 475 5.86 -29.21 -53.20
N THR A 476 4.55 -29.39 -53.34
CA THR A 476 4.01 -30.71 -53.69
C THR A 476 4.46 -31.15 -55.07
N ILE A 477 4.43 -30.24 -56.05
CA ILE A 477 4.70 -30.63 -57.43
C ILE A 477 6.16 -31.05 -57.59
N GLU A 478 7.08 -30.36 -56.92
CA GLU A 478 8.48 -30.73 -57.04
C GLU A 478 8.82 -31.92 -56.16
N MET A 479 8.13 -32.06 -55.02
CA MET A 479 8.25 -33.30 -54.26
C MET A 479 7.90 -34.49 -55.14
N LEU A 480 6.80 -34.40 -55.89
CA LEU A 480 6.38 -35.46 -56.81
C LEU A 480 7.32 -35.60 -58.00
N LEU A 481 7.78 -34.48 -58.55
CA LEU A 481 8.73 -34.54 -59.65
C LEU A 481 9.98 -35.34 -59.27
N LYS A 482 10.64 -34.98 -58.17
CA LYS A 482 11.77 -35.78 -57.77
C LYS A 482 11.37 -37.07 -57.03
N MET A 483 10.07 -37.28 -56.81
CA MET A 483 9.60 -38.61 -56.46
C MET A 483 9.75 -39.56 -57.64
N TYR A 484 9.28 -39.14 -58.81
CA TYR A 484 9.46 -39.94 -60.01
C TYR A 484 10.85 -39.81 -60.61
N GLY A 485 11.64 -38.83 -60.15
CA GLY A 485 13.04 -38.76 -60.50
C GLY A 485 13.91 -39.52 -59.52
N LEU A 486 13.33 -39.95 -58.40
CA LEU A 486 14.10 -40.71 -57.42
C LEU A 486 13.40 -42.03 -57.11
N GLY A 487 12.17 -42.20 -57.57
CA GLY A 487 11.49 -43.48 -57.36
C GLY A 487 11.00 -43.59 -55.94
N LEU A 488 9.88 -44.29 -55.76
CA LEU A 488 9.16 -44.26 -54.49
C LEU A 488 10.01 -44.82 -53.35
N ARG A 489 10.77 -45.87 -53.60
CA ARG A 489 11.39 -46.60 -52.50
C ARG A 489 12.58 -45.86 -51.91
N GLN A 490 13.46 -45.32 -52.74
CA GLN A 490 14.67 -44.67 -52.22
C GLN A 490 14.43 -43.22 -51.85
N TYR A 491 13.34 -42.60 -52.34
CA TYR A 491 12.92 -41.30 -51.83
C TYR A 491 12.53 -41.37 -50.37
N PHE A 492 11.93 -42.47 -49.93
CA PHE A 492 11.52 -42.68 -48.55
C PHE A 492 12.70 -43.04 -47.66
N MET A 493 13.91 -43.03 -48.19
CA MET A 493 15.07 -43.54 -47.46
C MET A 493 15.61 -42.49 -46.50
N SER A 494 15.83 -41.29 -47.05
CA SER A 494 16.40 -40.21 -46.26
C SER A 494 15.49 -39.83 -45.10
N ILE A 495 16.09 -39.23 -44.07
CA ILE A 495 15.32 -38.79 -42.91
C ILE A 495 14.48 -37.57 -43.25
N PHE A 496 15.00 -36.69 -44.11
CA PHE A 496 14.42 -35.39 -44.39
C PHE A 496 13.45 -35.42 -45.58
N ASN A 497 12.90 -36.57 -45.91
CA ASN A 497 11.69 -36.63 -46.72
C ASN A 497 10.63 -37.53 -46.11
N ARG A 498 10.97 -38.28 -45.06
CA ARG A 498 9.96 -38.79 -44.14
C ARG A 498 9.17 -37.65 -43.52
N PHE A 499 9.67 -36.43 -43.67
CA PHE A 499 9.10 -35.19 -43.14
C PHE A 499 8.46 -34.33 -44.22
N ASP A 500 9.04 -34.30 -45.41
CA ASP A 500 8.56 -33.41 -46.47
C ASP A 500 7.12 -33.72 -46.88
N CYS A 501 6.75 -35.01 -46.94
CA CYS A 501 5.36 -35.32 -47.27
C CYS A 501 4.43 -34.86 -46.16
N PHE A 502 4.93 -34.78 -44.92
CA PHE A 502 4.13 -34.24 -43.84
C PHE A 502 3.76 -32.79 -44.10
N VAL A 503 4.74 -32.00 -44.56
CA VAL A 503 4.47 -30.66 -45.05
C VAL A 503 3.44 -30.67 -46.16
N VAL A 504 3.66 -31.51 -47.17
CA VAL A 504 2.77 -31.57 -48.33
C VAL A 504 1.34 -31.91 -47.92
N CYS A 505 1.17 -32.78 -46.94
CA CYS A 505 -0.17 -33.19 -46.52
C CYS A 505 -0.81 -32.11 -45.64
N SER A 506 -0.14 -31.73 -44.57
CA SER A 506 -0.71 -30.79 -43.61
C SER A 506 -1.00 -29.45 -44.27
N GLY A 507 -0.20 -29.07 -45.26
CA GLY A 507 -0.44 -27.81 -45.92
C GLY A 507 -1.80 -27.76 -46.60
N ILE A 508 -2.11 -28.79 -47.39
CA ILE A 508 -3.37 -28.76 -48.11
C ILE A 508 -4.54 -29.08 -47.19
N LEU A 509 -4.33 -29.92 -46.16
CA LEU A 509 -5.42 -30.15 -45.23
C LEU A 509 -5.69 -28.93 -44.35
N GLU A 510 -4.70 -28.04 -44.23
CA GLU A 510 -4.95 -26.77 -43.57
C GLU A 510 -5.65 -25.81 -44.51
N LEU A 511 -5.28 -25.83 -45.79
CA LEU A 511 -6.07 -25.15 -46.81
C LEU A 511 -7.52 -25.57 -46.73
N LEU A 512 -7.78 -26.86 -46.46
CA LEU A 512 -9.12 -27.40 -46.49
C LEU A 512 -9.90 -27.18 -45.21
N LEU A 513 -9.25 -27.27 -44.04
CA LEU A 513 -9.99 -27.09 -42.80
C LEU A 513 -10.56 -25.68 -42.68
N VAL A 514 -9.86 -24.68 -43.22
CA VAL A 514 -10.42 -23.34 -43.31
C VAL A 514 -11.64 -23.30 -44.22
N GLU A 515 -11.77 -24.26 -45.15
CA GLU A 515 -12.93 -24.38 -46.01
C GLU A 515 -14.04 -25.22 -45.38
N SER A 516 -14.07 -25.28 -44.05
CA SER A 516 -15.01 -26.10 -43.30
C SER A 516 -15.73 -25.21 -42.27
N GLY A 517 -16.42 -25.78 -41.28
CA GLY A 517 -16.94 -25.02 -40.17
C GLY A 517 -15.86 -24.71 -39.14
N ALA A 518 -14.61 -24.64 -39.59
CA ALA A 518 -13.51 -24.31 -38.71
C ALA A 518 -13.79 -23.02 -37.97
N MET A 519 -13.21 -22.88 -36.78
CA MET A 519 -13.56 -21.80 -35.88
C MET A 519 -12.36 -21.41 -35.02
N THR A 520 -12.54 -20.68 -33.91
CA THR A 520 -11.58 -20.15 -32.93
C THR A 520 -10.12 -20.58 -32.79
N PRO A 521 -9.24 -19.58 -32.65
CA PRO A 521 -7.78 -19.64 -32.46
C PRO A 521 -7.35 -20.55 -31.30
N LEU A 522 -7.39 -21.84 -31.59
CA LEU A 522 -7.07 -22.95 -30.71
C LEU A 522 -6.69 -24.04 -31.71
N GLY A 523 -7.55 -24.19 -32.72
CA GLY A 523 -7.30 -25.11 -33.80
C GLY A 523 -6.50 -24.25 -34.77
N ILE A 524 -7.03 -23.07 -35.09
CA ILE A 524 -6.37 -22.13 -36.02
C ILE A 524 -4.89 -21.88 -35.74
N SER A 525 -4.52 -21.72 -34.47
CA SER A 525 -3.12 -21.54 -34.11
C SER A 525 -2.33 -22.74 -34.63
N VAL A 526 -2.83 -23.94 -34.34
CA VAL A 526 -2.17 -25.15 -34.81
C VAL A 526 -2.02 -25.14 -36.33
N LEU A 527 -3.03 -24.64 -37.08
CA LEU A 527 -2.81 -24.63 -38.51
C LEU A 527 -1.68 -23.68 -38.90
N ARG A 528 -1.74 -22.42 -38.47
CA ARG A 528 -0.77 -21.46 -38.94
C ARG A 528 0.59 -21.65 -38.29
N CYS A 529 0.69 -22.48 -37.25
CA CYS A 529 2.01 -22.77 -36.70
C CYS A 529 2.63 -24.05 -37.23
N ILE A 530 1.84 -25.05 -37.58
CA ILE A 530 2.44 -26.16 -38.31
C ILE A 530 2.89 -25.67 -39.69
N ARG A 531 2.26 -24.63 -40.21
CA ARG A 531 2.72 -23.95 -41.43
C ARG A 531 4.13 -23.42 -41.30
N LEU A 532 4.65 -23.34 -40.08
CA LEU A 532 6.00 -22.86 -39.85
C LEU A 532 7.05 -23.94 -40.02
N LEU A 533 6.66 -25.21 -39.93
CA LEU A 533 7.64 -26.29 -40.06
C LEU A 533 8.33 -26.30 -41.41
N ARG A 534 7.89 -25.49 -42.35
CA ARG A 534 8.68 -25.25 -43.55
C ARG A 534 9.94 -24.47 -43.24
N LEU A 535 9.98 -23.76 -42.10
CA LEU A 535 11.21 -23.12 -41.65
C LEU A 535 12.22 -24.12 -41.12
N PHE A 536 11.82 -25.38 -40.94
CA PHE A 536 12.76 -26.39 -40.53
C PHE A 536 13.60 -26.88 -41.69
N LYS A 537 13.24 -26.51 -42.92
CA LYS A 537 14.02 -26.88 -44.09
C LYS A 537 15.43 -26.35 -44.02
N ILE A 538 15.60 -25.13 -43.49
CA ILE A 538 16.90 -24.48 -43.47
C ILE A 538 17.90 -25.34 -42.70
N THR A 539 17.48 -25.92 -41.58
CA THR A 539 18.41 -26.65 -40.75
C THR A 539 18.91 -27.92 -41.43
N LYS A 540 18.05 -28.54 -42.24
CA LYS A 540 18.53 -29.58 -43.15
C LYS A 540 19.42 -28.98 -44.24
N TYR A 541 19.22 -27.69 -44.54
CA TYR A 541 19.89 -27.09 -45.68
C TYR A 541 21.31 -26.64 -45.38
N TRP A 542 21.60 -26.23 -44.14
CA TRP A 542 22.92 -25.71 -43.83
C TRP A 542 24.00 -26.79 -43.76
N THR A 543 23.60 -28.06 -43.72
CA THR A 543 24.41 -29.28 -43.90
C THR A 543 25.57 -29.38 -42.93
N SER A 544 25.73 -28.39 -42.05
CA SER A 544 26.49 -28.60 -40.83
C SER A 544 25.57 -28.41 -39.62
N LEU A 545 24.62 -27.50 -39.76
CA LEU A 545 23.40 -27.49 -38.93
C LEU A 545 22.62 -28.81 -39.06
N SER A 546 22.85 -29.56 -40.14
CA SER A 546 22.14 -30.82 -40.34
C SER A 546 22.57 -31.86 -39.33
N ASN A 547 23.87 -31.93 -39.05
CA ASN A 547 24.41 -32.88 -38.08
C ASN A 547 24.64 -32.24 -36.72
N LEU A 548 24.62 -30.92 -36.62
CA LEU A 548 24.57 -30.31 -35.31
C LEU A 548 23.46 -30.93 -34.46
N VAL A 549 22.24 -30.99 -35.00
CA VAL A 549 21.15 -31.58 -34.25
C VAL A 549 21.34 -33.09 -34.11
N ALA A 550 22.04 -33.72 -35.06
CA ALA A 550 22.33 -35.14 -34.90
C ALA A 550 23.17 -35.38 -33.65
N SER A 551 24.05 -34.44 -33.34
CA SER A 551 24.82 -34.51 -32.11
C SER A 551 23.98 -34.11 -30.90
N LEU A 552 23.17 -33.06 -31.04
CA LEU A 552 22.34 -32.62 -29.93
C LEU A 552 21.43 -33.72 -29.43
N LEU A 553 20.81 -34.47 -30.34
CA LEU A 553 19.78 -35.41 -29.92
C LEU A 553 20.37 -36.64 -29.24
N ASN A 554 21.59 -37.05 -29.59
CA ASN A 554 22.21 -38.13 -28.84
C ASN A 554 23.12 -37.63 -27.73
N SER A 555 23.15 -36.33 -27.49
CA SER A 555 23.56 -35.85 -26.18
C SER A 555 22.46 -35.97 -25.12
N ILE A 556 21.20 -35.75 -25.50
CA ILE A 556 20.10 -35.86 -24.54
C ILE A 556 19.81 -37.32 -24.22
N ARG A 557 19.87 -38.19 -25.22
CA ARG A 557 19.51 -39.59 -25.05
C ARG A 557 20.40 -40.27 -24.03
N SER A 558 21.64 -39.78 -23.91
CA SER A 558 22.57 -40.32 -22.93
C SER A 558 22.16 -39.98 -21.51
N ILE A 559 21.57 -38.80 -21.32
CA ILE A 559 21.39 -38.20 -20.01
C ILE A 559 19.91 -38.26 -19.62
N ALA A 560 19.08 -38.93 -20.44
CA ALA A 560 17.65 -38.92 -20.20
C ALA A 560 17.30 -39.34 -18.78
N SER A 561 18.09 -40.23 -18.19
CA SER A 561 17.82 -40.65 -16.82
C SER A 561 18.03 -39.52 -15.82
N LEU A 562 19.12 -38.77 -15.95
CA LEU A 562 19.35 -37.63 -15.07
C LEU A 562 18.35 -36.51 -15.30
N LEU A 563 17.95 -36.29 -16.54
CA LEU A 563 16.93 -35.29 -16.82
C LEU A 563 15.54 -35.76 -16.41
N LEU A 564 15.37 -37.04 -16.10
CA LEU A 564 14.17 -37.53 -15.44
C LEU A 564 14.22 -37.35 -13.95
N LEU A 565 15.37 -37.61 -13.34
CA LEU A 565 15.56 -37.28 -11.94
C LEU A 565 15.36 -35.80 -11.65
N LEU A 566 15.73 -34.93 -12.59
CA LEU A 566 15.46 -33.51 -12.44
C LEU A 566 13.96 -33.20 -12.35
N PHE A 567 13.16 -33.78 -13.23
CA PHE A 567 11.72 -33.61 -13.20
C PHE A 567 11.09 -34.22 -11.95
N LEU A 568 11.61 -35.34 -11.47
CA LEU A 568 11.14 -35.87 -10.19
C LEU A 568 11.43 -34.91 -9.05
N PHE A 569 12.62 -34.31 -9.04
CA PHE A 569 12.95 -33.27 -8.07
C PHE A 569 11.93 -32.14 -8.11
N ILE A 570 11.70 -31.59 -9.30
CA ILE A 570 10.76 -30.49 -9.44
C ILE A 570 9.40 -30.88 -8.91
N ILE A 571 8.95 -32.10 -9.20
CA ILE A 571 7.61 -32.51 -8.80
C ILE A 571 7.50 -32.69 -7.30
N ILE A 572 8.52 -33.26 -6.66
CA ILE A 572 8.47 -33.33 -5.21
C ILE A 572 8.45 -31.96 -4.56
N PHE A 573 9.19 -31.00 -5.11
CA PHE A 573 9.15 -29.67 -4.50
C PHE A 573 7.87 -28.91 -4.79
N ALA A 574 7.24 -29.15 -5.94
CA ALA A 574 5.93 -28.59 -6.20
C ALA A 574 4.87 -29.14 -5.26
N LEU A 575 4.90 -30.43 -4.96
CA LEU A 575 3.96 -30.98 -4.00
C LEU A 575 4.23 -30.51 -2.58
N LEU A 576 5.50 -30.42 -2.20
CA LEU A 576 5.82 -29.90 -0.88
C LEU A 576 5.39 -28.45 -0.75
N GLY A 577 5.49 -27.68 -1.82
CA GLY A 577 4.99 -26.32 -1.79
C GLY A 577 3.49 -26.26 -1.69
N MET A 578 2.78 -27.15 -2.39
CA MET A 578 1.33 -27.20 -2.22
C MET A 578 0.95 -27.52 -0.79
N GLN A 579 1.76 -28.31 -0.08
CA GLN A 579 1.45 -28.61 1.32
C GLN A 579 1.77 -27.43 2.22
N LEU A 580 2.89 -26.76 1.98
CA LEU A 580 3.33 -25.71 2.89
C LEU A 580 2.58 -24.41 2.69
N PHE A 581 2.45 -23.96 1.44
CA PHE A 581 1.91 -22.65 1.13
C PHE A 581 0.58 -22.71 0.40
N GLY A 582 0.12 -23.90 0.05
CA GLY A 582 -1.13 -24.01 -0.66
C GLY A 582 -2.31 -23.60 0.17
N GLY A 583 -3.05 -22.60 -0.29
CA GLY A 583 -4.17 -22.08 0.44
C GLY A 583 -3.82 -21.16 1.59
N ARG A 584 -2.66 -20.53 1.58
CA ARG A 584 -2.22 -19.71 2.67
C ARG A 584 -1.88 -18.30 2.26
N TYR A 585 -1.99 -17.98 0.99
CA TYR A 585 -1.72 -16.65 0.49
C TYR A 585 -2.95 -15.76 0.61
N ASP A 586 -3.78 -16.03 1.61
CA ASP A 586 -4.98 -15.23 1.85
C ASP A 586 -4.63 -13.99 2.66
N PHE A 587 -3.85 -13.13 2.03
CA PHE A 587 -3.61 -11.79 2.55
C PHE A 587 -4.79 -10.91 2.21
N GLU A 588 -5.21 -10.10 3.17
CA GLU A 588 -6.44 -9.32 3.02
C GLU A 588 -6.31 -8.14 2.07
N ASP A 589 -5.11 -7.71 1.73
CA ASP A 589 -4.99 -6.60 0.82
C ASP A 589 -5.39 -7.00 -0.60
N THR A 590 -5.24 -6.06 -1.52
CA THR A 590 -5.62 -6.26 -2.90
C THR A 590 -4.43 -6.49 -3.83
N GLU A 591 -3.22 -6.56 -3.27
CA GLU A 591 -2.07 -6.91 -4.08
C GLU A 591 -2.28 -8.28 -4.72
N VAL A 592 -1.85 -8.42 -5.96
CA VAL A 592 -1.99 -9.67 -6.70
C VAL A 592 -0.68 -10.42 -6.60
N ARG A 593 -0.76 -11.69 -6.21
CA ARG A 593 0.41 -12.56 -6.08
C ARG A 593 0.16 -13.77 -6.96
N ARG A 594 0.65 -13.70 -8.19
CA ARG A 594 0.33 -14.73 -9.16
C ARG A 594 1.14 -15.99 -8.92
N SER A 595 2.35 -15.87 -8.39
CA SER A 595 3.19 -17.02 -8.12
C SER A 595 2.86 -17.57 -6.74
N ASN A 596 1.88 -18.45 -6.71
CA ASN A 596 1.48 -19.13 -5.50
C ASN A 596 1.51 -20.63 -5.73
N PHE A 597 0.94 -21.37 -4.80
CA PHE A 597 0.96 -22.82 -4.83
C PHE A 597 -0.44 -23.38 -4.66
N ASP A 598 -1.39 -22.84 -5.41
CA ASP A 598 -2.80 -23.12 -5.13
C ASP A 598 -3.27 -24.41 -5.81
N ASN A 599 -2.77 -24.69 -7.00
CA ASN A 599 -3.01 -25.98 -7.63
C ASN A 599 -1.69 -26.54 -8.13
N PHE A 600 -1.76 -27.62 -8.89
CA PHE A 600 -0.52 -28.26 -9.33
C PHE A 600 0.16 -27.52 -10.46
N PRO A 601 -0.52 -27.08 -11.52
CA PRO A 601 0.18 -26.30 -12.55
C PRO A 601 0.76 -25.00 -12.03
N GLN A 602 0.08 -24.36 -11.10
CA GLN A 602 0.60 -23.12 -10.52
C GLN A 602 1.82 -23.38 -9.65
N ALA A 603 1.76 -24.40 -8.80
CA ALA A 603 2.92 -24.77 -7.99
C ALA A 603 4.10 -25.14 -8.88
N LEU A 604 3.82 -25.78 -10.00
CA LEU A 604 4.87 -26.18 -10.93
C LEU A 604 5.54 -24.96 -11.55
N ILE A 605 4.75 -23.99 -11.98
CA ILE A 605 5.29 -22.73 -12.48
C ILE A 605 6.10 -21.99 -11.41
N SER A 606 5.63 -21.97 -10.17
CA SER A 606 6.36 -21.28 -9.11
C SER A 606 7.68 -21.93 -8.78
N VAL A 607 7.72 -23.27 -8.73
CA VAL A 607 8.99 -23.93 -8.50
C VAL A 607 9.94 -23.73 -9.68
N PHE A 608 9.43 -23.73 -10.90
CA PHE A 608 10.30 -23.43 -12.03
C PHE A 608 10.85 -22.03 -11.96
N GLN A 609 10.05 -21.07 -11.50
CA GLN A 609 10.54 -19.71 -11.36
C GLN A 609 11.56 -19.56 -10.25
N VAL A 610 11.40 -20.29 -9.15
CA VAL A 610 12.46 -20.26 -8.14
C VAL A 610 13.72 -20.90 -8.67
N LEU A 611 13.59 -21.86 -9.58
CA LEU A 611 14.78 -22.51 -10.11
C LEU A 611 15.54 -21.61 -11.09
N THR A 612 14.83 -20.92 -11.98
CA THR A 612 15.52 -19.98 -12.85
C THR A 612 16.09 -18.82 -12.06
N GLY A 613 15.66 -18.65 -10.83
CA GLY A 613 16.21 -17.66 -9.94
C GLY A 613 15.57 -16.30 -10.03
N GLU A 614 14.58 -16.11 -10.89
CA GLU A 614 14.05 -14.78 -11.15
C GLU A 614 12.95 -14.45 -10.15
N ASP A 615 13.20 -13.44 -9.32
CA ASP A 615 12.21 -12.93 -8.38
C ASP A 615 11.88 -13.96 -7.31
N TRP A 616 12.79 -14.88 -7.05
CA TRP A 616 12.52 -15.89 -6.04
C TRP A 616 12.37 -15.28 -4.67
N ASN A 617 12.95 -14.11 -4.45
CA ASN A 617 12.94 -13.53 -3.11
C ASN A 617 11.57 -13.06 -2.73
N SER A 618 10.75 -12.63 -3.69
CA SER A 618 9.42 -12.18 -3.34
C SER A 618 8.47 -13.36 -3.15
N VAL A 619 8.70 -14.46 -3.85
CA VAL A 619 8.03 -15.70 -3.48
C VAL A 619 8.39 -16.09 -2.05
N MET A 620 9.65 -15.94 -1.66
CA MET A 620 10.03 -16.21 -0.28
C MET A 620 9.37 -15.26 0.69
N TYR A 621 9.20 -13.99 0.33
CA TYR A 621 8.59 -13.05 1.27
C TYR A 621 7.12 -13.35 1.45
N ASN A 622 6.41 -13.65 0.37
CA ASN A 622 5.00 -14.02 0.52
C ASN A 622 4.87 -15.29 1.32
N GLY A 623 5.83 -16.20 1.24
CA GLY A 623 5.78 -17.37 2.07
C GLY A 623 6.15 -17.14 3.51
N ILE A 624 6.96 -16.13 3.80
CA ILE A 624 7.27 -15.78 5.18
C ILE A 624 6.10 -15.06 5.82
N MET A 625 5.41 -14.22 5.07
CA MET A 625 4.27 -13.49 5.58
C MET A 625 2.99 -14.31 5.55
N ALA A 626 2.96 -15.42 4.81
CA ALA A 626 1.86 -16.37 4.91
C ALA A 626 1.87 -17.07 6.25
N TYR A 627 3.04 -17.28 6.81
CA TYR A 627 3.16 -17.71 8.18
C TYR A 627 3.18 -16.43 9.00
N GLY A 628 3.60 -16.47 10.24
CA GLY A 628 3.50 -15.27 11.04
C GLY A 628 4.03 -14.01 10.40
N GLY A 629 5.34 -13.96 10.24
CA GLY A 629 6.03 -12.80 9.75
C GLY A 629 7.49 -13.01 10.06
N PRO A 630 8.25 -11.96 10.22
CA PRO A 630 9.68 -12.10 10.55
C PRO A 630 9.92 -12.58 11.98
N SER A 631 9.27 -13.67 12.36
CA SER A 631 9.32 -14.17 13.72
C SER A 631 9.69 -15.65 13.69
N TYR A 632 9.91 -16.24 14.87
CA TYR A 632 10.65 -17.48 14.99
C TYR A 632 10.08 -18.65 14.19
N PRO A 633 8.79 -18.95 14.26
CA PRO A 633 8.29 -20.04 13.41
C PRO A 633 8.23 -19.67 11.95
N GLY A 634 8.02 -18.39 11.64
CA GLY A 634 7.73 -18.02 10.26
C GLY A 634 8.95 -17.93 9.38
N VAL A 635 10.08 -17.49 9.94
CA VAL A 635 11.26 -17.29 9.10
C VAL A 635 11.91 -18.62 8.76
N LEU A 636 11.36 -19.72 9.22
CA LEU A 636 11.95 -21.00 8.85
C LEU A 636 11.35 -21.58 7.59
N VAL A 637 10.33 -20.95 7.01
CA VAL A 637 9.96 -21.31 5.65
C VAL A 637 10.99 -20.83 4.66
N CYS A 638 11.98 -20.09 5.11
CA CYS A 638 13.05 -19.66 4.25
C CYS A 638 14.00 -20.78 3.88
N ILE A 639 13.93 -21.94 4.53
CA ILE A 639 14.82 -23.04 4.15
C ILE A 639 14.24 -23.89 3.04
N TYR A 640 12.94 -23.84 2.81
CA TYR A 640 12.38 -24.43 1.62
C TYR A 640 13.02 -23.83 0.38
N PHE A 641 13.18 -22.51 0.36
CA PHE A 641 13.72 -21.81 -0.79
C PHE A 641 15.23 -21.90 -0.87
N ILE A 642 15.93 -22.01 0.25
CA ILE A 642 17.37 -22.21 0.21
C ILE A 642 17.71 -23.56 -0.38
N ILE A 643 17.14 -24.62 0.18
CA ILE A 643 17.31 -25.96 -0.37
C ILE A 643 16.85 -26.02 -1.81
N LEU A 644 15.69 -25.44 -2.12
CA LEU A 644 15.21 -25.45 -3.51
C LEU A 644 16.24 -24.86 -4.44
N PHE A 645 16.60 -23.59 -4.26
CA PHE A 645 17.56 -22.95 -5.15
C PHE A 645 18.88 -23.73 -5.21
N VAL A 646 19.48 -24.00 -4.05
CA VAL A 646 20.82 -24.58 -4.03
C VAL A 646 20.84 -25.96 -4.67
N CYS A 647 20.00 -26.89 -4.20
CA CYS A 647 20.09 -28.24 -4.73
C CYS A 647 19.53 -28.34 -6.15
N GLY A 648 18.47 -27.60 -6.47
CA GLY A 648 17.99 -27.62 -7.83
C GLY A 648 19.02 -27.12 -8.81
N ASN A 649 19.76 -26.07 -8.45
CA ASN A 649 20.75 -25.54 -9.36
C ASN A 649 22.01 -26.39 -9.38
N TYR A 650 22.32 -27.08 -8.28
CA TYR A 650 23.36 -28.09 -8.35
C TYR A 650 23.00 -29.19 -9.34
N ILE A 651 21.77 -29.70 -9.27
CA ILE A 651 21.37 -30.76 -10.17
C ILE A 651 21.32 -30.28 -11.60
N LEU A 652 20.94 -29.01 -11.80
CA LEU A 652 20.93 -28.45 -13.14
C LEU A 652 22.33 -28.31 -13.71
N LEU A 653 23.28 -27.92 -12.86
CA LEU A 653 24.67 -27.85 -13.30
C LEU A 653 25.18 -29.22 -13.68
N ASN A 654 24.85 -30.22 -12.87
CA ASN A 654 25.19 -31.59 -13.21
C ASN A 654 24.59 -31.99 -14.55
N VAL A 655 23.30 -31.70 -14.77
CA VAL A 655 22.66 -32.03 -16.04
C VAL A 655 23.42 -31.38 -17.18
N PHE A 656 23.43 -30.05 -17.20
CA PHE A 656 23.90 -29.29 -18.33
C PHE A 656 25.41 -29.07 -18.31
N LEU A 657 26.14 -29.90 -17.57
CA LEU A 657 27.59 -29.91 -17.67
C LEU A 657 28.14 -31.30 -17.94
N ALA A 658 27.30 -32.33 -17.82
CA ALA A 658 27.59 -33.64 -18.39
C ALA A 658 27.11 -33.74 -19.82
N ILE A 659 26.87 -32.61 -20.48
CA ILE A 659 26.55 -32.57 -21.90
C ILE A 659 27.52 -31.70 -22.68
N ALA A 660 28.09 -30.67 -22.07
CA ALA A 660 29.12 -29.87 -22.72
C ALA A 660 30.51 -30.36 -22.40
N VAL A 661 30.65 -31.46 -21.67
CA VAL A 661 31.97 -31.92 -21.28
C VAL A 661 32.15 -33.37 -21.74
N ASP A 662 31.06 -34.08 -21.85
CA ASP A 662 31.14 -35.47 -22.30
C ASP A 662 30.58 -35.68 -23.69
N ASN A 663 29.57 -34.93 -24.09
CA ASN A 663 28.88 -35.16 -25.35
C ASN A 663 29.32 -34.20 -26.45
N LEU A 664 30.27 -33.32 -26.18
CA LEU A 664 30.97 -32.60 -27.23
C LEU A 664 32.45 -32.89 -27.28
N ALA A 665 32.99 -33.60 -26.28
CA ALA A 665 34.31 -34.19 -26.45
C ALA A 665 34.29 -35.37 -27.40
N GLU A 666 33.14 -36.03 -27.56
CA GLU A 666 33.03 -37.15 -28.49
C GLU A 666 32.77 -36.70 -29.93
N ALA A 667 32.08 -35.58 -30.13
CA ALA A 667 32.01 -35.03 -31.47
C ALA A 667 33.39 -34.63 -31.99
N GLU A 668 34.36 -34.45 -31.10
CA GLU A 668 35.75 -34.31 -31.53
C GLU A 668 36.23 -35.56 -32.25
N SER A 669 36.07 -36.74 -31.63
CA SER A 669 36.46 -37.98 -32.29
C SER A 669 35.61 -38.22 -33.52
N LEU A 670 34.38 -37.71 -33.53
CA LEU A 670 33.51 -37.84 -34.70
C LEU A 670 34.06 -37.07 -35.88
N THR A 671 34.48 -35.82 -35.65
CA THR A 671 34.92 -34.96 -36.74
C THR A 671 36.38 -35.18 -37.12
N SER A 672 37.21 -35.64 -36.18
CA SER A 672 38.64 -35.76 -36.47
C SER A 672 38.95 -37.03 -37.24
N ALA A 673 38.33 -38.14 -36.87
CA ALA A 673 38.51 -39.40 -37.58
C ALA A 673 37.73 -39.40 -38.88
N VAL A 796 61.76 6.69 -31.01
CA VAL A 796 60.62 5.86 -31.38
C VAL A 796 60.67 4.57 -30.58
N ASN A 797 61.79 3.86 -30.67
CA ASN A 797 61.99 2.64 -29.90
C ASN A 797 62.55 2.91 -28.51
N ALA A 798 62.60 4.16 -28.09
CA ALA A 798 63.02 4.53 -26.74
C ALA A 798 62.02 4.05 -25.71
N THR A 799 62.49 3.29 -24.71
CA THR A 799 61.60 2.65 -23.75
C THR A 799 60.79 3.67 -22.97
N TRP A 800 61.46 4.49 -22.17
CA TRP A 800 60.79 5.46 -21.32
C TRP A 800 59.87 6.36 -22.13
N PHE A 801 60.20 6.64 -23.39
CA PHE A 801 59.37 7.51 -24.21
C PHE A 801 57.99 6.90 -24.44
N THR A 802 57.94 5.65 -24.90
CA THR A 802 56.66 5.00 -25.12
C THR A 802 55.93 4.76 -23.81
N ASN A 803 56.67 4.46 -22.73
CA ASN A 803 56.01 4.34 -21.44
C ASN A 803 55.33 5.64 -21.06
N PHE A 804 55.97 6.77 -21.37
CA PHE A 804 55.33 8.07 -21.19
C PHE A 804 54.10 8.22 -22.08
N ILE A 805 54.18 7.81 -23.35
CA ILE A 805 53.06 7.99 -24.26
C ILE A 805 51.86 7.14 -23.85
N LEU A 806 52.07 5.97 -23.28
CA LEU A 806 50.96 5.16 -22.80
C LEU A 806 50.49 5.58 -21.42
N LEU A 807 51.34 6.28 -20.65
CA LEU A 807 50.85 6.99 -19.48
C LEU A 807 50.00 8.18 -19.88
N PHE A 808 50.24 8.73 -21.07
CA PHE A 808 49.56 9.91 -21.57
C PHE A 808 48.19 9.57 -22.17
N ILE A 809 48.13 8.46 -22.91
CA ILE A 809 46.84 7.93 -23.35
C ILE A 809 45.89 7.82 -22.16
N LEU A 810 46.40 7.31 -21.04
CA LEU A 810 45.59 7.15 -19.84
C LEU A 810 45.07 8.49 -19.33
N LEU A 811 45.91 9.53 -19.36
CA LEU A 811 45.47 10.84 -18.92
C LEU A 811 44.41 11.41 -19.85
N SER A 812 44.58 11.22 -21.16
CA SER A 812 43.60 11.79 -22.07
C SER A 812 42.29 11.01 -22.07
N SER A 813 42.32 9.75 -21.61
CA SER A 813 41.07 9.02 -21.43
C SER A 813 40.42 9.31 -20.08
N ALA A 814 41.20 9.58 -19.04
CA ALA A 814 40.65 10.03 -17.78
C ALA A 814 40.12 11.46 -17.85
N ALA A 815 40.58 12.25 -18.82
CA ALA A 815 39.97 13.54 -19.07
C ALA A 815 38.57 13.43 -19.66
N LEU A 816 38.24 12.29 -20.26
CA LEU A 816 36.90 12.10 -20.80
C LEU A 816 35.92 11.63 -19.73
N ALA A 817 36.41 10.82 -18.79
CA ALA A 817 35.56 10.33 -17.72
C ALA A 817 34.93 11.48 -16.95
N ALA A 818 35.74 12.28 -16.30
CA ALA A 818 35.23 13.34 -15.45
C ALA A 818 34.77 14.54 -16.27
N GLU A 819 33.52 14.54 -16.74
CA GLU A 819 32.97 15.70 -17.47
C GLU A 819 31.46 15.74 -17.20
N ASP A 820 31.00 16.84 -16.61
CA ASP A 820 29.59 17.04 -16.33
C ASP A 820 28.77 16.96 -17.62
N PRO A 821 27.86 16.02 -17.75
CA PRO A 821 27.00 15.98 -18.93
C PRO A 821 25.95 17.07 -18.89
N ILE A 822 25.37 17.27 -17.71
CA ILE A 822 24.18 18.12 -17.59
C ILE A 822 24.50 19.55 -17.97
N ARG A 823 25.41 20.18 -17.23
CA ARG A 823 25.90 21.51 -17.59
C ARG A 823 27.15 21.36 -18.44
N ALA A 824 27.03 21.67 -19.74
CA ALA A 824 28.20 21.63 -20.60
C ALA A 824 29.13 22.80 -20.31
N GLU A 825 28.57 23.92 -19.85
CA GLU A 825 29.37 25.10 -19.52
C GLU A 825 29.76 25.09 -18.04
N SER A 826 30.37 23.99 -17.63
CA SER A 826 31.00 23.87 -16.33
C SER A 826 32.43 24.36 -16.40
N VAL A 827 32.81 25.19 -15.44
CA VAL A 827 34.16 25.74 -15.43
C VAL A 827 35.18 24.63 -15.27
N ARG A 828 34.76 23.47 -14.75
CA ARG A 828 35.61 22.29 -14.78
C ARG A 828 35.70 21.71 -16.19
N ASN A 829 34.59 21.69 -16.91
CA ASN A 829 34.64 21.32 -18.33
C ASN A 829 35.44 22.34 -19.12
N GLN A 830 35.38 23.62 -18.72
CA GLN A 830 36.27 24.62 -19.28
C GLN A 830 37.73 24.33 -18.98
N ILE A 831 38.03 23.87 -17.77
CA ILE A 831 39.39 23.53 -17.40
C ILE A 831 39.89 22.33 -18.19
N LEU A 832 39.05 21.35 -18.43
CA LEU A 832 39.43 20.15 -19.16
C LEU A 832 39.40 20.34 -20.69
N GLY A 833 38.72 21.37 -21.19
CA GLY A 833 38.76 21.64 -22.62
C GLY A 833 40.16 22.02 -23.09
N TYR A 834 40.84 22.89 -22.35
CA TYR A 834 42.22 23.23 -22.70
C TYR A 834 43.14 22.03 -22.51
N PHE A 835 42.89 21.24 -21.46
CA PHE A 835 43.69 20.04 -21.23
C PHE A 835 43.58 19.09 -22.41
N ASP A 836 42.38 18.95 -22.97
CA ASP A 836 42.17 18.09 -24.12
C ASP A 836 43.00 18.56 -25.31
N ILE A 837 43.04 19.88 -25.56
CA ILE A 837 43.76 20.38 -26.72
C ILE A 837 45.27 20.30 -26.50
N ALA A 838 45.71 20.39 -25.25
CA ALA A 838 47.12 20.13 -24.96
C ALA A 838 47.47 18.68 -25.26
N PHE A 839 46.69 17.75 -24.71
CA PHE A 839 46.88 16.34 -25.02
C PHE A 839 46.81 16.08 -26.52
N THR A 840 45.95 16.83 -27.22
CA THR A 840 45.74 16.63 -28.65
C THR A 840 46.93 17.10 -29.46
N SER A 841 47.51 18.25 -29.11
CA SER A 841 48.71 18.68 -29.79
C SER A 841 49.86 17.71 -29.52
N VAL A 842 49.96 17.21 -28.28
CA VAL A 842 51.00 16.22 -27.98
C VAL A 842 50.83 14.98 -28.84
N PHE A 843 49.62 14.41 -28.86
CA PHE A 843 49.38 13.20 -29.65
C PHE A 843 49.52 13.47 -31.14
N THR A 844 49.34 14.73 -31.56
CA THR A 844 49.60 15.07 -32.94
C THR A 844 51.09 15.03 -33.26
N VAL A 845 51.91 15.81 -32.56
CA VAL A 845 53.26 16.06 -33.03
C VAL A 845 54.16 14.81 -32.93
N GLU A 846 53.71 13.75 -32.26
CA GLU A 846 54.51 12.53 -32.18
C GLU A 846 53.99 11.40 -33.06
N ILE A 847 52.99 11.66 -33.93
CA ILE A 847 52.63 10.69 -34.96
C ILE A 847 52.80 11.32 -36.34
N VAL A 848 52.67 12.64 -36.44
CA VAL A 848 53.08 13.31 -37.68
C VAL A 848 54.52 12.94 -37.99
N LEU A 849 55.36 12.86 -36.95
CA LEU A 849 56.73 12.40 -37.01
C LEU A 849 56.83 10.90 -37.29
N LYS A 850 55.74 10.15 -37.12
CA LYS A 850 55.75 8.72 -37.36
C LYS A 850 55.52 8.35 -38.81
N MET A 851 54.77 9.16 -39.56
CA MET A 851 54.41 8.88 -40.93
C MET A 851 55.53 9.21 -41.92
N THR A 852 56.75 9.32 -41.41
CA THR A 852 57.94 9.56 -42.23
C THR A 852 58.82 8.32 -42.37
N THR A 853 59.01 7.56 -41.28
CA THR A 853 59.82 6.35 -41.36
C THR A 853 59.15 5.28 -42.20
N TYR A 854 57.93 5.51 -42.65
CA TYR A 854 57.22 4.62 -43.55
C TYR A 854 56.41 5.49 -44.51
N GLY A 855 55.45 4.89 -45.20
CA GLY A 855 54.66 5.61 -46.18
C GLY A 855 53.97 6.89 -45.72
N TYR A 867 46.76 -0.87 -39.64
CA TYR A 867 45.44 -0.91 -39.02
C TYR A 867 45.47 -0.09 -37.76
N PHE A 868 46.41 -0.43 -36.89
CA PHE A 868 46.59 0.32 -35.66
C PHE A 868 47.37 1.62 -35.90
N ASN A 869 48.27 1.61 -36.87
CA ASN A 869 48.97 2.84 -37.25
C ASN A 869 48.09 3.78 -38.04
N ILE A 870 46.89 3.32 -38.44
CA ILE A 870 45.91 4.21 -39.06
C ILE A 870 44.76 4.55 -38.12
N LEU A 871 44.60 3.81 -37.03
CA LEU A 871 43.52 4.08 -36.09
C LEU A 871 43.71 5.46 -35.47
N ASP A 872 44.84 5.69 -34.79
CA ASP A 872 45.05 7.01 -34.18
C ASP A 872 45.09 8.11 -35.24
N LEU A 873 45.44 7.74 -36.47
CA LEU A 873 45.28 8.66 -37.59
C LEU A 873 43.84 9.14 -37.70
N LEU A 874 42.90 8.19 -37.72
CA LEU A 874 41.49 8.54 -37.79
C LEU A 874 40.95 9.11 -36.48
N VAL A 875 41.64 8.89 -35.36
CA VAL A 875 41.17 9.37 -34.06
C VAL A 875 41.57 10.80 -33.75
N VAL A 876 42.81 11.20 -34.03
CA VAL A 876 43.24 12.56 -33.73
C VAL A 876 42.51 13.59 -34.59
N ALA A 877 41.97 13.19 -35.75
CA ALA A 877 41.28 14.11 -36.62
C ALA A 877 40.07 14.72 -35.94
N VAL A 878 39.11 13.88 -35.54
CA VAL A 878 37.92 14.39 -34.85
C VAL A 878 38.32 15.11 -33.57
N SER A 879 39.43 14.67 -32.97
CA SER A 879 39.90 15.29 -31.74
C SER A 879 40.26 16.76 -31.95
N LEU A 880 41.12 17.04 -32.94
CA LEU A 880 41.60 18.41 -33.09
C LEU A 880 40.71 19.22 -34.00
N ILE A 881 39.70 18.58 -34.61
CA ILE A 881 38.65 19.32 -35.31
C ILE A 881 37.68 19.94 -34.31
N SER A 882 37.20 19.14 -33.36
CA SER A 882 36.29 19.63 -32.35
C SER A 882 36.98 20.68 -31.49
N MET A 883 36.18 21.35 -30.66
CA MET A 883 36.72 22.35 -29.73
C MET A 883 35.78 22.59 -28.57
N VAL A 892 28.18 15.46 -37.52
CA VAL A 892 27.34 16.19 -36.58
C VAL A 892 28.16 16.51 -35.33
N VAL A 893 27.50 17.14 -34.35
CA VAL A 893 28.19 17.54 -33.13
C VAL A 893 28.21 16.37 -32.13
N LYS A 894 27.03 15.92 -31.72
CA LYS A 894 26.96 14.91 -30.66
C LYS A 894 27.60 13.61 -31.11
N ILE A 895 27.35 13.20 -32.34
CA ILE A 895 27.91 11.93 -32.83
C ILE A 895 29.42 12.02 -32.93
N LEU A 896 29.95 13.21 -33.21
CA LEU A 896 31.40 13.32 -33.37
C LEU A 896 32.11 13.57 -32.05
N ARG A 897 31.38 13.96 -31.00
CA ARG A 897 31.96 13.89 -29.67
C ARG A 897 31.69 12.56 -28.99
N VAL A 898 30.87 11.69 -29.60
CA VAL A 898 30.71 10.33 -29.09
C VAL A 898 31.63 9.34 -29.76
N LEU A 899 32.10 9.63 -30.98
CA LEU A 899 33.06 8.77 -31.65
C LEU A 899 34.50 9.16 -31.30
N ARG A 900 34.68 10.04 -30.32
CA ARG A 900 35.98 10.30 -29.74
C ARG A 900 36.29 9.36 -28.59
N VAL A 901 35.49 8.30 -28.46
CA VAL A 901 35.70 7.28 -27.45
C VAL A 901 36.74 6.25 -27.90
N LEU A 902 37.43 6.55 -28.99
CA LEU A 902 38.50 5.70 -29.51
C LEU A 902 39.82 5.90 -28.77
N ARG A 903 39.86 6.77 -27.77
CA ARG A 903 41.07 6.93 -26.96
C ARG A 903 41.59 5.62 -26.38
N PRO A 904 40.80 4.81 -25.67
CA PRO A 904 41.35 3.57 -25.12
C PRO A 904 41.79 2.62 -26.20
N LEU A 905 41.30 2.79 -27.43
CA LEU A 905 41.60 1.89 -28.54
C LEU A 905 42.88 2.28 -29.27
N ARG A 906 43.79 2.99 -28.61
CA ARG A 906 45.14 3.19 -29.10
C ARG A 906 46.16 2.39 -28.32
N ALA A 907 45.88 2.04 -27.06
CA ALA A 907 46.80 1.29 -26.22
C ALA A 907 46.80 -0.20 -26.57
N ILE A 908 46.25 -0.58 -27.72
CA ILE A 908 46.30 -1.98 -28.13
C ILE A 908 47.62 -2.35 -28.77
N ASN A 909 48.16 -1.53 -29.67
CA ASN A 909 49.47 -1.81 -30.25
C ASN A 909 50.60 -1.49 -29.30
N ARG A 910 50.50 -0.38 -28.57
CA ARG A 910 51.53 0.00 -27.61
C ARG A 910 51.70 -1.05 -26.53
N ALA A 911 50.68 -1.88 -26.31
CA ALA A 911 50.78 -2.99 -25.37
C ALA A 911 50.90 -4.30 -26.13
N LYS A 912 51.97 -5.06 -25.85
CA LYS A 912 52.12 -6.37 -26.47
C LYS A 912 51.01 -7.32 -26.09
N GLY A 913 50.81 -7.56 -24.80
CA GLY A 913 49.80 -8.48 -24.34
C GLY A 913 48.39 -8.10 -24.71
N LEU A 914 48.11 -6.80 -24.85
CA LEU A 914 46.77 -6.41 -25.26
C LEU A 914 46.49 -6.80 -26.71
N LYS A 915 47.37 -6.44 -27.65
CA LYS A 915 47.11 -6.85 -29.02
C LYS A 915 47.32 -8.35 -29.18
N HIS A 916 47.91 -9.00 -28.19
CA HIS A 916 47.89 -10.47 -28.19
C HIS A 916 46.53 -11.01 -27.80
N VAL A 917 45.87 -10.38 -26.84
CA VAL A 917 44.60 -10.89 -26.33
C VAL A 917 43.45 -10.54 -27.27
N VAL A 918 43.37 -9.27 -27.69
CA VAL A 918 42.37 -8.85 -28.67
C VAL A 918 42.44 -9.71 -29.92
N GLN A 919 43.63 -9.91 -30.46
CA GLN A 919 43.83 -10.78 -31.61
C GLN A 919 43.52 -12.24 -31.31
N CYS A 920 43.42 -12.61 -30.04
CA CYS A 920 43.14 -13.99 -29.65
C CYS A 920 41.67 -14.26 -29.45
N VAL A 921 40.83 -13.22 -29.47
CA VAL A 921 39.39 -13.36 -29.29
C VAL A 921 38.64 -13.19 -30.61
N PHE A 922 39.13 -12.35 -31.52
CA PHE A 922 38.68 -12.37 -32.90
C PHE A 922 38.90 -13.74 -33.55
N VAL A 923 39.80 -14.56 -33.02
CA VAL A 923 39.95 -15.92 -33.48
C VAL A 923 38.76 -16.76 -33.09
N ALA A 924 38.38 -16.71 -31.81
CA ALA A 924 37.25 -17.46 -31.28
C ALA A 924 35.90 -16.84 -31.60
N ILE A 925 35.83 -15.94 -32.58
CA ILE A 925 34.56 -15.41 -33.02
C ILE A 925 34.11 -15.99 -34.36
N ARG A 926 35.02 -16.17 -35.31
CA ARG A 926 34.62 -16.71 -36.59
C ARG A 926 34.39 -18.23 -36.56
N THR A 927 34.61 -18.87 -35.41
CA THR A 927 34.27 -20.27 -35.24
C THR A 927 32.97 -20.47 -34.47
N ILE A 928 32.77 -19.66 -33.44
CA ILE A 928 31.54 -19.73 -32.66
C ILE A 928 30.48 -18.90 -33.35
N GLY A 929 30.65 -18.69 -34.65
CA GLY A 929 29.71 -17.92 -35.44
C GLY A 929 28.68 -18.84 -36.07
N ASN A 930 29.03 -20.13 -36.16
CA ASN A 930 28.15 -21.13 -36.73
C ASN A 930 27.06 -21.50 -35.74
N ILE A 931 27.37 -21.34 -34.45
CA ILE A 931 26.42 -21.64 -33.38
C ILE A 931 25.61 -20.41 -33.03
N VAL A 932 26.11 -19.24 -33.44
CA VAL A 932 25.43 -17.98 -33.17
C VAL A 932 24.39 -17.71 -34.26
N LEU A 933 24.51 -18.44 -35.37
CA LEU A 933 23.57 -18.28 -36.48
C LEU A 933 22.43 -19.28 -36.40
N VAL A 934 22.65 -20.40 -35.70
CA VAL A 934 21.60 -21.40 -35.56
C VAL A 934 20.64 -21.04 -34.43
N THR A 935 21.14 -20.33 -33.43
CA THR A 935 20.29 -19.90 -32.32
C THR A 935 19.54 -18.65 -32.71
N THR A 936 20.06 -17.93 -33.69
CA THR A 936 19.44 -16.72 -34.19
C THR A 936 18.24 -17.12 -35.04
N LEU A 937 18.35 -18.27 -35.70
CA LEU A 937 17.28 -18.79 -36.53
C LEU A 937 16.27 -19.50 -35.66
N LEU A 938 16.73 -19.98 -34.50
CA LEU A 938 15.88 -20.68 -33.56
C LEU A 938 15.10 -19.66 -32.73
N GLN A 939 15.67 -18.45 -32.64
CA GLN A 939 15.05 -17.36 -31.92
C GLN A 939 13.96 -16.79 -32.81
N PHE A 940 14.26 -16.77 -34.10
CA PHE A 940 13.30 -16.30 -35.11
C PHE A 940 12.09 -17.18 -35.27
N MET A 941 12.26 -18.51 -35.23
CA MET A 941 11.12 -19.40 -35.34
C MET A 941 10.17 -19.27 -34.17
N PHE A 942 10.72 -19.18 -32.97
CA PHE A 942 9.90 -18.95 -31.79
C PHE A 942 9.25 -17.58 -31.81
N ALA A 943 9.92 -16.56 -32.34
CA ALA A 943 9.26 -15.28 -32.51
C ALA A 943 8.06 -15.35 -33.42
N CYS A 944 8.13 -16.11 -34.52
CA CYS A 944 6.94 -16.24 -35.36
C CYS A 944 5.83 -17.06 -34.72
N ILE A 945 6.16 -18.14 -33.99
CA ILE A 945 5.14 -18.81 -33.19
C ILE A 945 4.45 -17.82 -32.28
N GLY A 946 5.23 -17.06 -31.51
CA GLY A 946 4.65 -16.14 -30.55
C GLY A 946 3.81 -15.07 -31.20
N VAL A 947 4.21 -14.61 -32.38
CA VAL A 947 3.34 -13.69 -33.10
C VAL A 947 2.02 -14.36 -33.43
N GLN A 948 2.04 -15.63 -33.82
CA GLN A 948 0.78 -16.26 -34.16
C GLN A 948 -0.08 -16.53 -32.94
N LEU A 949 0.53 -16.67 -31.77
CA LEU A 949 -0.27 -16.85 -30.55
C LEU A 949 -0.73 -15.51 -29.96
N PHE A 950 0.20 -14.61 -29.65
CA PHE A 950 -0.08 -13.44 -28.82
C PHE A 950 -0.13 -12.15 -29.60
N LYS A 951 -0.63 -12.16 -30.82
CA LYS A 951 -0.68 -10.95 -31.63
C LYS A 951 -1.93 -10.16 -31.29
N GLY A 952 -1.76 -8.92 -30.85
CA GLY A 952 -2.87 -8.06 -30.52
C GLY A 952 -3.46 -8.27 -29.15
N LYS A 953 -2.97 -9.26 -28.39
CA LYS A 953 -3.57 -9.62 -27.13
C LYS A 953 -2.85 -9.04 -25.93
N PHE A 954 -1.91 -8.12 -26.12
CA PHE A 954 -1.17 -7.56 -24.99
C PHE A 954 -1.56 -6.12 -24.72
N PHE A 955 -2.76 -5.73 -25.11
CA PHE A 955 -3.36 -4.48 -24.68
C PHE A 955 -4.16 -4.69 -23.41
N SER A 956 -4.35 -3.62 -22.66
CA SER A 956 -5.13 -3.73 -21.44
C SER A 956 -5.58 -2.34 -21.04
N CYS A 957 -6.41 -2.28 -20.02
CA CYS A 957 -6.91 -1.00 -19.55
C CYS A 957 -6.32 -0.69 -18.19
N ASN A 958 -6.27 0.60 -17.91
CA ASN A 958 -5.85 1.08 -16.59
C ASN A 958 -6.58 0.35 -15.49
N ASP A 959 -7.91 0.30 -15.55
CA ASP A 959 -8.69 -0.54 -14.66
C ASP A 959 -9.13 -1.79 -15.40
N LEU A 960 -9.03 -2.92 -14.73
CA LEU A 960 -9.23 -4.20 -15.36
C LEU A 960 -10.68 -4.53 -15.58
N SER A 961 -11.55 -3.56 -15.39
CA SER A 961 -12.98 -3.78 -15.55
C SER A 961 -13.45 -3.47 -16.97
N LYS A 962 -12.69 -2.71 -17.72
CA LYS A 962 -13.05 -2.28 -19.06
C LYS A 962 -12.23 -3.07 -20.06
N MET A 963 -12.91 -3.74 -20.99
CA MET A 963 -12.26 -4.77 -21.80
C MET A 963 -11.89 -4.31 -23.20
N THR A 964 -12.62 -3.38 -23.79
CA THR A 964 -12.29 -2.90 -25.11
C THR A 964 -11.92 -1.43 -25.04
N GLU A 965 -11.36 -0.93 -26.15
CA GLU A 965 -10.77 0.39 -26.14
C GLU A 965 -11.82 1.49 -26.13
N GLU A 966 -12.98 1.25 -26.73
CA GLU A 966 -14.06 2.22 -26.63
C GLU A 966 -14.57 2.37 -25.21
N GLU A 967 -14.46 1.34 -24.40
CA GLU A 967 -14.93 1.42 -23.02
C GLU A 967 -13.92 2.11 -22.14
N CYS A 968 -12.63 1.85 -22.35
CA CYS A 968 -11.55 2.38 -21.53
C CYS A 968 -11.36 3.86 -21.86
N ARG A 969 -12.33 4.65 -21.42
CA ARG A 969 -12.31 6.10 -21.56
C ARG A 969 -13.01 6.70 -20.35
N GLY A 970 -12.61 7.92 -20.01
CA GLY A 970 -13.13 8.55 -18.83
C GLY A 970 -12.21 8.40 -17.63
N TYR A 971 -12.78 8.58 -16.45
CA TYR A 971 -12.03 8.51 -15.21
C TYR A 971 -12.51 7.33 -14.39
N TYR A 972 -11.72 6.96 -13.39
CA TYR A 972 -12.07 5.86 -12.53
C TYR A 972 -11.39 6.06 -11.19
N TYR A 973 -11.80 5.28 -10.20
CA TYR A 973 -11.32 5.43 -8.84
C TYR A 973 -10.24 4.40 -8.56
N VAL A 974 -9.18 4.82 -7.88
CA VAL A 974 -8.22 3.90 -7.32
C VAL A 974 -8.24 4.09 -5.81
N TYR A 975 -8.15 2.99 -5.08
CA TYR A 975 -8.31 2.97 -3.64
C TYR A 975 -6.95 2.75 -3.01
N LYS A 976 -6.55 3.66 -2.14
CA LYS A 976 -5.21 3.63 -1.56
C LYS A 976 -5.17 2.56 -0.49
N ASP A 977 -4.27 1.59 -0.68
CA ASP A 977 -4.06 0.52 0.29
C ASP A 977 -5.34 -0.31 0.46
N GLY A 978 -6.11 -0.40 -0.61
CA GLY A 978 -7.32 -1.21 -0.62
C GLY A 978 -8.31 -0.80 0.45
N ASP A 979 -8.50 0.50 0.62
CA ASP A 979 -9.43 1.03 1.61
C ASP A 979 -10.55 1.74 0.88
N PRO A 980 -11.79 1.23 0.92
CA PRO A 980 -12.84 1.83 0.09
C PRO A 980 -13.21 3.25 0.48
N THR A 981 -12.71 3.76 1.60
CA THR A 981 -13.04 5.11 2.03
C THR A 981 -11.90 6.08 1.81
N GLN A 982 -10.95 5.73 0.96
CA GLN A 982 -9.85 6.62 0.59
C GLN A 982 -9.59 6.39 -0.89
N MET A 983 -10.26 7.17 -1.73
CA MET A 983 -10.24 6.98 -3.17
C MET A 983 -9.61 8.20 -3.82
N GLU A 984 -9.21 8.04 -5.08
CA GLU A 984 -8.78 9.17 -5.87
C GLU A 984 -9.02 8.90 -7.34
N LEU A 985 -9.16 9.97 -8.11
CA LEU A 985 -9.51 9.89 -9.52
C LEU A 985 -8.30 9.74 -10.40
N ARG A 986 -8.42 8.89 -11.42
CA ARG A 986 -7.37 8.72 -12.40
C ARG A 986 -8.03 8.63 -13.75
N PRO A 987 -7.44 9.17 -14.80
CA PRO A 987 -7.98 8.93 -16.14
C PRO A 987 -7.65 7.53 -16.60
N ARG A 988 -8.62 6.85 -17.17
CA ARG A 988 -8.36 5.51 -17.64
C ARG A 988 -7.92 5.53 -19.08
N GLN A 989 -6.90 4.73 -19.39
CA GLN A 989 -6.24 4.76 -20.68
C GLN A 989 -5.92 3.34 -21.14
N TRP A 990 -6.01 3.13 -22.44
CA TRP A 990 -5.75 1.85 -23.08
C TRP A 990 -4.25 1.71 -23.32
N ILE A 991 -3.59 0.87 -22.53
CA ILE A 991 -2.14 0.79 -22.52
C ILE A 991 -1.69 -0.49 -23.19
N HIS A 992 -0.53 -0.40 -23.84
CA HIS A 992 0.14 -1.49 -24.52
C HIS A 992 1.29 -1.98 -23.64
N ASN A 993 1.51 -3.27 -23.62
CA ASN A 993 2.65 -3.77 -22.87
C ASN A 993 3.93 -3.31 -23.53
N ASP A 994 4.97 -3.11 -22.73
CA ASP A 994 6.22 -2.61 -23.27
C ASP A 994 6.90 -3.65 -24.13
N PHE A 995 6.78 -4.91 -23.75
CA PHE A 995 7.30 -6.04 -24.51
C PHE A 995 6.11 -6.85 -24.98
N HIS A 996 5.86 -6.83 -26.28
CA HIS A 996 4.69 -7.47 -26.87
C HIS A 996 5.12 -8.35 -28.02
N PHE A 997 4.15 -8.91 -28.75
CA PHE A 997 4.38 -9.86 -29.83
C PHE A 997 3.64 -9.45 -31.08
N ASP A 998 3.66 -8.17 -31.42
CA ASP A 998 2.81 -7.72 -32.51
C ASP A 998 3.44 -7.97 -33.87
N ASN A 999 4.72 -7.70 -34.02
CA ASN A 999 5.49 -8.05 -35.19
C ASN A 999 6.63 -8.98 -34.76
N VAL A 1000 7.46 -9.37 -35.72
CA VAL A 1000 8.52 -10.32 -35.42
C VAL A 1000 9.68 -9.66 -34.71
N LEU A 1001 9.94 -8.39 -35.01
CA LEU A 1001 11.00 -7.69 -34.32
C LEU A 1001 10.66 -7.50 -32.86
N SER A 1002 9.41 -7.15 -32.57
CA SER A 1002 8.99 -7.02 -31.19
C SER A 1002 8.98 -8.35 -30.48
N ALA A 1003 8.53 -9.40 -31.15
CA ALA A 1003 8.52 -10.71 -30.51
C ALA A 1003 9.93 -11.18 -30.23
N MET A 1004 10.86 -10.88 -31.13
CA MET A 1004 12.26 -11.24 -30.92
C MET A 1004 12.86 -10.45 -29.76
N MET A 1005 12.46 -9.19 -29.59
CA MET A 1005 12.90 -8.44 -28.43
C MET A 1005 12.34 -9.01 -27.12
N SER A 1006 11.04 -9.30 -27.10
CA SER A 1006 10.42 -9.90 -25.92
C SER A 1006 11.10 -11.20 -25.55
N LEU A 1007 11.32 -12.07 -26.53
CA LEU A 1007 11.97 -13.35 -26.24
C LEU A 1007 13.43 -13.17 -25.85
N PHE A 1008 14.12 -12.17 -26.37
CA PHE A 1008 15.46 -11.88 -25.88
C PHE A 1008 15.43 -11.58 -24.40
N THR A 1009 14.52 -10.70 -23.98
CA THR A 1009 14.46 -10.43 -22.55
C THR A 1009 14.03 -11.63 -21.75
N VAL A 1010 13.25 -12.54 -22.32
CA VAL A 1010 12.88 -13.73 -21.56
C VAL A 1010 14.09 -14.64 -21.37
N SER A 1011 15.01 -14.65 -22.32
CA SER A 1011 16.14 -15.55 -22.23
C SER A 1011 17.16 -15.15 -21.18
N THR A 1012 17.25 -13.87 -20.84
CA THR A 1012 18.12 -13.45 -19.76
C THR A 1012 17.46 -13.61 -18.40
N PHE A 1013 16.25 -14.15 -18.36
CA PHE A 1013 15.50 -14.46 -17.15
C PHE A 1013 15.09 -13.23 -16.39
N GLU A 1014 14.89 -12.12 -17.07
CA GLU A 1014 14.55 -10.87 -16.39
C GLU A 1014 13.13 -10.50 -16.76
N GLY A 1015 12.28 -10.37 -15.75
CA GLY A 1015 10.90 -9.99 -15.99
C GLY A 1015 10.12 -10.98 -16.81
N TRP A 1016 10.53 -12.23 -16.84
CA TRP A 1016 9.82 -13.25 -17.59
C TRP A 1016 8.53 -13.71 -16.93
N PRO A 1017 8.37 -13.73 -15.61
CA PRO A 1017 7.05 -14.03 -15.07
C PRO A 1017 6.02 -12.97 -15.37
N GLN A 1018 6.44 -11.73 -15.59
CA GLN A 1018 5.48 -10.70 -15.92
C GLN A 1018 4.96 -10.85 -17.34
N LEU A 1019 5.76 -11.39 -18.24
CA LEU A 1019 5.27 -11.77 -19.56
C LEU A 1019 4.48 -13.06 -19.54
N LEU A 1020 4.85 -14.00 -18.67
CA LEU A 1020 4.11 -15.24 -18.57
C LEU A 1020 2.71 -15.02 -18.04
N TYR A 1021 2.54 -14.22 -17.01
CA TYR A 1021 1.22 -14.01 -16.47
C TYR A 1021 0.41 -13.05 -17.29
N ARG A 1022 1.01 -12.40 -18.25
CA ARG A 1022 0.29 -11.56 -19.18
C ARG A 1022 -0.10 -12.31 -20.42
N ALA A 1023 0.61 -13.39 -20.73
CA ALA A 1023 0.25 -14.32 -21.79
C ALA A 1023 -0.79 -15.32 -21.37
N ILE A 1024 -0.74 -15.79 -20.13
CA ILE A 1024 -1.80 -16.61 -19.57
C ILE A 1024 -3.14 -15.90 -19.58
N ASP A 1025 -3.15 -14.61 -19.29
CA ASP A 1025 -4.35 -13.80 -19.29
C ASP A 1025 -4.83 -13.38 -20.68
N SER A 1026 -4.09 -13.68 -21.74
CA SER A 1026 -4.44 -13.14 -23.04
C SER A 1026 -5.79 -13.66 -23.48
N ASN A 1027 -6.65 -12.73 -23.91
CA ASN A 1027 -8.05 -13.03 -24.17
C ASN A 1027 -8.35 -13.22 -25.65
N GLU A 1028 -8.22 -12.16 -26.44
CA GLU A 1028 -8.55 -12.18 -27.87
C GLU A 1028 -7.96 -10.93 -28.48
N GLU A 1029 -8.21 -10.74 -29.78
CA GLU A 1029 -7.30 -9.95 -30.58
C GLU A 1029 -7.27 -8.48 -30.16
N ASP A 1030 -8.33 -7.95 -29.60
CA ASP A 1030 -8.25 -6.55 -29.19
C ASP A 1030 -8.95 -6.31 -27.87
N MET A 1031 -8.83 -7.26 -26.95
CA MET A 1031 -9.52 -7.21 -25.68
C MET A 1031 -8.50 -7.34 -24.57
N GLY A 1032 -8.89 -6.92 -23.38
CA GLY A 1032 -8.02 -6.94 -22.24
C GLY A 1032 -7.96 -8.30 -21.61
N PRO A 1033 -7.14 -8.45 -20.58
CA PRO A 1033 -6.90 -9.79 -20.02
C PRO A 1033 -8.10 -10.38 -19.30
N VAL A 1034 -8.10 -11.70 -19.22
CA VAL A 1034 -9.06 -12.46 -18.44
C VAL A 1034 -8.25 -13.34 -17.50
N TYR A 1035 -8.32 -13.06 -16.22
CA TYR A 1035 -7.48 -13.71 -15.21
C TYR A 1035 -7.49 -15.22 -15.33
N ASN A 1036 -6.30 -15.79 -15.57
CA ASN A 1036 -6.07 -17.24 -15.63
C ASN A 1036 -6.87 -17.88 -16.75
N ASN A 1037 -6.94 -17.18 -17.87
CA ASN A 1037 -7.58 -17.69 -19.06
C ASN A 1037 -6.92 -18.95 -19.57
N ARG A 1038 -5.68 -18.82 -20.04
CA ARG A 1038 -4.98 -19.88 -20.76
C ARG A 1038 -3.71 -20.27 -20.03
N VAL A 1039 -3.85 -21.17 -19.07
CA VAL A 1039 -2.71 -21.58 -18.25
C VAL A 1039 -1.83 -22.54 -19.04
N GLU A 1040 -2.38 -23.16 -20.07
CA GLU A 1040 -1.59 -23.99 -20.95
C GLU A 1040 -0.62 -23.20 -21.79
N MET A 1041 -0.68 -21.88 -21.73
CA MET A 1041 0.23 -21.02 -22.46
C MET A 1041 1.56 -20.87 -21.77
N ALA A 1042 1.70 -21.44 -20.58
CA ALA A 1042 2.99 -21.49 -19.92
C ALA A 1042 3.96 -22.40 -20.64
N ILE A 1043 3.47 -23.43 -21.32
CA ILE A 1043 4.33 -24.35 -22.03
C ILE A 1043 5.24 -23.61 -22.99
N PHE A 1044 4.67 -22.79 -23.87
CA PHE A 1044 5.46 -22.00 -24.80
C PHE A 1044 6.65 -21.36 -24.12
N PHE A 1045 6.47 -20.84 -22.91
CA PHE A 1045 7.56 -20.16 -22.26
C PHE A 1045 8.55 -21.15 -21.66
N ILE A 1046 8.03 -22.17 -20.98
CA ILE A 1046 8.90 -23.13 -20.34
C ILE A 1046 9.68 -23.95 -21.36
N ILE A 1047 9.16 -24.10 -22.56
CA ILE A 1047 9.91 -24.77 -23.61
C ILE A 1047 10.96 -23.84 -24.19
N TYR A 1048 10.66 -22.55 -24.29
CA TYR A 1048 11.67 -21.64 -24.81
C TYR A 1048 12.87 -21.57 -23.88
N ILE A 1049 12.62 -21.34 -22.61
CA ILE A 1049 13.68 -21.24 -21.61
C ILE A 1049 14.53 -22.49 -21.60
N ILE A 1050 13.92 -23.66 -21.71
CA ILE A 1050 14.70 -24.89 -21.71
C ILE A 1050 15.52 -25.06 -22.98
N LEU A 1051 15.03 -24.61 -24.12
CA LEU A 1051 15.82 -24.71 -25.33
C LEU A 1051 16.98 -23.73 -25.34
N ILE A 1052 16.68 -22.44 -25.26
CA ILE A 1052 17.66 -21.39 -25.47
C ILE A 1052 18.45 -21.12 -24.21
N ALA A 1053 17.77 -20.92 -23.10
CA ALA A 1053 18.44 -20.41 -21.93
C ALA A 1053 19.16 -21.49 -21.15
N PHE A 1054 18.93 -22.74 -21.45
CA PHE A 1054 19.56 -23.83 -20.73
C PHE A 1054 20.32 -24.78 -21.65
N PHE A 1055 19.80 -25.04 -22.83
CA PHE A 1055 20.41 -26.05 -23.68
C PHE A 1055 21.33 -25.43 -24.72
N MET A 1056 20.80 -24.55 -25.55
CA MET A 1056 21.63 -23.95 -26.59
C MET A 1056 22.65 -23.00 -26.01
N MET A 1057 22.49 -22.58 -24.76
CA MET A 1057 23.52 -21.82 -24.10
C MET A 1057 24.64 -22.69 -23.59
N ASN A 1058 24.36 -23.94 -23.29
CA ASN A 1058 25.39 -24.85 -22.82
C ASN A 1058 25.96 -25.72 -23.92
N ILE A 1059 25.78 -25.32 -25.17
CA ILE A 1059 26.66 -25.76 -26.24
C ILE A 1059 27.30 -24.58 -26.97
N PHE A 1060 26.83 -23.37 -26.76
CA PHE A 1060 27.64 -22.21 -27.07
C PHE A 1060 28.85 -22.14 -26.15
N VAL A 1061 28.71 -22.65 -24.93
CA VAL A 1061 29.85 -22.73 -24.04
C VAL A 1061 30.81 -23.81 -24.48
N GLY A 1062 30.33 -24.96 -24.93
CA GLY A 1062 31.21 -25.99 -25.44
C GLY A 1062 32.00 -25.59 -26.67
N PHE A 1063 31.43 -24.74 -27.51
CA PHE A 1063 32.13 -24.23 -28.67
C PHE A 1063 33.16 -23.19 -28.32
N VAL A 1064 33.34 -22.90 -27.03
CA VAL A 1064 34.37 -21.99 -26.56
C VAL A 1064 35.49 -22.76 -25.87
N ILE A 1065 35.19 -23.84 -25.17
CA ILE A 1065 36.21 -24.74 -24.69
C ILE A 1065 37.03 -25.35 -25.82
N VAL A 1066 36.40 -25.77 -26.92
CA VAL A 1066 37.14 -26.33 -28.04
C VAL A 1066 37.94 -25.26 -28.78
N THR A 1067 37.76 -23.98 -28.45
CA THR A 1067 38.65 -22.95 -28.93
C THR A 1067 39.70 -22.60 -27.89
N PHE A 1068 39.61 -23.20 -26.71
CA PHE A 1068 40.56 -22.97 -25.63
C PHE A 1068 41.35 -24.23 -25.38
N GLN A 1069 40.64 -25.33 -25.07
CA GLN A 1069 41.32 -26.58 -24.73
C GLN A 1069 42.06 -27.14 -25.93
N GLU A 1070 41.53 -26.91 -27.13
CA GLU A 1070 42.23 -27.34 -28.34
C GLU A 1070 43.61 -26.71 -28.42
N GLN A 1071 43.66 -25.38 -28.40
CA GLN A 1071 44.90 -24.66 -28.64
C GLN A 1071 46.00 -25.08 -27.68
N GLY A 1072 45.73 -25.03 -26.38
CA GLY A 1072 46.71 -25.43 -25.40
C GLY A 1072 46.09 -26.12 -24.19
N ASP A 1082 55.31 -39.64 -20.75
CA ASP A 1082 53.90 -39.37 -20.47
C ASP A 1082 53.71 -37.90 -20.16
N LYS A 1083 52.50 -37.52 -19.71
CA LYS A 1083 52.23 -36.15 -19.32
C LYS A 1083 52.66 -35.86 -17.89
N ASN A 1084 52.36 -36.78 -16.98
CA ASN A 1084 52.86 -36.70 -15.62
C ASN A 1084 54.38 -36.65 -15.57
N GLN A 1085 55.04 -37.27 -16.55
CA GLN A 1085 56.49 -37.48 -16.47
C GLN A 1085 57.25 -36.17 -16.58
N ARG A 1086 57.04 -35.40 -17.63
CA ARG A 1086 57.78 -34.16 -17.79
C ARG A 1086 57.43 -33.15 -16.69
N GLN A 1087 56.19 -33.18 -16.20
CA GLN A 1087 55.79 -32.27 -15.15
C GLN A 1087 56.36 -32.63 -13.78
N CYS A 1088 56.66 -33.91 -13.53
CA CYS A 1088 57.36 -34.25 -12.29
C CYS A 1088 58.86 -34.30 -12.44
N VAL A 1089 59.37 -34.25 -13.68
CA VAL A 1089 60.79 -34.01 -13.87
C VAL A 1089 61.09 -32.51 -13.79
N GLN A 1090 60.13 -31.65 -14.11
CA GLN A 1090 60.35 -30.22 -13.94
C GLN A 1090 60.43 -29.80 -12.48
N TYR A 1091 59.61 -30.38 -11.62
CA TYR A 1091 59.62 -30.03 -10.21
C TYR A 1091 60.99 -30.30 -9.60
N ALA A 1092 61.45 -31.55 -9.67
CA ALA A 1092 62.74 -31.88 -9.10
C ALA A 1092 63.85 -31.04 -9.72
N LEU A 1093 63.70 -30.66 -10.98
CA LEU A 1093 64.76 -29.91 -11.64
C LEU A 1093 64.84 -28.46 -11.17
N LYS A 1094 63.72 -27.86 -10.78
CA LYS A 1094 63.75 -26.44 -10.41
C LYS A 1094 63.36 -26.17 -8.96
N ALA A 1095 63.09 -27.18 -8.16
CA ALA A 1095 62.61 -26.94 -6.81
C ALA A 1095 63.70 -26.30 -5.95
N ARG A 1096 63.30 -25.78 -4.79
CA ARG A 1096 64.15 -25.05 -3.87
C ARG A 1096 63.72 -25.40 -2.46
N PRO A 1097 64.66 -25.47 -1.51
CA PRO A 1097 64.33 -25.90 -0.15
C PRO A 1097 63.75 -24.77 0.69
N LEU A 1098 63.22 -25.17 1.85
CA LEU A 1098 62.53 -24.26 2.76
C LEU A 1098 63.46 -23.68 3.83
N ARG A 1099 62.86 -23.07 4.85
CA ARG A 1099 63.55 -22.68 6.07
C ARG A 1099 62.70 -23.16 7.25
N CYS A 1100 63.31 -23.27 8.41
CA CYS A 1100 62.54 -23.68 9.58
C CYS A 1100 62.82 -22.79 10.78
N TYR A 1101 64.02 -22.23 10.85
CA TYR A 1101 64.46 -21.40 11.97
C TYR A 1101 64.39 -22.17 13.30
N ILE A 1102 65.11 -23.27 13.39
CA ILE A 1102 65.22 -23.93 14.69
C ILE A 1102 66.02 -23.02 15.63
N PRO A 1103 65.58 -22.82 16.86
CA PRO A 1103 66.16 -21.75 17.68
C PRO A 1103 67.43 -22.17 18.39
N LYS A 1104 68.01 -21.19 19.08
CA LYS A 1104 69.18 -21.30 19.93
C LYS A 1104 68.76 -21.00 21.36
N ASN A 1105 69.75 -20.86 22.26
CA ASN A 1105 69.50 -20.23 23.55
C ASN A 1105 68.42 -20.98 24.32
N PRO A 1106 68.75 -22.10 24.97
CA PRO A 1106 67.75 -23.00 25.55
C PRO A 1106 66.49 -22.36 26.14
N TYR A 1107 66.53 -21.11 26.59
CA TYR A 1107 65.30 -20.43 27.01
C TYR A 1107 64.47 -20.03 25.80
N GLN A 1108 65.12 -19.53 24.75
CA GLN A 1108 64.41 -19.24 23.51
C GLN A 1108 63.89 -20.52 22.87
N TYR A 1109 64.71 -21.57 22.84
CA TYR A 1109 64.20 -22.87 22.42
C TYR A 1109 63.08 -23.35 23.33
N GLN A 1110 63.14 -23.01 24.61
CA GLN A 1110 62.12 -23.41 25.57
C GLN A 1110 60.76 -22.84 25.20
N VAL A 1111 60.68 -21.52 25.07
CA VAL A 1111 59.41 -20.93 24.67
C VAL A 1111 59.01 -21.41 23.28
N TRP A 1112 59.99 -21.49 22.36
CA TRP A 1112 59.72 -21.91 21.00
C TRP A 1112 58.99 -23.25 20.95
N TYR A 1113 59.51 -24.23 21.67
CA TYR A 1113 58.90 -25.56 21.65
C TYR A 1113 57.44 -25.51 22.10
N VAL A 1114 57.09 -24.59 23.00
CA VAL A 1114 55.69 -24.44 23.35
C VAL A 1114 54.90 -23.78 22.23
N VAL A 1115 55.43 -22.69 21.68
CA VAL A 1115 54.65 -21.86 20.76
C VAL A 1115 54.39 -22.57 19.44
N THR A 1116 55.28 -23.46 18.99
CA THR A 1116 55.05 -24.17 17.74
C THR A 1116 54.50 -25.57 17.97
N SER A 1117 54.10 -25.90 19.19
CA SER A 1117 53.51 -27.19 19.46
C SER A 1117 52.14 -27.29 18.80
N SER A 1118 51.80 -28.48 18.33
CA SER A 1118 50.55 -28.63 17.59
C SER A 1118 49.35 -28.30 18.46
N TYR A 1119 49.35 -28.76 19.71
CA TYR A 1119 48.20 -28.50 20.57
C TYR A 1119 48.09 -27.01 20.88
N PHE A 1120 49.20 -26.28 20.87
CA PHE A 1120 49.12 -24.84 20.92
C PHE A 1120 48.38 -24.28 19.72
N GLU A 1121 48.59 -24.86 18.54
CA GLU A 1121 47.87 -24.43 17.34
C GLU A 1121 46.45 -24.95 17.29
N TYR A 1122 46.06 -25.84 18.18
CA TYR A 1122 44.66 -26.14 18.39
C TYR A 1122 44.00 -25.22 19.41
N LEU A 1123 44.72 -24.92 20.49
CA LEU A 1123 44.25 -23.96 21.47
C LEU A 1123 44.05 -22.58 20.87
N MET A 1124 44.93 -22.17 19.95
CA MET A 1124 44.79 -20.83 19.36
C MET A 1124 43.81 -20.81 18.20
N PHE A 1125 43.33 -21.97 17.75
CA PHE A 1125 42.25 -22.00 16.78
C PHE A 1125 40.90 -22.19 17.44
N ALA A 1126 40.89 -22.64 18.69
CA ALA A 1126 39.67 -22.60 19.48
C ALA A 1126 39.27 -21.19 19.88
N LEU A 1127 40.24 -20.35 20.22
CA LEU A 1127 39.94 -18.99 20.64
C LEU A 1127 39.41 -18.13 19.51
N ILE A 1128 39.74 -18.44 18.26
CA ILE A 1128 39.15 -17.72 17.14
C ILE A 1128 37.70 -18.15 16.88
N MET A 1129 37.42 -19.45 16.90
CA MET A 1129 36.04 -19.89 16.81
C MET A 1129 35.21 -19.39 17.99
N LEU A 1130 35.85 -19.09 19.11
CA LEU A 1130 35.16 -18.48 20.24
C LEU A 1130 35.02 -16.98 20.08
N ASN A 1131 35.95 -16.33 19.41
CA ASN A 1131 35.84 -14.90 19.17
C ASN A 1131 34.82 -14.58 18.10
N THR A 1132 34.60 -15.51 17.16
CA THR A 1132 33.60 -15.29 16.13
C THR A 1132 32.20 -15.37 16.68
N ILE A 1133 31.93 -16.33 17.57
CA ILE A 1133 30.62 -16.42 18.20
C ILE A 1133 30.32 -15.15 18.98
N CYS A 1134 31.33 -14.56 19.62
CA CYS A 1134 31.06 -13.38 20.41
C CYS A 1134 30.69 -12.19 19.53
N LEU A 1135 31.31 -12.08 18.35
CA LEU A 1135 30.91 -11.05 17.41
C LEU A 1135 29.53 -11.32 16.83
N GLY A 1136 29.17 -12.60 16.71
CA GLY A 1136 27.87 -12.92 16.16
C GLY A 1136 26.73 -12.70 17.13
N MET A 1137 27.03 -12.77 18.42
CA MET A 1137 25.99 -12.64 19.43
C MET A 1137 25.45 -11.22 19.53
N GLN A 1138 26.12 -10.25 18.91
CA GLN A 1138 25.60 -8.90 18.88
C GLN A 1138 24.24 -8.86 18.23
N HIS A 1139 23.37 -7.98 18.71
CA HIS A 1139 22.10 -7.75 18.06
C HIS A 1139 21.71 -6.31 18.31
N TYR A 1140 20.51 -5.94 17.88
CA TYR A 1140 20.04 -4.56 17.96
C TYR A 1140 18.97 -4.46 19.03
N HIS A 1141 18.84 -3.25 19.58
CA HIS A 1141 17.89 -2.95 20.65
C HIS A 1141 17.98 -4.01 21.76
N GLN A 1142 19.20 -4.18 22.22
CA GLN A 1142 19.51 -5.07 23.34
C GLN A 1142 19.38 -4.28 24.63
N SER A 1143 19.86 -4.74 25.78
CA SER A 1143 19.78 -3.94 26.98
C SER A 1143 21.17 -3.69 27.57
N GLU A 1144 21.22 -3.12 28.76
CA GLU A 1144 22.42 -2.49 29.29
C GLU A 1144 23.44 -3.46 29.90
N GLU A 1145 23.42 -4.74 29.54
CA GLU A 1145 24.46 -5.64 30.00
C GLU A 1145 25.03 -6.53 28.89
N MET A 1146 24.57 -6.38 27.64
CA MET A 1146 25.18 -7.10 26.53
C MET A 1146 26.30 -6.32 25.86
N ASN A 1147 26.09 -5.02 25.65
CA ASN A 1147 27.16 -4.19 25.13
C ASN A 1147 28.31 -4.10 26.13
N HIS A 1148 27.98 -3.95 27.41
CA HIS A 1148 28.99 -3.74 28.43
C HIS A 1148 29.92 -4.94 28.55
N ILE A 1149 29.38 -6.16 28.39
CA ILE A 1149 30.22 -7.34 28.37
C ILE A 1149 30.88 -7.54 27.01
N SER A 1150 30.21 -7.13 25.93
CA SER A 1150 30.80 -7.25 24.60
C SER A 1150 32.11 -6.48 24.53
N ASP A 1151 32.12 -5.25 25.00
CA ASP A 1151 33.30 -4.42 24.77
C ASP A 1151 34.40 -4.70 25.78
N ILE A 1152 34.15 -5.50 26.81
CA ILE A 1152 35.26 -5.97 27.61
C ILE A 1152 35.76 -7.33 27.13
N LEU A 1153 34.89 -8.18 26.62
CA LEU A 1153 35.38 -9.39 25.97
C LEU A 1153 36.24 -9.04 24.76
N ASN A 1154 35.92 -7.94 24.07
CA ASN A 1154 36.78 -7.53 22.98
C ASN A 1154 38.18 -7.19 23.46
N VAL A 1155 38.29 -6.51 24.60
CA VAL A 1155 39.61 -6.20 25.15
C VAL A 1155 40.31 -7.47 25.59
N ALA A 1156 39.58 -8.41 26.18
CA ALA A 1156 40.19 -9.68 26.57
C ALA A 1156 40.79 -10.39 25.36
N PHE A 1157 40.05 -10.43 24.25
CA PHE A 1157 40.55 -11.11 23.06
C PHE A 1157 41.72 -10.36 22.43
N THR A 1158 41.66 -9.03 22.41
CA THR A 1158 42.81 -8.26 21.95
C THR A 1158 44.05 -8.61 22.74
N ILE A 1159 43.93 -8.73 24.06
CA ILE A 1159 45.10 -8.97 24.89
C ILE A 1159 45.61 -10.39 24.69
N ILE A 1160 44.70 -11.36 24.51
CA ILE A 1160 45.16 -12.72 24.27
C ILE A 1160 45.91 -12.81 22.95
N PHE A 1161 45.41 -12.16 21.89
CA PHE A 1161 46.10 -12.25 20.62
C PHE A 1161 47.41 -11.47 20.63
N THR A 1162 47.48 -10.35 21.33
CA THR A 1162 48.76 -9.69 21.49
C THR A 1162 49.74 -10.59 22.24
N LEU A 1163 49.26 -11.31 23.24
CA LEU A 1163 50.15 -12.18 24.01
C LEU A 1163 50.70 -13.30 23.14
N GLU A 1164 49.86 -13.89 22.29
CA GLU A 1164 50.37 -14.94 21.41
C GLU A 1164 51.33 -14.36 20.39
N MET A 1165 51.10 -13.12 19.94
CA MET A 1165 52.04 -12.48 19.01
C MET A 1165 53.40 -12.28 19.65
N ILE A 1166 53.46 -11.66 20.82
CA ILE A 1166 54.77 -11.41 21.45
C ILE A 1166 55.42 -12.72 21.87
N LEU A 1167 54.62 -13.71 22.25
CA LEU A 1167 55.16 -15.04 22.47
C LEU A 1167 55.90 -15.54 21.24
N LYS A 1168 55.27 -15.46 20.07
CA LYS A 1168 55.92 -15.96 18.87
C LYS A 1168 57.14 -15.12 18.50
N LEU A 1169 57.08 -13.82 18.76
CA LEU A 1169 58.23 -12.97 18.50
C LEU A 1169 59.42 -13.42 19.32
N LEU A 1170 59.19 -13.76 20.59
CA LEU A 1170 60.29 -14.18 21.45
C LEU A 1170 60.94 -15.46 20.94
N ALA A 1171 60.13 -16.38 20.41
CA ALA A 1171 60.68 -17.61 19.86
C ALA A 1171 61.46 -17.35 18.58
N PHE A 1172 60.79 -16.81 17.57
CA PHE A 1172 61.35 -16.69 16.23
C PHE A 1172 62.32 -15.54 16.07
N LYS A 1173 62.56 -14.77 17.13
CA LYS A 1173 63.65 -13.80 17.17
C LYS A 1173 63.46 -12.67 16.16
N ALA A 1174 62.21 -12.42 15.78
CA ALA A 1174 61.84 -11.21 15.03
C ALA A 1174 62.43 -11.19 13.63
N ARG A 1175 63.11 -12.26 13.25
CA ARG A 1175 63.74 -12.32 11.94
C ARG A 1175 63.22 -13.53 11.20
N GLY A 1176 63.06 -14.63 11.92
CA GLY A 1176 62.36 -15.79 11.42
C GLY A 1176 60.88 -15.69 11.59
N TYR A 1177 60.42 -14.60 12.19
CA TYR A 1177 59.00 -14.30 12.32
C TYR A 1177 58.44 -13.63 11.09
N PHE A 1178 59.08 -12.58 10.61
CA PHE A 1178 58.60 -11.85 9.45
C PHE A 1178 59.03 -12.48 8.14
N GLY A 1179 59.44 -13.74 8.17
CA GLY A 1179 59.76 -14.43 6.94
C GLY A 1179 58.53 -15.10 6.38
N ASP A 1180 57.56 -15.37 7.26
CA ASP A 1180 56.32 -16.05 6.94
C ASP A 1180 55.20 -15.05 6.76
N PRO A 1181 54.48 -15.09 5.64
CA PRO A 1181 53.48 -14.05 5.36
C PRO A 1181 52.26 -14.12 6.26
N TRP A 1182 51.92 -15.29 6.81
CA TRP A 1182 50.82 -15.33 7.75
C TRP A 1182 51.15 -14.64 9.06
N ASN A 1183 52.40 -14.70 9.51
CA ASN A 1183 52.81 -13.93 10.67
C ASN A 1183 52.79 -12.43 10.42
N VAL A 1184 53.09 -12.00 9.20
CA VAL A 1184 52.93 -10.59 8.84
C VAL A 1184 51.47 -10.16 8.84
N PHE A 1185 50.61 -10.92 8.16
CA PHE A 1185 49.18 -10.65 8.16
C PHE A 1185 48.57 -10.69 9.54
N ASP A 1186 49.13 -11.48 10.45
CA ASP A 1186 48.67 -11.49 11.83
C ASP A 1186 49.18 -10.32 12.64
N PHE A 1187 50.42 -9.89 12.42
CA PHE A 1187 50.92 -8.69 13.07
C PHE A 1187 50.10 -7.47 12.68
N LEU A 1188 49.69 -7.37 11.42
CA LEU A 1188 48.84 -6.26 11.02
C LEU A 1188 47.50 -6.30 11.75
N ILE A 1189 46.90 -7.49 11.87
CA ILE A 1189 45.62 -7.59 12.57
C ILE A 1189 45.77 -7.20 14.03
N VAL A 1190 46.86 -7.63 14.67
CA VAL A 1190 47.11 -7.22 16.05
C VAL A 1190 47.22 -5.71 16.17
N ILE A 1191 48.03 -5.07 15.33
CA ILE A 1191 48.22 -3.63 15.44
C ILE A 1191 46.94 -2.86 15.16
N GLY A 1192 46.09 -3.33 14.27
CA GLY A 1192 44.84 -2.65 14.03
C GLY A 1192 43.82 -2.86 15.14
N SER A 1193 43.74 -4.08 15.66
CA SER A 1193 42.79 -4.37 16.73
C SER A 1193 43.21 -3.75 18.05
N ILE A 1194 44.47 -3.36 18.20
CA ILE A 1194 44.84 -2.58 19.37
C ILE A 1194 44.39 -1.14 19.22
N ILE A 1195 44.59 -0.55 18.05
CA ILE A 1195 44.20 0.84 17.83
C ILE A 1195 42.69 1.00 17.94
N ASP A 1196 41.93 0.02 17.45
CA ASP A 1196 40.48 0.08 17.58
C ASP A 1196 40.07 0.14 19.05
N VAL A 1197 40.78 -0.58 19.92
CA VAL A 1197 40.49 -0.54 21.35
C VAL A 1197 40.57 0.89 21.87
N ILE A 1198 41.67 1.58 21.56
CA ILE A 1198 41.85 2.95 22.06
C ILE A 1198 40.78 3.86 21.49
N LEU A 1199 40.55 3.77 20.18
CA LEU A 1199 39.56 4.65 19.55
C LEU A 1199 38.19 4.48 20.19
N SER A 1200 37.85 3.24 20.56
CA SER A 1200 36.56 2.98 21.16
C SER A 1200 36.53 3.24 22.66
N GLU A 1201 37.68 3.28 23.33
CA GLU A 1201 37.72 3.55 24.76
C GLU A 1201 37.92 5.02 25.10
N ILE A 1202 38.41 5.83 24.16
CA ILE A 1202 38.59 7.25 24.43
C ILE A 1202 37.26 7.97 24.59
N ASP A 1203 36.16 7.33 24.20
CA ASP A 1203 34.85 7.99 24.27
C ASP A 1203 34.55 8.43 25.69
N THR A 1204 34.86 7.59 26.66
CA THR A 1204 34.61 7.85 28.07
C THR A 1204 35.91 8.02 28.84
N PHE A 1205 36.88 8.69 28.24
CA PHE A 1205 38.16 8.94 28.88
C PHE A 1205 38.54 10.41 28.95
N LEU A 1206 38.03 11.24 28.06
CA LEU A 1206 38.36 12.66 28.08
C LEU A 1206 37.13 13.49 28.44
N SER A 1232 35.08 6.59 13.10
CA SER A 1232 35.97 5.45 12.95
C SER A 1232 35.28 4.13 13.27
N ALA A 1233 34.25 3.83 12.51
CA ALA A 1233 33.56 2.56 12.62
C ALA A 1233 34.19 1.47 11.76
N PHE A 1234 35.19 1.82 10.96
CA PHE A 1234 35.85 0.85 10.10
C PHE A 1234 37.08 0.23 10.74
N PHE A 1235 37.51 0.72 11.91
CA PHE A 1235 38.55 0.02 12.65
C PHE A 1235 38.00 -1.19 13.37
N ARG A 1236 36.69 -1.26 13.58
CA ARG A 1236 36.04 -2.42 14.14
C ARG A 1236 36.09 -3.63 13.23
N LEU A 1237 36.54 -3.47 12.00
CA LEU A 1237 36.62 -4.57 11.05
C LEU A 1237 37.85 -5.42 11.25
N PHE A 1238 38.84 -4.97 12.01
CA PHE A 1238 40.03 -5.75 12.29
C PHE A 1238 39.79 -6.84 13.32
N ARG A 1239 38.58 -6.92 13.87
CA ARG A 1239 38.18 -8.02 14.73
C ARG A 1239 37.61 -9.18 13.96
N VAL A 1240 36.98 -8.91 12.82
CA VAL A 1240 36.42 -9.96 11.98
C VAL A 1240 37.47 -10.62 11.10
N MET A 1241 38.41 -9.86 10.56
CA MET A 1241 39.42 -10.43 9.70
C MET A 1241 40.40 -11.30 10.45
N ARG A 1242 40.27 -11.38 11.76
CA ARG A 1242 41.01 -12.35 12.55
C ARG A 1242 40.59 -13.76 12.23
N LEU A 1243 39.54 -13.94 11.46
CA LEU A 1243 38.98 -15.22 11.11
C LEU A 1243 39.65 -15.85 9.90
N ILE A 1244 40.32 -15.04 9.08
CA ILE A 1244 41.05 -15.58 7.94
C ILE A 1244 42.36 -16.22 8.35
N LYS A 1245 42.76 -16.11 9.61
CA LYS A 1245 43.86 -16.89 10.13
C LYS A 1245 43.54 -18.38 10.17
N LEU A 1246 42.25 -18.74 10.14
CA LEU A 1246 41.86 -20.14 10.04
C LEU A 1246 42.30 -20.73 8.71
N LEU A 1247 42.48 -19.88 7.71
CA LEU A 1247 42.81 -20.36 6.37
C LEU A 1247 44.12 -21.12 6.38
N SER A 1248 45.09 -20.63 7.15
CA SER A 1248 46.42 -21.25 7.22
C SER A 1248 46.34 -22.70 7.65
N ARG A 1249 45.32 -23.06 8.42
CA ARG A 1249 45.12 -24.47 8.76
C ARG A 1249 44.68 -25.28 7.55
N ALA A 1250 43.66 -24.81 6.85
CA ALA A 1250 43.01 -25.57 5.79
C ALA A 1250 43.96 -25.68 4.62
N GLU A 1251 44.54 -26.87 4.43
CA GLU A 1251 45.47 -27.06 3.33
C GLU A 1251 44.74 -27.07 2.00
N GLY A 1252 43.65 -27.83 1.91
CA GLY A 1252 42.94 -27.95 0.65
C GLY A 1252 42.29 -26.65 0.22
N VAL A 1253 41.69 -25.94 1.17
CA VAL A 1253 41.08 -24.66 0.85
C VAL A 1253 42.13 -23.66 0.40
N ARG A 1254 43.29 -23.66 1.05
CA ARG A 1254 44.33 -22.71 0.69
C ARG A 1254 44.90 -23.01 -0.68
N THR A 1255 45.14 -24.28 -1.01
CA THR A 1255 45.68 -24.58 -2.33
C THR A 1255 44.64 -24.29 -3.41
N LEU A 1256 43.36 -24.53 -3.13
CA LEU A 1256 42.34 -24.20 -4.12
C LEU A 1256 42.32 -22.70 -4.38
N LEU A 1257 42.31 -21.91 -3.30
CA LEU A 1257 42.37 -20.46 -3.43
C LEU A 1257 43.57 -20.03 -4.23
N TRP A 1258 44.76 -20.53 -3.88
CA TRP A 1258 45.96 -20.10 -4.59
C TRP A 1258 45.90 -20.49 -6.05
N THR A 1259 45.41 -21.68 -6.33
CA THR A 1259 45.41 -22.20 -7.69
C THR A 1259 44.50 -21.38 -8.59
N PHE A 1260 43.45 -20.81 -8.03
CA PHE A 1260 42.62 -19.95 -8.87
C PHE A 1260 43.08 -18.49 -8.86
N ILE A 1261 43.65 -18.02 -7.75
CA ILE A 1261 44.07 -16.62 -7.66
C ILE A 1261 45.29 -16.38 -8.53
N LYS A 1262 46.21 -17.33 -8.56
CA LYS A 1262 47.40 -17.18 -9.37
C LYS A 1262 47.08 -17.15 -10.86
N SER A 1263 46.08 -17.91 -11.28
CA SER A 1263 45.63 -17.88 -12.66
C SER A 1263 44.84 -16.64 -13.00
N PHE A 1264 44.14 -16.05 -12.04
CA PHE A 1264 43.55 -14.74 -12.29
C PHE A 1264 44.62 -13.69 -12.50
N GLN A 1265 45.76 -13.84 -11.85
CA GLN A 1265 46.87 -12.90 -11.91
C GLN A 1265 47.70 -13.05 -13.18
N ALA A 1266 47.71 -14.23 -13.78
CA ALA A 1266 48.44 -14.47 -15.02
C ALA A 1266 47.56 -14.27 -16.26
N LEU A 1267 46.40 -13.65 -16.10
CA LEU A 1267 45.47 -13.40 -17.22
C LEU A 1267 44.90 -12.00 -17.08
N PRO A 1268 45.74 -10.97 -17.11
CA PRO A 1268 45.26 -9.63 -16.79
C PRO A 1268 44.62 -8.90 -17.96
N TYR A 1269 44.86 -9.34 -19.19
CA TYR A 1269 44.32 -8.62 -20.34
C TYR A 1269 42.93 -9.10 -20.70
N VAL A 1270 42.59 -10.35 -20.39
CA VAL A 1270 41.22 -10.79 -20.55
C VAL A 1270 40.30 -9.99 -19.63
N ALA A 1271 40.81 -9.57 -18.48
CA ALA A 1271 40.05 -8.71 -17.58
C ALA A 1271 40.18 -7.25 -17.98
N LEU A 1272 41.31 -6.88 -18.59
CA LEU A 1272 41.43 -5.55 -19.14
C LEU A 1272 40.40 -5.30 -20.24
N LEU A 1273 40.01 -6.34 -20.96
CA LEU A 1273 38.98 -6.18 -21.96
C LEU A 1273 37.64 -5.77 -21.33
N ILE A 1274 37.29 -6.39 -20.21
CA ILE A 1274 36.05 -6.02 -19.52
C ILE A 1274 36.16 -4.60 -18.97
N VAL A 1275 37.32 -4.24 -18.45
CA VAL A 1275 37.49 -2.87 -17.97
C VAL A 1275 37.30 -1.88 -19.09
N MET A 1276 37.88 -2.17 -20.26
CA MET A 1276 37.74 -1.28 -21.41
C MET A 1276 36.30 -1.16 -21.87
N LEU A 1277 35.57 -2.29 -21.92
CA LEU A 1277 34.17 -2.26 -22.32
C LEU A 1277 33.34 -1.41 -21.37
N PHE A 1278 33.53 -1.60 -20.07
CA PHE A 1278 32.82 -0.77 -19.10
C PHE A 1278 33.15 0.70 -19.28
N PHE A 1279 34.42 1.04 -19.47
CA PHE A 1279 34.81 2.44 -19.63
C PHE A 1279 34.17 3.07 -20.86
N ILE A 1280 34.26 2.41 -22.01
CA ILE A 1280 33.67 2.94 -23.24
C ILE A 1280 32.17 3.10 -23.09
N TYR A 1281 31.46 2.10 -22.60
CA TYR A 1281 30.02 2.21 -22.52
C TYR A 1281 29.58 3.25 -21.50
N ALA A 1282 30.33 3.43 -20.41
CA ALA A 1282 29.97 4.44 -19.44
C ALA A 1282 30.25 5.84 -19.93
N VAL A 1283 31.24 6.00 -20.81
CA VAL A 1283 31.43 7.32 -21.41
C VAL A 1283 30.36 7.62 -22.43
N ILE A 1284 29.97 6.62 -23.23
CA ILE A 1284 28.89 6.83 -24.20
C ILE A 1284 27.57 7.15 -23.52
N GLY A 1285 27.16 6.35 -22.54
CA GLY A 1285 25.88 6.59 -21.89
C GLY A 1285 25.82 7.89 -21.14
N MET A 1286 26.95 8.44 -20.72
CA MET A 1286 26.92 9.73 -20.05
C MET A 1286 26.58 10.86 -21.00
N GLN A 1287 26.87 10.70 -22.29
CA GLN A 1287 26.45 11.67 -23.30
C GLN A 1287 25.08 11.38 -23.87
N MET A 1288 24.73 10.11 -24.05
CA MET A 1288 23.44 9.78 -24.64
C MET A 1288 22.30 9.94 -23.65
N PHE A 1289 22.50 9.53 -22.40
CA PHE A 1289 21.40 9.44 -21.44
C PHE A 1289 21.61 10.33 -20.22
N GLY A 1290 22.61 11.20 -20.24
CA GLY A 1290 23.00 11.84 -19.00
C GLY A 1290 22.11 12.95 -18.53
N LYS A 1291 21.21 13.45 -19.37
CA LYS A 1291 20.37 14.57 -19.00
C LYS A 1291 18.95 14.18 -18.64
N ILE A 1292 18.69 12.89 -18.42
CA ILE A 1292 17.38 12.48 -17.96
C ILE A 1292 17.24 12.84 -16.49
N ALA A 1293 16.01 13.13 -16.08
CA ALA A 1293 15.73 13.58 -14.72
C ALA A 1293 15.71 12.42 -13.75
N LEU A 1294 16.17 12.67 -12.53
CA LEU A 1294 16.16 11.67 -11.46
C LEU A 1294 14.85 11.77 -10.71
N VAL A 1295 13.91 10.87 -11.05
CA VAL A 1295 12.59 10.85 -10.47
C VAL A 1295 12.42 9.55 -9.71
N ASP A 1296 11.82 9.62 -8.52
CA ASP A 1296 11.56 8.41 -7.76
C ASP A 1296 10.34 7.69 -8.31
N GLY A 1297 10.38 6.36 -8.23
CA GLY A 1297 9.40 5.53 -8.89
C GLY A 1297 9.79 5.12 -10.28
N THR A 1298 10.81 5.73 -10.85
CA THR A 1298 11.35 5.36 -12.15
C THR A 1298 12.62 4.56 -11.91
N GLN A 1299 13.23 4.12 -12.98
CA GLN A 1299 14.46 3.36 -12.87
C GLN A 1299 15.69 4.23 -13.06
N ILE A 1300 15.53 5.45 -13.52
CA ILE A 1300 16.60 6.44 -13.48
C ILE A 1300 16.27 7.36 -12.31
N ASN A 1301 16.94 7.17 -11.18
CA ASN A 1301 16.64 7.90 -9.97
C ASN A 1301 17.92 8.26 -9.25
N ARG A 1302 17.83 8.60 -7.97
CA ARG A 1302 19.00 9.10 -7.27
C ARG A 1302 20.04 8.01 -7.02
N ASN A 1303 19.65 6.74 -7.03
CA ASN A 1303 20.62 5.68 -6.79
C ASN A 1303 21.17 5.09 -8.06
N ASN A 1304 20.51 5.32 -9.20
CA ASN A 1304 20.82 4.66 -10.45
C ASN A 1304 20.61 5.66 -11.56
N ASN A 1305 21.68 6.20 -12.12
CA ASN A 1305 21.57 7.25 -13.14
C ASN A 1305 22.82 7.24 -13.98
N PHE A 1306 22.91 8.22 -14.88
CA PHE A 1306 24.06 8.38 -15.76
C PHE A 1306 24.74 9.73 -15.59
N GLN A 1307 24.53 10.43 -14.48
CA GLN A 1307 24.95 11.82 -14.38
C GLN A 1307 26.44 11.93 -14.08
N THR A 1308 26.96 11.06 -13.24
CA THR A 1308 28.39 11.04 -12.96
C THR A 1308 28.99 9.82 -13.63
N PHE A 1309 30.31 9.69 -13.54
CA PHE A 1309 30.95 8.49 -14.08
C PHE A 1309 30.84 7.31 -13.15
N PRO A 1310 31.04 7.43 -11.84
CA PRO A 1310 30.79 6.27 -10.97
C PRO A 1310 29.36 5.79 -11.01
N GLN A 1311 28.40 6.70 -11.19
CA GLN A 1311 27.02 6.28 -11.28
C GLN A 1311 26.76 5.43 -12.51
N ALA A 1312 27.28 5.83 -13.65
CA ALA A 1312 27.16 5.06 -14.87
C ALA A 1312 27.90 3.74 -14.80
N VAL A 1313 29.08 3.69 -14.20
CA VAL A 1313 29.78 2.42 -14.07
C VAL A 1313 29.06 1.46 -13.15
N LEU A 1314 28.47 1.95 -12.07
CA LEU A 1314 27.68 1.08 -11.22
C LEU A 1314 26.37 0.66 -11.86
N LEU A 1315 25.75 1.51 -12.66
CA LEU A 1315 24.61 1.08 -13.46
C LEU A 1315 24.96 -0.02 -14.45
N LEU A 1316 26.12 0.07 -15.07
CA LEU A 1316 26.51 -0.98 -16.00
C LEU A 1316 26.88 -2.28 -15.30
N PHE A 1317 27.53 -2.22 -14.15
CA PHE A 1317 27.72 -3.39 -13.33
C PHE A 1317 26.39 -4.02 -12.93
N ARG A 1318 25.40 -3.20 -12.63
CA ARG A 1318 24.06 -3.69 -12.33
C ARG A 1318 23.42 -4.40 -13.52
N CYS A 1319 23.55 -3.85 -14.72
CA CYS A 1319 23.03 -4.50 -15.92
C CYS A 1319 23.79 -5.76 -16.30
N ALA A 1320 25.08 -5.81 -16.04
CA ALA A 1320 25.84 -7.06 -16.18
C ALA A 1320 25.32 -8.15 -15.27
N THR A 1321 25.12 -7.84 -14.00
CA THR A 1321 24.46 -8.76 -13.09
C THR A 1321 23.04 -9.09 -13.54
N GLY A 1322 22.47 -8.28 -14.43
CA GLY A 1322 21.14 -8.52 -14.94
C GLY A 1322 20.12 -8.30 -13.87
N GLU A 1323 19.90 -7.07 -13.46
CA GLU A 1323 18.97 -6.85 -12.37
C GLU A 1323 17.58 -6.50 -12.85
N ALA A 1324 17.42 -5.38 -13.53
CA ALA A 1324 16.21 -5.13 -14.27
C ALA A 1324 16.59 -4.39 -15.54
N TRP A 1325 17.65 -4.86 -16.18
CA TRP A 1325 18.25 -4.10 -17.26
C TRP A 1325 17.23 -3.68 -18.30
N GLN A 1326 16.15 -4.44 -18.45
CA GLN A 1326 15.12 -4.07 -19.39
C GLN A 1326 14.17 -3.03 -18.81
N GLU A 1327 14.22 -2.79 -17.51
CA GLU A 1327 13.48 -1.69 -16.93
C GLU A 1327 14.24 -0.38 -17.03
N ILE A 1328 15.57 -0.45 -17.04
CA ILE A 1328 16.40 0.71 -17.38
C ILE A 1328 16.30 1.01 -18.85
N LEU A 1329 16.33 0.00 -19.71
CA LEU A 1329 16.17 0.24 -21.13
C LEU A 1329 14.88 0.97 -21.44
N LEU A 1330 13.82 0.73 -20.70
CA LEU A 1330 12.58 1.44 -20.90
C LEU A 1330 12.54 2.80 -20.22
N ALA A 1331 13.57 3.17 -19.47
CA ALA A 1331 13.63 4.47 -18.84
C ALA A 1331 14.46 5.45 -19.62
N CYS A 1332 15.01 5.06 -20.75
CA CYS A 1332 15.73 5.94 -21.66
C CYS A 1332 15.15 5.71 -23.06
N SER A 1333 14.00 6.30 -23.36
CA SER A 1333 13.35 6.02 -24.63
C SER A 1333 12.60 7.24 -25.20
N TYR A 1334 13.21 8.40 -25.09
CA TYR A 1334 12.81 9.62 -25.77
C TYR A 1334 11.52 10.25 -25.22
N GLY A 1335 10.77 9.55 -24.40
CA GLY A 1335 9.60 10.20 -23.88
C GLY A 1335 9.86 10.78 -22.51
N LYS A 1336 11.10 11.17 -22.25
CA LYS A 1336 11.55 11.35 -20.89
C LYS A 1336 11.72 12.83 -20.56
N LEU A 1337 11.61 13.12 -19.28
CA LEU A 1337 11.72 14.46 -18.74
C LEU A 1337 13.20 14.86 -18.70
N CYS A 1338 13.50 16.07 -19.15
CA CYS A 1338 14.85 16.59 -19.05
C CYS A 1338 15.04 17.30 -17.72
N ASP A 1339 16.17 17.02 -17.06
CA ASP A 1339 16.34 17.56 -15.73
C ASP A 1339 16.61 19.05 -15.80
N PRO A 1340 16.14 19.81 -14.80
CA PRO A 1340 16.19 21.29 -14.90
C PRO A 1340 17.58 21.87 -15.12
N GLU A 1341 18.60 21.31 -14.46
CA GLU A 1341 19.94 21.83 -14.58
C GLU A 1341 20.41 21.85 -16.03
N SER A 1342 19.94 20.90 -16.84
CA SER A 1342 20.32 20.86 -18.24
C SER A 1342 19.71 22.04 -18.97
N ASP A 1343 20.17 22.27 -20.20
CA ASP A 1343 19.76 23.44 -20.97
C ASP A 1343 18.92 22.98 -22.15
N TYR A 1344 17.62 22.83 -21.91
CA TYR A 1344 16.68 22.55 -22.98
C TYR A 1344 15.92 23.82 -23.35
N ALA A 1345 15.48 23.89 -24.59
CA ALA A 1345 14.67 25.02 -25.02
C ALA A 1345 13.33 24.99 -24.31
N PRO A 1346 12.71 26.14 -24.07
CA PRO A 1346 11.45 26.15 -23.31
C PRO A 1346 10.36 25.39 -24.04
N GLY A 1347 9.39 24.90 -23.27
CA GLY A 1347 8.30 24.11 -23.79
C GLY A 1347 8.63 22.66 -24.07
N GLU A 1348 9.87 22.34 -24.46
CA GLU A 1348 10.24 20.98 -24.82
C GLU A 1348 11.20 20.44 -23.77
N GLU A 1349 10.64 19.91 -22.69
CA GLU A 1349 11.45 19.21 -21.70
C GLU A 1349 11.21 17.72 -21.70
N TYR A 1350 10.18 17.25 -22.41
CA TYR A 1350 9.99 15.82 -22.63
C TYR A 1350 10.60 15.38 -23.95
N THR A 1351 11.88 15.67 -24.14
CA THR A 1351 12.59 15.28 -25.34
C THR A 1351 13.91 14.61 -25.00
N CYS A 1352 14.07 14.18 -23.76
CA CYS A 1352 15.29 13.52 -23.33
C CYS A 1352 15.22 12.03 -23.59
N GLY A 1353 16.39 11.43 -23.77
CA GLY A 1353 16.47 10.01 -24.03
C GLY A 1353 16.40 9.69 -25.52
N THR A 1354 16.91 8.51 -25.87
CA THR A 1354 17.03 8.09 -27.25
C THR A 1354 16.45 6.70 -27.41
N ASN A 1355 16.07 6.36 -28.65
CA ASN A 1355 15.79 4.97 -28.95
C ASN A 1355 17.05 4.19 -29.25
N PHE A 1356 18.18 4.87 -29.41
CA PHE A 1356 19.50 4.28 -29.45
C PHE A 1356 19.68 3.33 -28.28
N ALA A 1357 18.95 3.60 -27.19
CA ALA A 1357 18.97 2.74 -26.02
C ALA A 1357 18.84 1.28 -26.39
N TYR A 1358 17.90 0.97 -27.28
CA TYR A 1358 17.65 -0.43 -27.61
C TYR A 1358 18.90 -1.11 -28.11
N TYR A 1359 19.69 -0.41 -28.93
CA TYR A 1359 20.96 -0.98 -29.36
C TYR A 1359 21.91 -1.06 -28.18
N TYR A 1360 22.13 0.07 -27.50
CA TYR A 1360 23.08 0.19 -26.43
C TYR A 1360 22.96 -0.97 -25.46
N PHE A 1361 21.82 -1.08 -24.81
CA PHE A 1361 21.64 -2.11 -23.80
C PHE A 1361 21.76 -3.50 -24.38
N ILE A 1362 21.17 -3.73 -25.55
CA ILE A 1362 21.24 -5.09 -26.07
C ILE A 1362 22.65 -5.43 -26.51
N SER A 1363 23.40 -4.44 -26.97
CA SER A 1363 24.77 -4.75 -27.34
C SER A 1363 25.64 -4.84 -26.11
N PHE A 1364 25.25 -4.21 -25.01
CA PHE A 1364 26.04 -4.37 -23.80
C PHE A 1364 25.90 -5.77 -23.27
N TYR A 1365 24.67 -6.17 -22.96
CA TYR A 1365 24.44 -7.49 -22.39
C TYR A 1365 25.17 -8.55 -23.17
N MET A 1366 24.90 -8.65 -24.46
CA MET A 1366 25.52 -9.67 -25.28
C MET A 1366 27.03 -9.63 -25.15
N LEU A 1367 27.64 -8.47 -25.41
CA LEU A 1367 29.10 -8.39 -25.28
C LEU A 1367 29.53 -8.72 -23.88
N CYS A 1368 28.86 -8.15 -22.89
CA CYS A 1368 29.28 -8.38 -21.52
C CYS A 1368 29.03 -9.83 -21.12
N ALA A 1369 28.10 -10.50 -21.80
CA ALA A 1369 27.89 -11.92 -21.51
C ALA A 1369 28.95 -12.76 -22.18
N PHE A 1370 29.48 -12.29 -23.31
CA PHE A 1370 30.45 -13.09 -24.03
C PHE A 1370 31.81 -13.04 -23.37
N LEU A 1371 32.25 -11.85 -22.96
CA LEU A 1371 33.56 -11.71 -22.36
C LEU A 1371 33.63 -12.46 -21.04
N ILE A 1372 32.56 -12.42 -20.25
CA ILE A 1372 32.57 -13.08 -18.95
C ILE A 1372 32.83 -14.57 -19.12
N ILE A 1373 31.99 -15.24 -19.90
CA ILE A 1373 32.26 -16.60 -20.35
C ILE A 1373 33.70 -16.77 -20.78
N ASN A 1374 34.19 -15.88 -21.64
CA ASN A 1374 35.55 -15.98 -22.12
C ASN A 1374 36.55 -15.94 -20.97
N LEU A 1375 36.32 -15.07 -19.99
CA LEU A 1375 37.20 -15.00 -18.83
C LEU A 1375 37.02 -16.19 -17.91
N PHE A 1376 35.86 -16.81 -17.89
CA PHE A 1376 35.71 -17.99 -17.05
C PHE A 1376 36.49 -19.16 -17.62
N VAL A 1377 36.13 -19.57 -18.85
CA VAL A 1377 36.84 -20.64 -19.55
C VAL A 1377 38.34 -20.45 -19.47
N ALA A 1378 38.83 -19.26 -19.82
CA ALA A 1378 40.26 -18.99 -19.75
C ALA A 1378 40.83 -19.40 -18.40
N VAL A 1379 40.26 -18.88 -17.31
CA VAL A 1379 40.78 -19.19 -15.99
C VAL A 1379 40.67 -20.67 -15.65
N ILE A 1380 39.67 -21.36 -16.19
CA ILE A 1380 39.56 -22.78 -15.93
C ILE A 1380 40.47 -23.59 -16.84
N MET A 1381 40.94 -23.01 -17.93
CA MET A 1381 41.80 -23.76 -18.82
C MET A 1381 43.26 -23.78 -18.38
N ASP A 1382 43.78 -22.72 -17.78
CA ASP A 1382 45.14 -22.81 -17.27
C ASP A 1382 45.22 -23.44 -15.90
N ASN A 1383 44.16 -24.09 -15.43
CA ASN A 1383 44.18 -24.87 -14.22
C ASN A 1383 43.82 -26.32 -14.47
N PHE A 1384 43.76 -26.73 -15.73
CA PHE A 1384 43.13 -28.00 -16.04
C PHE A 1384 43.91 -29.18 -15.49
N ASP A 1385 45.20 -29.03 -15.27
CA ASP A 1385 45.97 -30.15 -14.74
C ASP A 1385 45.64 -30.39 -13.28
N TYR A 1386 45.40 -29.31 -12.54
CA TYR A 1386 45.01 -29.46 -11.14
C TYR A 1386 43.58 -29.98 -11.00
N LEU A 1387 42.65 -29.44 -11.79
CA LEU A 1387 41.25 -29.81 -11.67
C LEU A 1387 40.96 -31.20 -12.21
N THR A 1388 41.90 -31.83 -12.90
CA THR A 1388 41.72 -33.14 -13.50
C THR A 1388 42.75 -34.11 -12.95
N ARG A 1389 43.21 -33.88 -11.72
CA ARG A 1389 44.39 -34.56 -11.18
C ARG A 1389 43.97 -35.84 -10.49
N ASP A 1390 44.44 -36.96 -11.02
CA ASP A 1390 44.37 -38.27 -10.36
C ASP A 1390 45.34 -38.26 -9.18
N TRP A 1391 44.80 -38.23 -7.96
CA TRP A 1391 45.65 -38.18 -6.77
C TRP A 1391 46.28 -39.53 -6.45
N SER A 1392 45.91 -40.59 -7.15
CA SER A 1392 46.51 -41.90 -6.92
C SER A 1392 47.94 -41.92 -7.43
N ILE A 1393 48.13 -41.50 -8.68
CA ILE A 1393 49.38 -41.72 -9.40
C ILE A 1393 50.51 -40.96 -8.74
N LEU A 1394 50.42 -39.64 -8.79
CA LEU A 1394 51.51 -38.79 -8.34
C LEU A 1394 50.99 -37.36 -8.35
N GLY A 1395 51.81 -36.45 -7.82
CA GLY A 1395 51.43 -35.07 -7.78
C GLY A 1395 52.44 -34.23 -7.03
N PRO A 1396 52.38 -32.92 -7.27
CA PRO A 1396 53.27 -32.02 -6.54
C PRO A 1396 53.02 -32.02 -5.04
N HIS A 1397 51.92 -32.63 -4.60
CA HIS A 1397 51.66 -32.67 -3.17
C HIS A 1397 52.65 -33.58 -2.45
N HIS A 1398 52.92 -34.76 -3.02
CA HIS A 1398 53.97 -35.61 -2.44
C HIS A 1398 55.30 -34.89 -2.42
N LEU A 1399 55.58 -34.09 -3.45
CA LEU A 1399 56.86 -33.42 -3.53
C LEU A 1399 56.94 -32.26 -2.53
N ASP A 1400 55.80 -31.69 -2.16
CA ASP A 1400 55.81 -30.73 -1.07
C ASP A 1400 55.99 -31.43 0.28
N GLU A 1401 55.42 -32.63 0.42
CA GLU A 1401 55.73 -33.46 1.59
C GLU A 1401 57.23 -33.68 1.71
N PHE A 1402 57.87 -33.99 0.58
CA PHE A 1402 59.32 -34.24 0.58
C PHE A 1402 60.08 -32.98 0.95
N LYS A 1403 59.68 -31.83 0.42
CA LYS A 1403 60.32 -30.58 0.82
C LYS A 1403 60.20 -30.36 2.32
N ALA A 1404 59.04 -30.71 2.90
CA ALA A 1404 58.84 -30.50 4.32
C ALA A 1404 59.76 -31.38 5.14
N ILE A 1405 59.80 -32.68 4.81
CA ILE A 1405 60.65 -33.60 5.56
C ILE A 1405 62.13 -33.27 5.36
N TRP A 1406 62.51 -32.77 4.20
CA TRP A 1406 63.87 -32.31 4.00
C TRP A 1406 64.20 -31.08 4.82
N ALA A 1407 63.25 -30.13 4.94
CA ALA A 1407 63.55 -28.90 5.66
C ALA A 1407 63.57 -29.13 7.17
N GLU A 1408 62.83 -30.13 7.65
CA GLU A 1408 62.88 -30.41 9.09
C GLU A 1408 64.30 -30.78 9.52
N TYR A 1409 64.91 -31.75 8.83
CA TYR A 1409 66.26 -32.16 9.19
C TYR A 1409 67.27 -31.05 8.93
N ASP A 1410 67.10 -30.30 7.85
CA ASP A 1410 68.03 -29.26 7.42
C ASP A 1410 67.32 -27.92 7.40
N PRO A 1411 67.18 -27.26 8.53
CA PRO A 1411 66.35 -26.04 8.58
C PRO A 1411 66.95 -24.90 7.80
N GLU A 1412 68.19 -24.55 8.11
CA GLU A 1412 68.95 -23.62 7.29
C GLU A 1412 69.20 -24.28 5.95
N ALA A 1413 68.90 -23.56 4.87
CA ALA A 1413 68.69 -24.21 3.58
C ALA A 1413 69.90 -25.03 3.17
N LYS A 1414 71.02 -24.38 2.85
CA LYS A 1414 72.34 -25.01 2.88
C LYS A 1414 72.47 -26.25 1.98
N GLY A 1415 71.39 -26.66 1.32
CA GLY A 1415 71.47 -27.75 0.38
C GLY A 1415 71.67 -29.15 0.92
N ARG A 1416 72.71 -29.36 1.71
CA ARG A 1416 73.20 -30.71 1.97
C ARG A 1416 72.70 -31.27 3.30
N ILE A 1417 72.52 -32.60 3.33
CA ILE A 1417 72.35 -33.33 4.57
C ILE A 1417 73.24 -34.56 4.55
N LYS A 1418 73.41 -35.17 5.72
CA LYS A 1418 74.38 -36.26 5.87
C LYS A 1418 73.69 -37.60 5.69
N HIS A 1419 74.46 -38.57 5.21
CA HIS A 1419 73.90 -39.79 4.64
C HIS A 1419 73.08 -40.56 5.67
N LEU A 1420 73.45 -40.49 6.93
CA LEU A 1420 72.72 -41.22 7.97
C LEU A 1420 71.28 -40.71 8.06
N ASP A 1421 71.10 -39.41 8.30
CA ASP A 1421 69.77 -38.83 8.29
C ASP A 1421 69.08 -39.06 6.96
N VAL A 1422 69.85 -39.05 5.86
CA VAL A 1422 69.27 -39.25 4.54
C VAL A 1422 68.55 -40.59 4.46
N VAL A 1423 69.27 -41.68 4.74
CA VAL A 1423 68.64 -42.98 4.63
C VAL A 1423 67.58 -43.17 5.73
N THR A 1424 67.77 -42.55 6.89
CA THR A 1424 66.80 -42.69 7.96
C THR A 1424 65.44 -42.12 7.56
N LEU A 1425 65.42 -40.94 6.93
CA LEU A 1425 64.19 -40.30 6.51
C LEU A 1425 63.50 -41.03 5.37
N LEU A 1426 64.17 -42.00 4.74
CA LEU A 1426 63.60 -42.66 3.58
C LEU A 1426 62.36 -43.48 3.92
N ARG A 1427 62.29 -44.01 5.14
CA ARG A 1427 61.14 -44.82 5.53
C ARG A 1427 59.86 -44.02 5.55
N ARG A 1428 59.93 -42.74 5.90
CA ARG A 1428 58.77 -41.87 6.02
C ARG A 1428 58.01 -41.79 4.71
N ILE A 1429 58.71 -41.38 3.65
CA ILE A 1429 58.05 -40.95 2.42
C ILE A 1429 57.30 -42.13 1.81
N GLN A 1430 56.02 -41.90 1.49
CA GLN A 1430 55.04 -42.89 1.09
C GLN A 1430 55.51 -43.72 -0.10
N PRO A 1431 54.84 -44.83 -0.41
CA PRO A 1431 55.24 -45.66 -1.55
C PRO A 1431 55.32 -44.87 -2.85
N PRO A 1432 54.32 -44.02 -3.18
CA PRO A 1432 54.35 -43.37 -4.50
C PRO A 1432 55.68 -42.73 -4.86
N LEU A 1433 56.37 -42.10 -3.92
CA LEU A 1433 57.70 -41.59 -4.19
C LEU A 1433 58.79 -42.42 -3.55
N GLY A 1434 58.70 -42.69 -2.25
CA GLY A 1434 59.65 -43.56 -1.59
C GLY A 1434 59.52 -45.02 -1.99
N MET B 1 69.63 -8.33 -1.45
CA MET B 1 69.38 -6.90 -1.59
C MET B 1 68.36 -6.65 -2.71
N SER B 2 67.90 -7.76 -3.29
CA SER B 2 66.85 -7.68 -4.32
C SER B 2 65.64 -6.87 -3.89
N PRO B 3 65.21 -6.86 -2.62
CA PRO B 3 64.13 -5.94 -2.22
C PRO B 3 64.60 -4.56 -1.77
N THR B 4 65.89 -4.35 -1.56
CA THR B 4 66.39 -3.08 -1.04
C THR B 4 67.22 -2.29 -2.03
N GLU B 5 67.64 -2.90 -3.14
CA GLU B 5 68.44 -2.20 -4.13
C GLU B 5 67.69 -2.00 -5.43
N ALA B 6 66.58 -2.70 -5.63
CA ALA B 6 65.82 -2.55 -6.85
C ALA B 6 65.11 -1.20 -6.87
N PRO B 7 64.96 -0.59 -8.04
CA PRO B 7 64.49 0.80 -8.08
C PRO B 7 63.03 0.97 -7.75
N LYS B 8 62.21 -0.05 -7.98
CA LYS B 8 60.78 0.09 -7.74
C LYS B 8 60.44 0.12 -6.26
N VAL B 9 61.39 -0.18 -5.38
CA VAL B 9 61.15 -0.11 -3.95
C VAL B 9 61.60 1.26 -3.48
N ARG B 10 62.60 1.82 -4.17
CA ARG B 10 63.08 3.14 -3.77
C ARG B 10 62.14 4.24 -4.26
N VAL B 11 61.52 4.08 -5.43
CA VAL B 11 60.50 5.06 -5.81
C VAL B 11 59.42 5.12 -4.75
N THR B 12 59.05 3.98 -4.17
CA THR B 12 58.03 3.98 -3.14
C THR B 12 58.56 4.56 -1.83
N LEU B 13 59.75 4.11 -1.41
CA LEU B 13 60.34 4.59 -0.17
C LEU B 13 60.55 6.10 -0.23
N PHE B 14 60.61 6.67 -1.42
CA PHE B 14 60.71 8.12 -1.57
C PHE B 14 59.32 8.75 -1.64
N CYS B 15 58.40 8.13 -2.37
CA CYS B 15 57.04 8.66 -2.51
C CYS B 15 56.33 8.70 -1.17
N ILE B 16 56.79 7.90 -0.21
CA ILE B 16 56.20 7.99 1.12
C ILE B 16 56.79 9.16 1.89
N LEU B 17 58.01 9.58 1.54
CA LEU B 17 58.59 10.76 2.19
C LEU B 17 57.78 12.02 1.87
N VAL B 18 57.19 12.06 0.68
CA VAL B 18 56.28 13.15 0.35
C VAL B 18 55.10 13.15 1.32
N GLY B 19 54.52 11.97 1.56
CA GLY B 19 53.46 11.86 2.54
C GLY B 19 53.92 12.24 3.93
N ILE B 20 55.17 11.92 4.26
CA ILE B 20 55.72 12.27 5.56
C ILE B 20 55.77 13.79 5.73
N VAL B 21 56.26 14.51 4.72
CA VAL B 21 56.37 15.96 4.88
C VAL B 21 54.98 16.61 4.85
N LEU B 22 54.10 16.17 3.96
CA LEU B 22 52.74 16.72 3.96
C LEU B 22 51.95 16.28 5.17
N ALA B 23 52.40 15.25 5.87
CA ALA B 23 51.74 14.82 7.10
C ALA B 23 52.20 15.64 8.29
N MET B 24 53.50 15.91 8.40
CA MET B 24 53.93 16.87 9.40
C MET B 24 53.44 18.27 9.06
N THR B 25 53.10 18.52 7.79
CA THR B 25 52.51 19.78 7.35
C THR B 25 51.03 19.88 7.71
N ALA B 26 50.29 18.79 7.56
CA ALA B 26 48.87 18.79 7.88
C ALA B 26 48.64 18.92 9.38
N VAL B 27 49.64 18.59 10.20
CA VAL B 27 49.47 18.60 11.64
C VAL B 27 49.67 19.99 12.23
N VAL B 28 50.37 20.88 11.54
CA VAL B 28 50.67 22.20 12.08
C VAL B 28 50.15 23.34 11.21
N SER B 29 49.57 23.06 10.05
CA SER B 29 49.07 24.12 9.17
C SER B 29 47.56 24.23 9.35
N ASP B 30 47.13 25.39 9.86
CA ASP B 30 45.71 25.64 10.12
C ASP B 30 45.13 26.51 9.00
N HIS B 31 44.83 25.85 7.88
CA HIS B 31 44.22 26.52 6.74
C HIS B 31 43.19 25.62 6.05
N TRP B 32 42.73 24.58 6.75
CA TRP B 32 41.97 23.55 6.03
C TRP B 32 40.46 23.61 6.20
N ALA B 33 39.90 24.73 6.65
CA ALA B 33 38.46 24.90 6.66
C ALA B 33 38.16 26.37 6.89
N VAL B 34 36.94 26.78 6.54
CA VAL B 34 36.50 28.16 6.68
C VAL B 34 35.12 28.16 7.31
N LEU B 35 34.80 29.23 8.04
CA LEU B 35 33.41 29.52 8.37
C LEU B 35 33.04 30.90 7.85
N SER B 36 31.81 31.02 7.35
CA SER B 36 31.22 32.31 6.99
C SER B 36 29.79 32.36 7.53
N PRO B 37 29.60 32.77 8.79
CA PRO B 37 28.24 32.85 9.35
C PRO B 37 27.38 33.88 8.63
N HIS B 38 27.86 35.11 8.61
CA HIS B 38 27.21 36.21 7.90
C HIS B 38 25.75 36.40 8.31
N CYS B 46 32.51 40.75 7.78
CA CYS B 46 33.30 39.54 7.55
C CYS B 46 34.11 39.15 8.78
N GLU B 47 33.96 37.89 9.18
CA GLU B 47 34.54 37.32 10.38
C GLU B 47 35.08 35.92 10.11
N ALA B 48 35.77 35.76 8.98
CA ALA B 48 36.14 34.42 8.51
C ALA B 48 37.14 33.76 9.45
N ALA B 49 36.92 32.50 9.76
CA ALA B 49 37.87 31.72 10.54
C ALA B 49 38.59 30.73 9.63
N HIS B 50 39.84 30.44 9.98
CA HIS B 50 40.61 29.42 9.31
C HIS B 50 40.89 28.33 10.34
N PHE B 51 40.51 27.09 10.01
CA PHE B 51 40.53 26.03 11.01
C PHE B 51 41.82 25.24 10.95
N GLY B 52 42.03 24.44 11.97
CA GLY B 52 43.16 23.54 12.03
C GLY B 52 42.80 22.46 13.02
N LEU B 53 43.77 21.64 13.40
CA LEU B 53 43.52 20.61 14.40
C LEU B 53 43.86 21.04 15.82
N TRP B 54 44.82 21.96 15.99
CA TRP B 54 45.21 22.41 17.32
C TRP B 54 44.48 23.68 17.74
N ARG B 55 44.28 24.61 16.80
CA ARG B 55 43.56 25.84 17.05
C ARG B 55 42.84 26.25 15.77
N ILE B 56 41.62 26.72 15.92
CA ILE B 56 40.91 27.43 14.86
C ILE B 56 41.06 28.91 15.16
N CYS B 57 41.08 29.76 14.14
CA CYS B 57 41.54 31.09 14.47
C CYS B 57 41.09 32.14 13.46
N THR B 58 40.84 33.34 13.96
CA THR B 58 40.31 34.43 13.14
C THR B 58 41.29 35.51 12.65
N LYS B 59 40.71 36.44 11.90
CA LYS B 59 41.42 37.58 11.33
C LYS B 59 40.34 38.53 10.79
N ARG B 60 40.48 39.82 11.08
CA ARG B 60 39.50 40.81 10.64
C ARG B 60 39.21 40.73 9.15
N GLY B 76 44.02 43.71 12.27
CA GLY B 76 43.12 42.57 12.24
C GLY B 76 43.07 41.84 13.57
N GLU B 77 42.07 40.97 13.73
CA GLU B 77 41.92 40.21 14.96
C GLU B 77 42.82 38.98 14.98
N LYS B 78 44.12 39.20 15.16
CA LYS B 78 45.08 38.13 15.19
C LYS B 78 45.11 37.46 16.56
N ASN B 79 44.41 36.33 16.66
CA ASN B 79 44.34 35.57 17.90
C ASN B 79 43.86 34.17 17.59
N CYS B 80 44.65 33.17 17.98
CA CYS B 80 44.27 31.78 17.71
C CYS B 80 44.15 30.90 18.96
N SER B 81 43.05 30.13 19.04
CA SER B 81 42.78 29.28 20.22
C SER B 81 42.45 27.80 19.98
N TYR B 82 41.78 27.21 20.98
CA TYR B 82 41.38 25.82 21.03
C TYR B 82 39.89 25.75 21.34
N PHE B 83 39.39 24.57 21.68
CA PHE B 83 38.01 24.44 22.14
C PHE B 83 37.85 23.25 23.08
N SER B 104 36.38 17.85 20.60
CA SER B 104 36.99 18.46 19.42
C SER B 104 38.45 18.05 19.26
N ILE B 105 39.14 17.83 20.37
CA ILE B 105 40.56 17.49 20.31
C ILE B 105 40.78 16.05 19.88
N SER B 106 39.70 15.32 19.55
CA SER B 106 39.83 13.94 19.11
C SER B 106 40.67 13.84 17.85
N ALA B 107 40.41 14.72 16.88
CA ALA B 107 41.18 14.72 15.65
C ALA B 107 42.67 14.95 15.92
N ALA B 108 42.98 15.89 16.81
CA ALA B 108 44.37 16.20 17.10
C ALA B 108 45.06 15.06 17.84
N ALA B 109 44.34 14.42 18.77
CA ALA B 109 44.94 13.31 19.50
C ALA B 109 45.22 12.13 18.58
N ILE B 110 44.25 11.76 17.74
CA ILE B 110 44.49 10.63 16.84
C ILE B 110 45.51 11.02 15.78
N SER B 111 45.65 12.31 15.50
CA SER B 111 46.71 12.73 14.57
C SER B 111 48.07 12.64 15.22
N VAL B 112 48.18 12.89 16.51
CA VAL B 112 49.42 12.58 17.21
C VAL B 112 49.70 11.09 17.14
N PHE B 113 48.66 10.27 17.30
CA PHE B 113 48.81 8.83 17.11
C PHE B 113 49.37 8.51 15.73
N SER B 114 48.82 9.15 14.69
CA SER B 114 49.26 8.91 13.32
C SER B 114 50.71 9.30 13.11
N LEU B 115 51.08 10.50 13.56
CA LEU B 115 52.44 10.96 13.45
C LEU B 115 53.40 10.02 14.18
N GLY B 116 53.00 9.54 15.35
CA GLY B 116 53.86 8.60 16.08
C GLY B 116 53.99 7.27 15.36
N PHE B 117 52.92 6.81 14.74
CA PHE B 117 53.02 5.62 13.91
C PHE B 117 54.05 5.79 12.82
N LEU B 118 54.03 6.95 12.16
CA LEU B 118 54.97 7.17 11.07
C LEU B 118 56.41 7.30 11.57
N ILE B 119 56.58 7.93 12.74
CA ILE B 119 57.90 7.92 13.38
C ILE B 119 58.36 6.48 13.58
N MET B 120 57.50 5.64 14.17
CA MET B 120 57.83 4.24 14.36
C MET B 120 58.17 3.53 13.07
N GLY B 121 57.48 3.86 11.99
CA GLY B 121 57.70 3.19 10.73
C GLY B 121 59.02 3.57 10.10
N THR B 122 59.39 4.85 10.22
CA THR B 122 60.63 5.32 9.60
C THR B 122 61.87 4.71 10.23
N ILE B 123 61.88 4.54 11.55
CA ILE B 123 63.05 3.98 12.21
C ILE B 123 63.42 2.64 11.60
N CYS B 124 62.44 1.73 11.51
CA CYS B 124 62.73 0.42 10.94
C CYS B 124 62.93 0.49 9.43
N ALA B 125 62.15 1.32 8.74
CA ALA B 125 62.31 1.44 7.30
C ALA B 125 63.71 1.90 6.95
N LEU B 126 64.42 2.52 7.90
CA LEU B 126 65.83 2.79 7.66
C LEU B 126 66.72 1.69 8.18
N MET B 127 66.54 1.29 9.45
CA MET B 127 67.39 0.27 10.06
C MET B 127 67.42 -1.03 9.25
N ALA B 128 66.52 -1.18 8.28
CA ALA B 128 66.54 -2.35 7.42
C ALA B 128 67.66 -2.33 6.38
N PHE B 129 68.47 -1.28 6.30
CA PHE B 129 69.38 -1.16 5.17
C PHE B 129 70.68 -1.94 5.36
N ARG B 130 71.22 -1.99 6.57
CA ARG B 130 72.47 -2.67 6.82
C ARG B 130 72.23 -4.00 7.53
N LYS B 131 73.29 -4.80 7.61
CA LYS B 131 73.31 -6.05 8.38
C LYS B 131 72.35 -7.10 7.84
N LYS B 132 72.09 -7.10 6.54
CA LYS B 132 71.31 -8.17 5.91
C LYS B 132 69.87 -8.20 6.42
N ARG B 133 69.38 -7.05 6.88
CA ARG B 133 68.05 -6.97 7.46
C ARG B 133 67.03 -6.48 6.42
N ASP B 134 66.86 -7.26 5.36
CA ASP B 134 65.85 -6.94 4.36
C ASP B 134 64.44 -7.06 4.94
N TYR B 135 64.20 -8.16 5.67
CA TYR B 135 62.89 -8.45 6.25
C TYR B 135 62.26 -7.25 6.94
N LEU B 136 63.09 -6.39 7.53
CA LEU B 136 62.57 -5.30 8.35
C LEU B 136 61.72 -4.32 7.56
N LEU B 137 61.61 -4.49 6.24
CA LEU B 137 60.73 -3.63 5.48
C LEU B 137 59.28 -4.08 5.51
N ARG B 138 58.97 -5.22 6.13
CA ARG B 138 57.59 -5.66 6.21
C ARG B 138 56.86 -4.99 7.37
N PRO B 139 57.39 -4.99 8.60
CA PRO B 139 56.71 -4.21 9.64
C PRO B 139 56.68 -2.72 9.33
N ALA B 140 57.80 -2.15 8.90
CA ALA B 140 57.86 -0.73 8.55
C ALA B 140 56.70 -0.35 7.64
N SER B 141 56.61 -1.01 6.49
CA SER B 141 55.50 -0.84 5.57
C SER B 141 54.18 -0.77 6.31
N MET B 142 53.87 -1.80 7.09
CA MET B 142 52.57 -1.85 7.76
C MET B 142 52.34 -0.62 8.62
N PHE B 143 53.36 -0.20 9.38
CA PHE B 143 53.20 0.98 10.22
C PHE B 143 52.75 2.18 9.41
N TYR B 144 53.39 2.40 8.26
CA TYR B 144 53.01 3.53 7.42
C TYR B 144 51.53 3.49 7.11
N VAL B 145 51.04 2.31 6.71
CA VAL B 145 49.62 2.16 6.42
C VAL B 145 48.79 2.75 7.54
N PHE B 146 49.07 2.31 8.77
CA PHE B 146 48.24 2.73 9.89
C PHE B 146 48.26 4.23 10.04
N ALA B 147 49.43 4.85 9.89
CA ALA B 147 49.50 6.31 9.93
C ALA B 147 48.46 6.91 9.01
N GLY B 148 48.55 6.56 7.72
CA GLY B 148 47.57 7.01 6.75
C GLY B 148 46.17 6.77 7.26
N LEU B 149 45.92 5.54 7.72
CA LEU B 149 44.61 5.20 8.26
C LEU B 149 44.14 6.22 9.27
N CYS B 150 44.93 6.46 10.32
CA CYS B 150 44.51 7.42 11.33
C CYS B 150 44.27 8.79 10.71
N LEU B 151 45.16 9.22 9.82
CA LEU B 151 44.95 10.51 9.17
C LEU B 151 43.59 10.57 8.49
N PHE B 152 43.21 9.49 7.79
CA PHE B 152 41.87 9.41 7.21
C PHE B 152 40.82 9.66 8.28
N VAL B 153 40.89 8.90 9.38
CA VAL B 153 40.00 9.16 10.51
C VAL B 153 40.01 10.63 10.86
N SER B 154 41.21 11.21 11.02
CA SER B 154 41.31 12.63 11.36
C SER B 154 40.42 13.46 10.45
N LEU B 155 40.61 13.29 9.14
CA LEU B 155 39.81 14.02 8.16
C LEU B 155 38.37 14.05 8.61
N GLU B 156 37.79 12.86 8.73
CA GLU B 156 36.36 12.76 8.88
C GLU B 156 35.88 13.50 10.12
N VAL B 157 36.58 13.32 11.25
CA VAL B 157 36.03 13.92 12.47
C VAL B 157 35.97 15.43 12.32
N MET B 158 37.02 16.01 11.73
CA MET B 158 36.98 17.44 11.52
C MET B 158 35.84 17.79 10.58
N ARG B 159 35.75 17.07 9.47
CA ARG B 159 34.59 17.20 8.60
C ARG B 159 33.30 17.16 9.40
N GLN B 160 33.19 16.17 10.29
CA GLN B 160 31.98 16.04 11.09
C GLN B 160 31.73 17.28 11.93
N SER B 161 32.76 17.76 12.64
CA SER B 161 32.58 18.97 13.42
C SER B 161 32.22 20.14 12.52
N VAL B 162 32.81 20.19 11.33
CA VAL B 162 32.51 21.29 10.41
C VAL B 162 31.01 21.33 10.12
N LYS B 163 30.35 20.18 10.16
CA LYS B 163 28.93 20.09 9.84
C LYS B 163 28.04 20.11 11.08
N ARG B 164 28.57 20.57 12.21
CA ARG B 164 27.75 20.94 13.36
C ARG B 164 28.04 22.36 13.83
N MET B 165 28.59 23.21 12.97
CA MET B 165 28.80 24.61 13.30
C MET B 165 28.09 25.50 12.27
N ILE B 174 25.86 30.75 7.02
CA ILE B 174 27.14 30.07 7.19
C ILE B 174 27.52 29.23 5.97
N GLU B 175 28.75 29.41 5.54
CA GLU B 175 29.36 28.68 4.45
C GLU B 175 30.64 28.03 4.94
N TYR B 176 30.92 26.83 4.42
CA TYR B 176 32.12 26.09 4.78
C TYR B 176 32.96 25.87 3.53
N TYR B 177 34.22 25.52 3.75
CA TYR B 177 35.15 25.28 2.66
C TYR B 177 36.41 24.61 3.18
N TYR B 178 36.85 23.52 2.55
CA TYR B 178 38.16 22.95 2.84
C TYR B 178 39.13 23.43 1.78
N SER B 179 40.15 24.17 2.21
CA SER B 179 40.86 25.09 1.33
C SER B 179 42.30 24.69 1.04
N TRP B 180 43.15 24.61 2.06
CA TRP B 180 44.57 24.40 1.83
C TRP B 180 45.09 23.12 2.47
N SER B 181 44.94 22.97 3.78
CA SER B 181 45.55 21.84 4.48
C SER B 181 44.74 20.57 4.32
N PHE B 182 43.49 20.69 3.87
CA PHE B 182 42.70 19.50 3.61
C PHE B 182 43.28 18.70 2.47
N ALA B 183 43.66 19.36 1.38
CA ALA B 183 44.34 18.64 0.30
C ALA B 183 45.70 18.13 0.75
N CYS B 184 46.37 18.86 1.65
CA CYS B 184 47.59 18.35 2.25
C CYS B 184 47.36 16.97 2.85
N ALA B 185 46.35 16.85 3.71
CA ALA B 185 46.10 15.57 4.37
C ALA B 185 45.51 14.54 3.40
N CYS B 186 44.59 14.94 2.53
CA CYS B 186 44.01 13.98 1.58
C CYS B 186 44.99 13.58 0.50
N ALA B 187 46.18 14.17 0.46
CA ALA B 187 47.23 13.62 -0.38
C ALA B 187 48.21 12.79 0.45
N ALA B 188 48.60 13.27 1.63
CA ALA B 188 49.56 12.53 2.44
C ALA B 188 48.97 11.21 2.90
N PHE B 189 47.69 11.20 3.29
CA PHE B 189 47.04 9.95 3.68
C PHE B 189 46.97 8.98 2.51
N VAL B 190 46.50 9.45 1.36
CA VAL B 190 46.39 8.56 0.20
C VAL B 190 47.76 8.01 -0.18
N LEU B 191 48.78 8.86 -0.17
CA LEU B 191 50.09 8.40 -0.61
C LEU B 191 50.75 7.52 0.44
N LEU B 192 50.57 7.81 1.73
CA LEU B 192 51.11 6.94 2.76
C LEU B 192 50.44 5.58 2.73
N PHE B 193 49.12 5.56 2.53
CA PHE B 193 48.38 4.31 2.40
C PHE B 193 48.91 3.48 1.24
N LEU B 194 48.88 4.05 0.03
CA LEU B 194 49.34 3.29 -1.12
C LEU B 194 50.82 2.97 -1.04
N GLY B 195 51.61 3.84 -0.39
CA GLY B 195 53.03 3.58 -0.28
C GLY B 195 53.34 2.43 0.64
N GLY B 196 52.68 2.39 1.80
CA GLY B 196 52.83 1.24 2.67
C GLY B 196 52.35 -0.05 2.04
N ILE B 197 51.21 0.01 1.33
CA ILE B 197 50.67 -1.20 0.72
C ILE B 197 51.60 -1.71 -0.37
N SER B 198 52.13 -0.80 -1.19
CA SER B 198 53.04 -1.19 -2.25
C SER B 198 54.38 -1.63 -1.69
N LEU B 199 54.86 -1.01 -0.62
CA LEU B 199 56.14 -1.42 -0.04
C LEU B 199 56.03 -2.79 0.59
N LEU B 200 54.88 -3.09 1.20
CA LEU B 200 54.64 -4.45 1.66
C LEU B 200 54.62 -5.42 0.50
N LEU B 201 53.92 -5.07 -0.59
CA LEU B 201 53.84 -6.01 -1.71
C LEU B 201 55.18 -6.17 -2.41
N PHE B 202 56.07 -5.18 -2.29
CA PHE B 202 57.39 -5.33 -2.90
C PHE B 202 58.38 -6.00 -1.98
N SER B 203 58.11 -6.00 -0.67
CA SER B 203 58.94 -6.75 0.26
C SER B 203 58.47 -8.20 0.38
N LEU B 204 57.19 -8.44 0.21
CA LEU B 204 56.68 -9.81 0.17
C LEU B 204 57.12 -10.46 -1.13
N PRO B 205 57.56 -11.71 -1.11
CA PRO B 205 58.28 -12.23 -2.28
C PRO B 205 57.49 -12.20 -3.58
N ARG B 206 56.47 -13.06 -3.71
CA ARG B 206 55.71 -13.19 -4.94
C ARG B 206 54.64 -14.24 -4.75
N MET B 207 53.50 -14.09 -5.40
CA MET B 207 52.55 -15.20 -5.42
C MET B 207 53.19 -16.33 -6.21
N PRO B 208 53.47 -17.50 -5.58
CA PRO B 208 54.40 -18.49 -6.15
C PRO B 208 54.37 -18.71 -7.65
N GLN B 209 53.20 -18.81 -8.26
CA GLN B 209 53.02 -18.86 -9.72
C GLN B 209 53.40 -20.18 -10.35
N ASN B 210 53.95 -21.13 -9.61
CA ASN B 210 54.34 -22.40 -10.22
C ASN B 210 54.16 -23.50 -9.19
N PRO B 211 54.03 -24.76 -9.62
CA PRO B 211 53.78 -25.84 -8.65
C PRO B 211 54.88 -26.02 -7.62
N TRP B 212 56.12 -25.68 -7.95
CA TRP B 212 57.23 -25.93 -7.04
C TRP B 212 57.58 -24.72 -6.20
N GLU B 213 57.18 -23.54 -6.64
CA GLU B 213 57.49 -22.32 -5.91
C GLU B 213 56.72 -22.28 -4.59
N SER B 214 57.27 -21.57 -3.62
CA SER B 214 56.60 -21.40 -2.35
C SER B 214 56.88 -20.01 -1.83
N CYS B 215 55.84 -19.38 -1.27
CA CYS B 215 56.11 -18.41 -0.24
C CYS B 215 56.91 -19.13 0.84
N MET B 216 57.82 -18.41 1.49
CA MET B 216 58.77 -19.01 2.42
C MET B 216 59.74 -19.93 1.66
N ASP B 217 60.34 -19.38 0.61
CA ASP B 217 61.37 -20.06 -0.15
C ASP B 217 62.75 -19.58 0.28
N ALA B 218 63.76 -20.40 -0.01
CA ALA B 218 65.14 -20.03 0.26
C ALA B 218 65.66 -19.13 -0.85
N GLU B 219 65.80 -17.84 -0.56
CA GLU B 219 66.34 -16.88 -1.52
C GLU B 219 65.53 -16.84 -2.81
N PHE C 29 -28.13 24.22 65.61
CA PHE C 29 -28.88 24.35 64.36
C PHE C 29 -30.25 24.97 64.59
N PRO C 30 -30.52 26.08 63.90
CA PRO C 30 -31.73 26.86 64.18
C PRO C 30 -32.99 26.04 64.02
N SER C 31 -34.02 26.48 64.73
CA SER C 31 -35.31 25.80 64.76
C SER C 31 -36.01 25.91 63.43
N ALA C 32 -37.17 25.25 63.34
CA ALA C 32 -37.98 25.34 62.13
C ALA C 32 -38.60 26.72 61.98
N VAL C 33 -38.97 27.36 63.09
CA VAL C 33 -39.68 28.63 62.98
C VAL C 33 -38.72 29.76 62.63
N THR C 34 -37.47 29.66 63.07
CA THR C 34 -36.52 30.71 62.70
C THR C 34 -36.20 30.65 61.22
N ILE C 35 -36.03 29.45 60.66
CA ILE C 35 -35.82 29.34 59.22
C ILE C 35 -37.07 29.73 58.47
N LYS C 36 -38.25 29.38 58.98
CA LYS C 36 -39.47 29.80 58.31
C LYS C 36 -39.55 31.32 58.25
N SER C 37 -39.22 31.99 59.34
CA SER C 37 -39.24 33.45 59.34
C SER C 37 -38.20 34.02 58.38
N TRP C 38 -37.01 33.44 58.36
CA TRP C 38 -35.96 33.94 57.46
C TRP C 38 -36.41 33.85 56.02
N VAL C 39 -36.97 32.71 55.61
CA VAL C 39 -37.37 32.58 54.21
C VAL C 39 -38.61 33.40 53.91
N ASP C 40 -39.50 33.61 54.89
CA ASP C 40 -40.65 34.46 54.62
C ASP C 40 -40.24 35.90 54.40
N LYS C 41 -39.33 36.41 55.22
CA LYS C 41 -38.80 37.75 54.97
C LYS C 41 -38.08 37.80 53.63
N MET C 42 -37.31 36.76 53.30
CA MET C 42 -36.58 36.75 52.05
C MET C 42 -37.52 36.81 50.85
N GLN C 43 -38.55 35.99 50.85
CA GLN C 43 -39.44 35.96 49.70
C GLN C 43 -40.33 37.19 49.66
N GLU C 44 -40.71 37.75 50.81
CA GLU C 44 -41.37 39.04 50.81
C GLU C 44 -40.54 40.08 50.08
N ASP C 45 -39.27 40.22 50.47
CA ASP C 45 -38.38 41.18 49.83
C ASP C 45 -38.30 40.94 48.33
N LEU C 46 -37.98 39.71 47.92
CA LEU C 46 -37.76 39.43 46.50
C LEU C 46 -39.01 39.72 45.69
N VAL C 47 -40.15 39.17 46.12
CA VAL C 47 -41.36 39.31 45.32
C VAL C 47 -41.84 40.74 45.28
N THR C 48 -41.77 41.46 46.41
CA THR C 48 -42.21 42.85 46.33
C THR C 48 -41.31 43.67 45.42
N LEU C 49 -40.00 43.41 45.44
CA LEU C 49 -39.12 44.15 44.55
C LEU C 49 -39.47 43.89 43.10
N ALA C 50 -39.58 42.61 42.72
CA ALA C 50 -39.88 42.28 41.34
C ALA C 50 -41.25 42.81 40.92
N LYS C 51 -42.24 42.67 41.78
CA LYS C 51 -43.59 43.09 41.45
C LYS C 51 -43.67 44.58 41.24
N THR C 52 -43.10 45.38 42.13
CA THR C 52 -43.26 46.80 42.01
C THR C 52 -42.26 47.42 41.06
N ALA C 53 -41.19 46.73 40.72
CA ALA C 53 -40.19 47.35 39.86
C ALA C 53 -40.22 46.82 38.44
N SER C 54 -41.00 45.78 38.18
CA SER C 54 -41.20 45.34 36.80
C SER C 54 -42.45 45.96 36.20
N GLY C 55 -43.49 46.12 37.01
CA GLY C 55 -44.66 46.82 36.56
C GLY C 55 -45.73 45.90 36.02
N VAL C 56 -45.88 44.72 36.61
CA VAL C 56 -46.84 43.75 36.09
C VAL C 56 -48.24 44.32 36.12
N HIS C 57 -48.67 44.82 37.29
CA HIS C 57 -50.03 45.30 37.42
C HIS C 57 -50.26 46.55 36.57
N GLN C 58 -49.26 47.39 36.45
CA GLN C 58 -49.39 48.58 35.62
C GLN C 58 -49.63 48.20 34.16
N LEU C 59 -48.88 47.23 33.64
CA LEU C 59 -49.09 46.80 32.27
C LEU C 59 -50.44 46.10 32.10
N VAL C 60 -50.85 45.31 33.09
CA VAL C 60 -52.18 44.72 33.01
C VAL C 60 -53.23 45.80 32.89
N ASP C 61 -53.07 46.87 33.67
CA ASP C 61 -54.05 47.95 33.64
C ASP C 61 -54.04 48.69 32.32
N ILE C 62 -52.87 48.92 31.73
CA ILE C 62 -52.89 49.60 30.44
C ILE C 62 -53.33 48.68 29.32
N TYR C 63 -53.28 47.37 29.51
CA TYR C 63 -53.85 46.47 28.51
C TYR C 63 -55.35 46.47 28.60
N GLU C 64 -55.90 46.48 29.81
CA GLU C 64 -57.34 46.44 29.98
C GLU C 64 -58.00 47.80 29.82
N LYS C 65 -57.25 48.89 29.90
CA LYS C 65 -57.85 50.20 29.82
C LYS C 65 -58.15 50.60 28.39
N TYR C 66 -57.60 49.91 27.41
CA TYR C 66 -57.85 50.27 26.01
C TYR C 66 -59.00 49.46 25.44
N GLN C 67 -58.82 48.15 25.32
CA GLN C 67 -59.93 47.24 25.03
C GLN C 67 -60.65 47.58 23.72
N ASP C 68 -60.24 48.67 23.08
CA ASP C 68 -60.92 49.16 21.90
C ASP C 68 -59.97 49.46 20.77
N LEU C 69 -58.67 49.33 20.98
CA LEU C 69 -57.74 49.26 19.88
C LEU C 69 -57.62 47.85 19.35
N TYR C 70 -58.31 46.88 19.93
CA TYR C 70 -58.14 45.49 19.54
C TYR C 70 -59.41 44.72 19.82
N THR C 71 -59.48 43.52 19.27
CA THR C 71 -60.57 42.60 19.56
C THR C 71 -59.99 41.24 19.87
N VAL C 72 -60.69 40.51 20.73
CA VAL C 72 -60.23 39.21 21.21
C VAL C 72 -60.91 38.13 20.39
N GLU C 73 -60.14 37.43 19.58
CA GLU C 73 -60.67 36.47 18.63
C GLU C 73 -60.38 35.04 19.07
N PRO C 74 -61.24 34.08 18.74
CA PRO C 74 -61.02 32.72 19.18
C PRO C 74 -60.11 31.93 18.25
N ASN C 75 -59.44 30.95 18.84
CA ASN C 75 -58.56 30.02 18.15
C ASN C 75 -59.29 28.69 18.10
N ASN C 76 -60.11 28.47 17.09
CA ASN C 76 -60.81 27.20 16.99
C ASN C 76 -59.79 26.17 16.52
N ALA C 77 -59.50 25.22 17.38
CA ALA C 77 -58.41 24.30 17.07
C ALA C 77 -58.79 23.27 16.04
N ARG C 78 -60.04 22.83 15.96
CA ARG C 78 -60.43 21.84 14.99
C ARG C 78 -60.61 22.43 13.60
N GLN C 79 -60.94 23.72 13.53
CA GLN C 79 -61.00 24.38 12.24
C GLN C 79 -59.61 24.67 11.70
N LEU C 80 -58.68 25.00 12.60
CA LEU C 80 -57.32 25.30 12.18
C LEU C 80 -56.66 24.10 11.54
N VAL C 81 -56.79 22.94 12.17
CA VAL C 81 -56.12 21.75 11.66
C VAL C 81 -56.70 21.35 10.33
N GLU C 82 -58.00 21.53 10.13
CA GLU C 82 -58.59 21.12 8.87
C GLU C 82 -58.25 22.08 7.75
N ILE C 83 -58.22 23.38 8.04
CA ILE C 83 -57.73 24.32 7.05
C ILE C 83 -56.30 23.97 6.63
N ALA C 84 -55.41 23.78 7.59
CA ALA C 84 -54.02 23.51 7.25
C ALA C 84 -53.86 22.17 6.56
N ALA C 85 -54.68 21.20 6.94
CA ALA C 85 -54.57 19.89 6.30
C ALA C 85 -54.99 19.96 4.85
N ARG C 86 -55.99 20.80 4.53
CA ARG C 86 -56.38 20.96 3.14
CA ARG C 86 -56.38 20.96 3.14
C ARG C 86 -55.34 21.75 2.36
N ASP C 87 -54.70 22.73 2.98
CA ASP C 87 -53.64 23.44 2.25
C ASP C 87 -52.46 22.53 1.95
N ILE C 88 -52.09 21.66 2.89
CA ILE C 88 -51.00 20.72 2.63
C ILE C 88 -51.42 19.71 1.58
N GLU C 89 -52.66 19.23 1.63
CA GLU C 89 -53.12 18.30 0.62
C GLU C 89 -53.11 18.96 -0.75
N LYS C 90 -53.48 20.22 -0.82
CA LYS C 90 -53.50 20.92 -2.09
C LYS C 90 -52.09 21.11 -2.64
N LEU C 91 -51.13 21.39 -1.78
CA LEU C 91 -49.75 21.51 -2.22
C LEU C 91 -49.25 20.20 -2.81
N LEU C 92 -49.44 19.10 -2.08
CA LEU C 92 -48.95 17.83 -2.59
C LEU C 92 -49.72 17.36 -3.82
N SER C 93 -50.96 17.81 -3.98
CA SER C 93 -51.70 17.48 -5.20
C SER C 93 -51.20 18.30 -6.38
N ASN C 94 -50.91 19.59 -6.16
CA ASN C 94 -50.33 20.40 -7.22
C ASN C 94 -49.02 19.82 -7.68
N ARG C 95 -48.28 19.18 -6.79
CA ARG C 95 -47.03 18.57 -7.17
C ARG C 95 -47.23 17.23 -7.85
N SER C 96 -48.23 16.46 -7.43
CA SER C 96 -48.53 15.21 -8.11
C SER C 96 -49.06 15.44 -9.51
N LYS C 97 -49.58 16.63 -9.79
CA LYS C 97 -49.99 16.93 -11.15
C LYS C 97 -48.79 17.18 -12.07
N ALA C 98 -47.75 17.84 -11.59
CA ALA C 98 -46.58 18.10 -12.39
C ALA C 98 -45.69 16.88 -12.58
N LEU C 99 -45.92 15.80 -11.85
CA LEU C 99 -45.18 14.58 -12.08
C LEU C 99 -45.81 13.72 -13.15
N VAL C 100 -47.15 13.65 -13.14
CA VAL C 100 -47.88 12.93 -14.17
C VAL C 100 -47.73 13.55 -15.54
N ARG C 101 -47.44 14.84 -15.61
CA ARG C 101 -47.13 15.49 -16.87
C ARG C 101 -45.78 15.03 -17.40
N LEU C 102 -44.76 15.08 -16.55
CA LEU C 102 -43.40 14.71 -16.93
C LEU C 102 -43.33 13.26 -17.34
N ALA C 103 -43.98 12.37 -16.61
CA ALA C 103 -43.87 10.96 -16.91
C ALA C 103 -44.50 10.62 -18.26
N LEU C 104 -45.67 11.18 -18.55
CA LEU C 104 -46.30 10.88 -19.83
C LEU C 104 -45.49 11.42 -20.99
N GLU C 105 -44.98 12.65 -20.86
CA GLU C 105 -44.16 13.13 -21.96
C GLU C 105 -42.90 12.30 -22.12
N ALA C 106 -42.31 11.83 -21.02
CA ALA C 106 -41.08 11.05 -21.10
C ALA C 106 -41.32 9.72 -21.78
N GLU C 107 -42.42 9.06 -21.44
CA GLU C 107 -42.75 7.79 -22.07
C GLU C 107 -43.00 7.97 -23.56
N LYS C 108 -43.80 8.98 -23.93
CA LYS C 108 -44.09 9.18 -25.33
C LYS C 108 -42.86 9.57 -26.12
N VAL C 109 -41.94 10.29 -25.50
CA VAL C 109 -40.77 10.79 -26.23
C VAL C 109 -39.73 9.70 -26.40
N GLN C 110 -39.63 8.80 -25.44
CA GLN C 110 -38.71 7.69 -25.64
C GLN C 110 -39.27 6.63 -26.56
N ALA C 111 -40.59 6.44 -26.57
CA ALA C 111 -41.19 5.45 -27.45
C ALA C 111 -40.86 5.72 -28.91
N ALA C 112 -40.56 6.97 -29.25
CA ALA C 112 -40.30 7.37 -30.62
C ALA C 112 -38.83 7.68 -30.89
N HIS C 113 -37.92 7.08 -30.14
CA HIS C 113 -36.49 7.31 -30.33
C HIS C 113 -35.91 6.27 -31.27
N GLN C 114 -34.88 6.66 -32.01
CA GLN C 114 -34.41 5.88 -33.14
C GLN C 114 -33.18 5.03 -32.87
N TRP C 115 -32.48 5.25 -31.78
CA TRP C 115 -31.24 4.54 -31.46
C TRP C 115 -30.21 4.70 -32.57
N ARG C 116 -29.74 5.92 -32.68
CA ARG C 116 -28.57 6.24 -33.46
C ARG C 116 -27.32 5.61 -32.85
N GLU C 117 -26.24 5.57 -33.62
CA GLU C 117 -24.91 5.23 -33.12
C GLU C 117 -23.83 6.13 -33.70
N ASP C 118 -24.22 7.12 -34.50
CA ASP C 118 -23.29 8.03 -35.15
C ASP C 118 -23.61 9.46 -34.69
N PHE C 119 -23.03 9.84 -33.57
CA PHE C 119 -23.24 11.17 -33.02
C PHE C 119 -22.13 12.13 -33.39
N ALA C 120 -21.00 11.64 -33.86
CA ALA C 120 -19.89 12.52 -34.20
C ALA C 120 -20.25 13.52 -35.29
N SER C 121 -21.31 13.26 -36.07
CA SER C 121 -21.82 14.21 -37.03
C SER C 121 -22.97 15.04 -36.47
N ASN C 122 -24.01 14.38 -35.96
CA ASN C 122 -25.13 15.04 -35.31
C ASN C 122 -24.86 15.08 -33.81
N GLU C 123 -24.45 16.25 -33.34
CA GLU C 123 -24.05 16.41 -31.94
C GLU C 123 -25.26 16.35 -31.02
N VAL C 124 -24.99 16.05 -29.76
CA VAL C 124 -25.92 16.27 -28.67
C VAL C 124 -25.44 17.50 -27.91
N VAL C 125 -26.24 18.55 -27.92
CA VAL C 125 -25.89 19.78 -27.25
C VAL C 125 -26.56 19.79 -25.88
N TYR C 126 -25.78 20.02 -24.83
CA TYR C 126 -26.35 19.95 -23.49
C TYR C 126 -25.41 20.65 -22.52
N TYR C 127 -25.95 20.98 -21.36
CA TYR C 127 -25.18 21.62 -20.29
C TYR C 127 -24.83 20.55 -19.29
N ASN C 128 -23.58 20.15 -19.26
CA ASN C 128 -23.11 19.23 -18.24
C ASN C 128 -22.91 20.03 -16.98
N ALA C 129 -23.68 19.74 -15.95
CA ALA C 129 -23.34 20.27 -14.65
C ALA C 129 -21.93 19.82 -14.28
N LYS C 130 -21.39 20.44 -13.25
CA LYS C 130 -20.04 20.15 -12.79
C LYS C 130 -19.05 20.08 -13.94
N ASP C 131 -19.03 21.16 -14.72
CA ASP C 131 -17.88 21.53 -15.51
C ASP C 131 -17.64 23.02 -15.29
N ASP C 132 -16.39 23.45 -15.39
CA ASP C 132 -16.07 24.82 -15.05
C ASP C 132 -16.38 25.76 -16.21
N LEU C 133 -16.74 27.00 -15.88
CA LEU C 133 -17.40 27.86 -16.83
C LEU C 133 -16.60 29.10 -17.20
N ASP C 134 -15.31 29.15 -16.92
CA ASP C 134 -14.49 30.24 -17.43
C ASP C 134 -14.15 29.97 -18.88
N PRO C 135 -14.50 30.88 -19.81
CA PRO C 135 -14.63 30.49 -21.22
C PRO C 135 -13.32 30.14 -21.92
N GLU C 136 -12.21 30.01 -21.20
CA GLU C 136 -10.92 29.71 -21.81
C GLU C 136 -10.64 28.21 -21.88
N LYS C 137 -11.67 27.36 -21.75
CA LYS C 137 -11.46 25.91 -21.68
C LYS C 137 -11.88 25.20 -22.97
N ASN C 138 -13.15 25.30 -23.35
CA ASN C 138 -13.67 24.90 -24.66
C ASN C 138 -13.45 23.41 -24.93
N ASP C 139 -13.84 22.58 -23.97
CA ASP C 139 -13.66 21.14 -24.12
C ASP C 139 -14.51 20.58 -25.26
N SER C 140 -15.84 20.59 -25.08
CA SER C 140 -16.80 20.00 -26.01
C SER C 140 -16.34 18.63 -26.50
N GLU C 141 -16.30 17.67 -25.58
CA GLU C 141 -15.77 16.34 -25.86
C GLU C 141 -16.57 15.66 -26.98
N PRO C 142 -15.97 14.68 -27.67
CA PRO C 142 -16.50 14.25 -28.98
C PRO C 142 -17.94 13.74 -28.93
N GLY C 143 -18.68 14.00 -29.99
CA GLY C 143 -20.05 13.56 -30.10
C GLY C 143 -21.05 14.47 -29.45
N SER C 144 -20.59 15.42 -28.62
CA SER C 144 -21.47 16.32 -27.90
C SER C 144 -20.91 17.73 -27.98
N GLN C 145 -21.75 18.69 -27.63
CA GLN C 145 -21.38 20.09 -27.59
C GLN C 145 -21.91 20.70 -26.31
N ARG C 146 -21.11 21.58 -25.72
CA ARG C 146 -21.41 22.12 -24.42
C ARG C 146 -22.23 23.40 -24.54
N ILE C 147 -22.81 23.78 -23.41
CA ILE C 147 -23.62 24.99 -23.29
C ILE C 147 -23.01 25.83 -22.18
N LYS C 148 -22.88 27.13 -22.41
CA LYS C 148 -22.45 28.01 -21.34
C LYS C 148 -23.62 28.88 -20.92
N PRO C 149 -24.14 28.73 -19.72
CA PRO C 149 -25.34 29.45 -19.32
C PRO C 149 -25.01 30.79 -18.69
N VAL C 150 -26.05 31.51 -18.31
CA VAL C 150 -25.93 32.88 -17.82
C VAL C 150 -26.01 32.95 -16.30
N PHE C 151 -26.84 32.13 -15.67
CA PHE C 151 -26.82 31.92 -14.23
C PHE C 151 -27.12 33.19 -13.44
N ILE C 152 -28.36 33.66 -13.57
CA ILE C 152 -28.84 34.67 -12.62
C ILE C 152 -28.83 34.09 -11.22
N ASP C 153 -28.92 34.96 -10.23
CA ASP C 153 -29.06 34.54 -8.84
C ASP C 153 -30.52 34.59 -8.45
N ASP C 154 -30.89 33.77 -7.47
CA ASP C 154 -32.29 33.51 -7.19
C ASP C 154 -32.54 33.38 -5.69
N ALA C 155 -33.78 33.64 -5.31
CA ALA C 155 -34.33 33.17 -4.05
C ALA C 155 -35.25 31.99 -4.33
N ASN C 156 -35.53 31.23 -3.27
CA ASN C 156 -36.16 29.92 -3.29
C ASN C 156 -35.19 28.85 -3.76
N PHE C 157 -34.09 29.26 -4.35
CA PHE C 157 -32.88 28.45 -4.44
C PHE C 157 -31.77 29.38 -4.03
N ARG C 158 -31.03 29.05 -2.99
CA ARG C 158 -30.01 30.00 -2.57
C ARG C 158 -28.74 29.81 -3.39
N ARG C 159 -28.86 29.80 -4.71
CA ARG C 159 -27.72 29.59 -5.57
C ARG C 159 -28.05 30.19 -6.93
N GLN C 160 -27.07 30.13 -7.83
CA GLN C 160 -27.23 30.75 -9.13
C GLN C 160 -27.79 29.75 -10.12
N VAL C 161 -28.92 30.10 -10.72
CA VAL C 161 -29.82 29.16 -11.36
C VAL C 161 -30.19 29.74 -12.71
N SER C 162 -30.41 28.88 -13.69
CA SER C 162 -30.76 29.30 -15.03
C SER C 162 -32.04 28.62 -15.46
N TYR C 163 -33.08 29.39 -15.69
CA TYR C 163 -34.37 28.87 -16.11
C TYR C 163 -34.43 28.60 -17.60
N GLN C 164 -33.32 28.62 -18.31
CA GLN C 164 -33.35 28.44 -19.75
C GLN C 164 -33.31 26.99 -20.18
N HIS C 165 -32.50 26.17 -19.51
CA HIS C 165 -32.35 24.78 -19.89
C HIS C 165 -32.16 23.95 -18.64
N ALA C 166 -32.02 22.66 -18.83
CA ALA C 166 -31.79 21.73 -17.75
C ALA C 166 -30.31 21.42 -17.64
N ALA C 167 -29.87 21.07 -16.45
CA ALA C 167 -28.53 20.60 -16.21
C ALA C 167 -28.52 19.08 -16.16
N VAL C 168 -27.40 18.49 -16.49
CA VAL C 168 -27.26 17.04 -16.54
C VAL C 168 -26.12 16.63 -15.64
N HIS C 169 -26.37 15.66 -14.78
CA HIS C 169 -25.34 15.07 -13.94
C HIS C 169 -25.06 13.66 -14.43
N ILE C 170 -23.79 13.34 -14.62
CA ILE C 170 -23.33 12.02 -15.00
C ILE C 170 -22.34 11.61 -13.94
N PRO C 171 -22.46 10.43 -13.34
CA PRO C 171 -21.49 10.01 -12.33
C PRO C 171 -20.07 10.08 -12.87
N THR C 172 -19.12 10.22 -11.96
CA THR C 172 -17.76 10.53 -12.38
C THR C 172 -17.13 9.39 -13.17
N ASP C 173 -17.39 8.16 -12.77
CA ASP C 173 -16.83 7.00 -13.44
C ASP C 173 -17.75 6.43 -14.50
N ILE C 174 -18.62 7.24 -15.07
CA ILE C 174 -19.41 6.86 -16.23
C ILE C 174 -18.99 7.80 -17.35
N TYR C 175 -18.30 7.26 -18.35
CA TYR C 175 -17.92 8.05 -19.49
C TYR C 175 -19.16 8.55 -20.20
N GLU C 176 -19.26 9.85 -20.39
CA GLU C 176 -20.23 10.42 -21.32
C GLU C 176 -19.54 10.48 -22.66
N GLY C 177 -20.23 10.05 -23.70
CA GLY C 177 -19.52 9.76 -24.90
C GLY C 177 -19.83 8.34 -25.27
N SER C 178 -20.29 7.59 -24.29
CA SER C 178 -20.83 6.27 -24.53
C SER C 178 -21.95 6.38 -25.54
N THR C 179 -22.30 5.25 -26.14
CA THR C 179 -23.49 5.20 -26.95
C THR C 179 -24.76 5.14 -26.12
N ILE C 180 -24.70 4.53 -24.94
CA ILE C 180 -25.84 4.55 -24.05
C ILE C 180 -26.13 5.96 -23.57
N VAL C 181 -25.11 6.69 -23.15
CA VAL C 181 -25.29 8.02 -22.59
C VAL C 181 -25.73 9.01 -23.65
N LEU C 182 -25.15 8.93 -24.84
CA LEU C 182 -25.49 9.90 -25.88
C LEU C 182 -26.86 9.63 -26.47
N ASN C 183 -27.29 8.39 -26.49
CA ASN C 183 -28.67 8.12 -26.86
C ASN C 183 -29.65 8.55 -25.80
N GLU C 184 -29.20 8.79 -24.59
CA GLU C 184 -30.02 9.29 -23.51
C GLU C 184 -30.15 10.80 -23.52
N LEU C 185 -29.04 11.51 -23.68
CA LEU C 185 -29.10 12.95 -23.78
C LEU C 185 -29.80 13.41 -25.04
N ASN C 186 -30.07 12.50 -25.97
CA ASN C 186 -30.74 12.87 -27.20
C ASN C 186 -32.25 12.88 -27.01
N TRP C 187 -32.82 11.87 -26.35
CA TRP C 187 -34.26 11.89 -26.18
C TRP C 187 -34.68 12.58 -24.90
N THR C 188 -33.82 12.67 -23.90
CA THR C 188 -34.23 13.46 -22.75
C THR C 188 -34.23 14.93 -23.01
N SER C 189 -33.88 15.34 -24.22
CA SER C 189 -33.87 16.75 -24.57
C SER C 189 -35.26 17.31 -24.74
N ALA C 190 -36.25 16.46 -24.89
CA ALA C 190 -37.63 16.88 -25.00
C ALA C 190 -38.29 17.05 -23.64
N LEU C 191 -37.56 16.88 -22.55
CA LEU C 191 -38.10 17.11 -21.23
C LEU C 191 -38.12 18.58 -20.89
N ASP C 192 -37.18 19.36 -21.43
CA ASP C 192 -37.01 20.74 -20.99
C ASP C 192 -38.27 21.56 -21.19
N ASP C 193 -39.07 21.22 -22.18
CA ASP C 193 -40.30 21.96 -22.38
C ASP C 193 -41.34 21.67 -21.31
N VAL C 194 -41.45 20.44 -20.84
CA VAL C 194 -42.35 20.18 -19.72
C VAL C 194 -41.79 20.73 -18.42
N PHE C 195 -40.48 20.65 -18.22
CA PHE C 195 -39.88 21.32 -17.08
C PHE C 195 -40.28 22.78 -17.06
N LYS C 196 -40.16 23.44 -18.20
CA LYS C 196 -40.48 24.86 -18.29
C LYS C 196 -41.96 25.12 -18.06
N LYS C 197 -42.83 24.26 -18.58
CA LYS C 197 -44.26 24.49 -18.40
C LYS C 197 -44.69 24.24 -16.96
N ASN C 198 -44.17 23.18 -16.34
CA ASN C 198 -44.41 22.96 -14.93
C ASN C 198 -44.04 24.19 -14.13
N ARG C 199 -42.86 24.74 -14.38
CA ARG C 199 -42.42 25.88 -13.58
C ARG C 199 -43.21 27.12 -13.93
N GLU C 200 -43.70 27.23 -15.15
CA GLU C 200 -44.50 28.37 -15.55
C GLU C 200 -45.89 28.36 -14.95
N GLU C 201 -46.44 27.19 -14.64
CA GLU C 201 -47.76 27.13 -14.04
C GLU C 201 -47.72 27.22 -12.52
N ASP C 202 -46.60 26.85 -11.90
CA ASP C 202 -46.46 26.90 -10.45
C ASP C 202 -45.11 27.51 -10.10
N PRO C 203 -45.00 28.84 -10.14
CA PRO C 203 -43.71 29.49 -9.92
C PRO C 203 -43.06 29.17 -8.58
N SER C 204 -43.73 28.49 -7.68
CA SER C 204 -43.17 28.15 -6.37
C SER C 204 -42.53 26.79 -6.35
N LEU C 205 -42.17 26.25 -7.51
CA LEU C 205 -41.63 24.91 -7.62
C LEU C 205 -40.13 24.91 -7.36
N LEU C 206 -39.65 23.86 -6.71
CA LEU C 206 -38.22 23.60 -6.55
C LEU C 206 -37.76 22.62 -7.62
N TRP C 207 -36.61 21.97 -7.42
CA TRP C 207 -36.02 21.05 -8.38
C TRP C 207 -37.05 20.09 -8.97
N GLN C 208 -36.91 19.85 -10.27
CA GLN C 208 -37.61 18.79 -10.98
C GLN C 208 -36.56 17.94 -11.64
N VAL C 209 -36.58 16.63 -11.43
CA VAL C 209 -35.48 15.79 -11.87
C VAL C 209 -36.03 14.56 -12.57
N PHE C 210 -35.30 14.09 -13.58
CA PHE C 210 -35.46 12.76 -14.13
C PHE C 210 -34.19 11.98 -13.86
N GLY C 211 -34.26 10.94 -13.05
CA GLY C 211 -33.13 10.09 -12.79
C GLY C 211 -33.22 8.86 -13.65
N SER C 212 -32.20 8.65 -14.46
CA SER C 212 -32.21 7.64 -15.49
C SER C 212 -31.60 6.35 -14.98
N ALA C 213 -32.00 5.25 -15.59
CA ALA C 213 -31.41 3.98 -15.20
C ALA C 213 -30.06 3.77 -15.81
N THR C 214 -29.52 4.75 -16.51
CA THR C 214 -28.16 4.72 -17.02
C THR C 214 -27.21 5.53 -16.15
N GLY C 215 -27.72 6.18 -15.11
CA GLY C 215 -26.93 6.95 -14.19
C GLY C 215 -27.11 8.44 -14.33
N LEU C 216 -27.75 8.89 -15.40
CA LEU C 216 -27.91 10.30 -15.64
C LEU C 216 -28.94 10.91 -14.70
N ALA C 217 -28.85 12.21 -14.50
CA ALA C 217 -29.88 12.93 -13.78
C ALA C 217 -30.06 14.26 -14.47
N ARG C 218 -31.21 14.49 -15.07
CA ARG C 218 -31.47 15.75 -15.75
C ARG C 218 -32.43 16.56 -14.90
N TYR C 219 -31.96 17.67 -14.36
CA TYR C 219 -32.77 18.46 -13.46
C TYR C 219 -32.95 19.88 -13.97
N TYR C 220 -33.98 20.52 -13.45
CA TYR C 220 -34.38 21.85 -13.80
C TYR C 220 -34.73 22.59 -12.52
N PRO C 221 -34.30 23.85 -12.38
CA PRO C 221 -33.54 24.62 -13.35
C PRO C 221 -32.06 24.30 -13.32
N ALA C 222 -31.31 24.69 -14.34
CA ALA C 222 -29.90 24.35 -14.38
C ALA C 222 -29.15 25.10 -13.30
N SER C 223 -28.13 24.47 -12.76
CA SER C 223 -27.37 25.05 -11.68
C SER C 223 -26.11 24.24 -11.53
N PRO C 224 -24.94 24.87 -11.39
CA PRO C 224 -23.71 24.11 -11.28
C PRO C 224 -23.70 23.22 -10.05
N TRP C 225 -23.15 22.03 -10.22
CA TRP C 225 -23.13 21.03 -9.15
C TRP C 225 -22.31 21.52 -7.97
N VAL C 226 -22.57 20.92 -6.82
CA VAL C 226 -21.89 21.36 -5.61
C VAL C 226 -20.44 20.91 -5.61
N ASP C 227 -20.15 19.72 -6.13
CA ASP C 227 -18.79 19.16 -6.11
C ASP C 227 -18.44 18.71 -7.52
N ASN C 228 -17.34 19.24 -8.07
CA ASN C 228 -16.79 18.65 -9.27
C ASN C 228 -15.71 17.63 -8.90
N SER C 229 -15.59 16.60 -9.73
CA SER C 229 -14.64 15.51 -9.47
C SER C 229 -13.15 15.91 -9.52
N ARG C 230 -12.77 16.77 -10.45
CA ARG C 230 -11.38 17.15 -10.56
C ARG C 230 -11.09 18.64 -10.40
N THR C 231 -12.15 19.45 -10.33
CA THR C 231 -11.99 20.89 -10.18
C THR C 231 -11.15 21.19 -8.93
N PRO C 232 -11.65 20.75 -7.76
CA PRO C 232 -10.94 20.93 -6.49
C PRO C 232 -10.13 19.68 -6.16
N ASN C 233 -10.46 19.01 -5.07
CA ASN C 233 -9.76 17.79 -4.69
C ASN C 233 -10.70 16.76 -4.06
N LYS C 234 -11.97 17.12 -3.98
CA LYS C 234 -12.97 16.23 -3.42
C LYS C 234 -13.82 15.63 -4.53
N ILE C 235 -13.66 14.33 -4.76
CA ILE C 235 -14.41 13.63 -5.79
C ILE C 235 -15.85 13.47 -5.35
N ASP C 236 -16.79 13.83 -6.22
CA ASP C 236 -18.19 13.69 -5.86
C ASP C 236 -18.65 12.29 -6.20
N LEU C 237 -19.34 11.67 -5.25
CA LEU C 237 -19.81 10.30 -5.41
C LEU C 237 -21.32 10.38 -5.29
N TYR C 238 -21.98 10.75 -6.36
CA TYR C 238 -23.42 10.84 -6.37
C TYR C 238 -23.85 10.05 -7.58
N ASP C 239 -24.73 9.08 -7.36
CA ASP C 239 -25.33 8.28 -8.40
C ASP C 239 -26.82 8.24 -8.11
N VAL C 240 -27.64 8.59 -9.09
CA VAL C 240 -29.07 8.65 -8.87
C VAL C 240 -29.61 7.34 -8.40
N ARG C 241 -29.01 6.24 -8.83
CA ARG C 241 -29.60 4.96 -8.57
C ARG C 241 -29.55 4.59 -7.10
N ARG C 242 -28.78 5.29 -6.30
CA ARG C 242 -28.68 5.04 -4.87
C ARG C 242 -29.39 6.07 -4.04
N ARG C 243 -30.18 6.88 -4.63
CA ARG C 243 -30.85 7.88 -3.86
C ARG C 243 -32.13 7.32 -3.28
N PRO C 244 -32.48 7.72 -2.07
CA PRO C 244 -33.73 7.21 -1.48
C PRO C 244 -34.95 7.42 -2.33
N TRP C 245 -35.06 8.54 -3.04
CA TRP C 245 -36.26 8.78 -3.81
C TRP C 245 -36.32 7.86 -5.02
N TYR C 246 -35.17 7.64 -5.66
CA TYR C 246 -35.09 6.73 -6.78
C TYR C 246 -35.42 5.31 -6.35
N ILE C 247 -34.73 4.82 -5.32
CA ILE C 247 -34.96 3.47 -4.85
C ILE C 247 -36.39 3.29 -4.40
N GLN C 248 -37.00 4.32 -3.85
CA GLN C 248 -38.39 4.21 -3.46
C GLN C 248 -39.32 4.08 -4.65
N GLY C 249 -39.13 4.88 -5.69
CA GLY C 249 -39.98 4.79 -6.85
C GLY C 249 -39.64 3.70 -7.84
N ALA C 250 -38.58 2.94 -7.60
CA ALA C 250 -38.17 1.88 -8.51
C ALA C 250 -38.81 0.54 -8.22
N ALA C 251 -39.16 0.25 -6.97
CA ALA C 251 -39.64 -1.08 -6.61
C ALA C 251 -40.43 -0.97 -5.33
N SER C 252 -41.07 -2.08 -4.96
CA SER C 252 -41.87 -2.16 -3.74
C SER C 252 -40.99 -2.54 -2.54
N PRO C 253 -41.51 -2.49 -1.32
CA PRO C 253 -40.70 -2.85 -0.15
C PRO C 253 -40.21 -4.29 -0.20
N LYS C 254 -39.34 -4.65 0.74
CA LYS C 254 -38.59 -5.89 0.65
C LYS C 254 -38.51 -6.58 2.00
N ASP C 255 -38.41 -7.90 1.96
CA ASP C 255 -38.07 -8.75 3.10
C ASP C 255 -36.76 -9.41 2.77
N MET C 256 -35.67 -8.73 3.02
CA MET C 256 -34.38 -9.20 2.55
C MET C 256 -33.70 -10.04 3.62
N LEU C 257 -33.13 -11.15 3.20
CA LEU C 257 -32.24 -11.90 4.07
C LEU C 257 -30.91 -12.03 3.36
N ILE C 258 -29.83 -11.65 4.02
CA ILE C 258 -28.50 -11.68 3.45
C ILE C 258 -27.78 -12.87 4.05
N LEU C 259 -27.36 -13.79 3.19
CA LEU C 259 -26.72 -15.02 3.60
C LEU C 259 -25.26 -14.96 3.19
N VAL C 260 -24.37 -14.87 4.17
CA VAL C 260 -22.96 -14.62 3.94
C VAL C 260 -22.19 -15.90 4.20
N ASP C 261 -21.37 -16.28 3.26
CA ASP C 261 -20.57 -17.49 3.35
C ASP C 261 -19.29 -17.15 4.11
N VAL C 262 -19.04 -17.87 5.20
CA VAL C 262 -17.86 -17.62 6.00
C VAL C 262 -17.07 -18.91 6.16
N SER C 263 -17.15 -19.77 5.14
CA SER C 263 -16.30 -20.93 5.08
C SER C 263 -14.85 -20.48 4.90
N GLY C 264 -13.92 -21.42 4.96
CA GLY C 264 -12.53 -21.04 4.90
C GLY C 264 -12.12 -20.54 3.53
N SER C 265 -12.78 -21.01 2.48
CA SER C 265 -12.39 -20.66 1.13
C SER C 265 -12.54 -19.18 0.84
N VAL C 266 -13.42 -18.47 1.56
CA VAL C 266 -13.61 -17.05 1.35
C VAL C 266 -12.58 -16.22 2.06
N SER C 267 -11.61 -16.83 2.71
CA SER C 267 -10.65 -16.09 3.49
C SER C 267 -9.73 -15.29 2.59
N GLY C 268 -9.38 -14.10 3.03
CA GLY C 268 -8.44 -13.31 2.28
C GLY C 268 -9.06 -12.11 1.63
N LEU C 269 -8.98 -12.02 0.30
CA LEU C 269 -9.53 -10.88 -0.40
C LEU C 269 -11.03 -10.95 -0.53
N THR C 270 -11.58 -12.13 -0.78
CA THR C 270 -13.00 -12.20 -1.03
C THR C 270 -13.79 -11.95 0.24
N LEU C 271 -13.22 -12.19 1.42
CA LEU C 271 -13.92 -11.84 2.65
C LEU C 271 -13.96 -10.33 2.86
N LYS C 272 -12.85 -9.65 2.60
CA LYS C 272 -12.83 -8.20 2.72
C LYS C 272 -13.80 -7.55 1.76
N LEU C 273 -13.83 -8.04 0.52
CA LEU C 273 -14.81 -7.56 -0.43
C LEU C 273 -16.23 -7.92 -0.02
N ILE C 274 -16.45 -9.07 0.62
CA ILE C 274 -17.81 -9.41 1.04
C ILE C 274 -18.29 -8.47 2.12
N ARG C 275 -17.41 -8.08 3.03
CA ARG C 275 -17.81 -7.16 4.08
C ARG C 275 -18.18 -5.79 3.50
N THR C 276 -17.33 -5.27 2.62
CA THR C 276 -17.67 -4.01 1.96
C THR C 276 -18.95 -4.12 1.14
N SER C 277 -19.16 -5.27 0.50
CA SER C 277 -20.32 -5.46 -0.34
C SER C 277 -21.61 -5.49 0.47
N VAL C 278 -21.58 -6.16 1.63
CA VAL C 278 -22.78 -6.25 2.45
C VAL C 278 -23.11 -4.90 3.06
N SER C 279 -22.11 -4.11 3.44
CA SER C 279 -22.41 -2.76 3.89
C SER C 279 -23.04 -1.92 2.78
N GLU C 280 -22.50 -2.00 1.57
CA GLU C 280 -23.11 -1.26 0.46
C GLU C 280 -24.52 -1.74 0.15
N MET C 281 -24.77 -3.03 0.22
CA MET C 281 -26.09 -3.58 0.02
C MET C 281 -27.07 -3.12 1.09
N LEU C 282 -26.61 -2.98 2.32
CA LEU C 282 -27.49 -2.45 3.37
C LEU C 282 -27.78 -0.99 3.17
N GLU C 283 -26.92 -0.26 2.50
CA GLU C 283 -27.23 1.14 2.28
C GLU C 283 -28.29 1.40 1.23
N THR C 284 -28.80 0.40 0.51
CA THR C 284 -29.88 0.61 -0.44
C THR C 284 -31.24 0.30 0.15
N LEU C 285 -31.35 0.25 1.46
CA LEU C 285 -32.55 -0.18 2.14
C LEU C 285 -33.09 0.98 2.97
N SER C 286 -34.40 1.03 3.12
CA SER C 286 -35.06 2.13 3.81
C SER C 286 -35.94 1.56 4.91
N ASP C 287 -36.79 2.40 5.46
CA ASP C 287 -37.57 2.05 6.63
C ASP C 287 -38.80 1.22 6.33
N ASP C 288 -39.09 0.96 5.07
CA ASP C 288 -40.19 0.07 4.74
C ASP C 288 -39.72 -1.32 4.35
N ASP C 289 -38.41 -1.57 4.43
CA ASP C 289 -37.81 -2.87 4.18
C ASP C 289 -37.36 -3.49 5.50
N PHE C 290 -37.28 -4.82 5.51
CA PHE C 290 -36.90 -5.58 6.69
C PHE C 290 -35.76 -6.50 6.34
N VAL C 291 -34.77 -6.59 7.22
CA VAL C 291 -33.51 -7.23 6.86
C VAL C 291 -33.02 -8.08 8.03
N ASN C 292 -32.21 -9.08 7.71
CA ASN C 292 -31.37 -9.74 8.70
C ASN C 292 -30.20 -10.33 7.93
N VAL C 293 -29.06 -10.42 8.59
CA VAL C 293 -27.86 -11.00 7.99
C VAL C 293 -27.56 -12.28 8.74
N ALA C 294 -27.60 -13.41 8.04
CA ALA C 294 -27.20 -14.70 8.58
C ALA C 294 -25.81 -15.04 8.07
N SER C 295 -25.37 -16.25 8.37
CA SER C 295 -24.01 -16.65 8.04
C SER C 295 -23.94 -18.17 8.11
N PHE C 296 -23.14 -18.80 7.26
CA PHE C 296 -23.09 -20.25 7.31
C PHE C 296 -21.70 -20.78 6.95
N ASN C 297 -21.24 -21.77 7.72
CA ASN C 297 -20.16 -22.65 7.29
C ASN C 297 -20.33 -23.98 8.05
N SER C 298 -21.01 -24.93 7.44
CA SER C 298 -21.31 -26.20 8.11
C SER C 298 -22.25 -26.00 9.28
N ASN C 299 -22.65 -24.77 9.54
CA ASN C 299 -23.64 -24.43 10.55
C ASN C 299 -24.06 -23.00 10.29
N ALA C 300 -25.36 -22.73 10.31
CA ALA C 300 -25.86 -21.40 10.01
C ALA C 300 -26.32 -20.71 11.27
N GLN C 301 -25.96 -19.44 11.42
CA GLN C 301 -26.29 -18.66 12.59
C GLN C 301 -26.49 -17.22 12.19
N ASP C 302 -27.18 -16.48 13.04
CA ASP C 302 -27.33 -15.05 12.82
C ASP C 302 -26.04 -14.34 13.14
N VAL C 303 -25.70 -13.34 12.33
CA VAL C 303 -24.43 -12.66 12.48
C VAL C 303 -24.43 -11.69 13.63
N SER C 304 -25.57 -11.48 14.27
CA SER C 304 -25.82 -10.34 15.13
C SER C 304 -26.61 -10.80 16.35
N CYS C 305 -27.21 -9.84 17.03
CA CYS C 305 -28.08 -10.07 18.18
C CYS C 305 -29.54 -10.19 17.81
N PHE C 306 -29.87 -10.29 16.53
CA PHE C 306 -31.21 -9.89 16.12
C PHE C 306 -32.19 -11.05 16.01
N GLN C 307 -31.86 -12.13 15.33
CA GLN C 307 -32.61 -13.38 15.31
C GLN C 307 -33.87 -13.35 14.46
N HIS C 308 -34.21 -12.26 13.82
CA HIS C 308 -35.30 -12.25 12.84
C HIS C 308 -35.18 -10.98 12.01
N LEU C 309 -36.17 -10.73 11.17
CA LEU C 309 -36.14 -9.55 10.33
C LEU C 309 -36.46 -8.31 11.15
N VAL C 310 -35.67 -7.26 10.99
CA VAL C 310 -35.83 -6.01 11.74
C VAL C 310 -36.00 -4.87 10.75
N GLN C 311 -36.49 -3.73 11.21
CA GLN C 311 -37.08 -2.73 10.33
C GLN C 311 -36.10 -1.98 9.46
N ALA C 312 -34.80 -2.13 9.61
CA ALA C 312 -33.85 -1.50 8.69
C ALA C 312 -33.94 0.02 8.75
N ASN C 313 -33.90 0.55 9.97
CA ASN C 313 -33.70 1.98 10.16
C ASN C 313 -32.24 2.20 10.52
N VAL C 314 -31.85 3.47 10.70
CA VAL C 314 -30.43 3.79 10.77
C VAL C 314 -29.75 3.09 11.95
N ARG C 315 -30.48 2.88 13.05
CA ARG C 315 -29.90 2.22 14.21
C ARG C 315 -29.71 0.73 13.98
N ASN C 316 -30.72 0.07 13.40
CA ASN C 316 -30.62 -1.35 13.13
C ASN C 316 -29.57 -1.64 12.08
N LYS C 317 -29.50 -0.82 11.04
CA LYS C 317 -28.45 -0.98 10.05
C LYS C 317 -27.09 -0.74 10.65
N LYS C 318 -26.98 0.16 11.61
CA LYS C 318 -25.70 0.33 12.30
C LYS C 318 -25.30 -0.94 13.02
N VAL C 319 -26.23 -1.55 13.75
CA VAL C 319 -25.95 -2.82 14.44
C VAL C 319 -25.46 -3.86 13.45
N LEU C 320 -26.17 -4.00 12.33
CA LEU C 320 -25.83 -5.05 11.37
C LEU C 320 -24.49 -4.79 10.69
N LYS C 321 -24.18 -3.55 10.38
CA LYS C 321 -22.88 -3.25 9.77
C LYS C 321 -21.74 -3.54 10.74
N ASP C 322 -21.90 -3.16 12.00
CA ASP C 322 -20.84 -3.44 12.96
C ASP C 322 -20.70 -4.92 13.26
N ALA C 323 -21.78 -5.68 13.14
CA ALA C 323 -21.67 -7.12 13.33
C ALA C 323 -21.05 -7.80 12.14
N VAL C 324 -21.27 -7.26 10.95
CA VAL C 324 -20.67 -7.82 9.75
C VAL C 324 -19.18 -7.55 9.71
N ASN C 325 -18.74 -6.39 10.18
CA ASN C 325 -17.31 -6.13 10.17
C ASN C 325 -16.51 -7.02 11.09
N ASN C 326 -17.14 -7.84 11.92
CA ASN C 326 -16.45 -8.76 12.83
C ASN C 326 -16.41 -10.17 12.31
N ILE C 327 -16.64 -10.37 11.04
CA ILE C 327 -16.78 -11.71 10.49
C ILE C 327 -15.39 -12.26 10.17
N THR C 328 -15.20 -13.55 10.48
CA THR C 328 -13.99 -14.29 10.13
C THR C 328 -14.37 -15.52 9.35
N ALA C 329 -13.39 -16.16 8.73
CA ALA C 329 -13.63 -17.25 7.80
C ALA C 329 -12.91 -18.50 8.27
N LYS C 330 -13.67 -19.54 8.60
CA LYS C 330 -13.13 -20.84 8.93
C LYS C 330 -14.19 -21.92 8.85
N GLY C 331 -13.91 -23.05 8.21
CA GLY C 331 -14.82 -24.16 8.23
C GLY C 331 -15.10 -24.70 6.85
N ILE C 332 -16.06 -25.61 6.77
CA ILE C 332 -16.49 -26.25 5.53
C ILE C 332 -17.80 -25.62 5.11
N THR C 333 -18.09 -25.65 3.81
CA THR C 333 -19.28 -24.99 3.32
C THR C 333 -20.46 -25.96 3.30
N ASP C 334 -21.63 -25.46 3.64
CA ASP C 334 -22.85 -26.26 3.64
C ASP C 334 -24.01 -25.38 3.18
N TYR C 335 -24.27 -25.40 1.88
CA TYR C 335 -25.33 -24.54 1.34
C TYR C 335 -26.69 -24.98 1.80
N LYS C 336 -26.86 -26.25 2.13
CA LYS C 336 -28.16 -26.75 2.56
C LYS C 336 -28.55 -26.19 3.92
N LYS C 337 -27.61 -26.13 4.87
CA LYS C 337 -27.93 -25.59 6.18
C LYS C 337 -28.24 -24.10 6.10
N GLY C 338 -27.41 -23.36 5.37
CA GLY C 338 -27.65 -21.94 5.23
C GLY C 338 -28.97 -21.65 4.57
N PHE C 339 -29.35 -22.45 3.58
CA PHE C 339 -30.59 -22.16 2.89
C PHE C 339 -31.80 -22.62 3.70
N SER C 340 -31.66 -23.67 4.50
CA SER C 340 -32.73 -24.00 5.44
C SER C 340 -32.95 -22.87 6.43
N PHE C 341 -31.86 -22.36 6.99
CA PHE C 341 -31.93 -21.23 7.90
C PHE C 341 -32.62 -20.04 7.26
N ALA C 342 -32.21 -19.69 6.04
CA ALA C 342 -32.79 -18.54 5.34
C ALA C 342 -34.28 -18.71 5.09
N PHE C 343 -34.68 -19.87 4.59
CA PHE C 343 -36.08 -20.04 4.30
C PHE C 343 -36.92 -20.08 5.56
N GLU C 344 -36.36 -20.50 6.68
CA GLU C 344 -37.11 -20.44 7.92
C GLU C 344 -37.19 -19.03 8.48
N GLN C 345 -36.16 -18.23 8.26
CA GLN C 345 -36.23 -16.83 8.66
C GLN C 345 -37.31 -16.10 7.88
N LEU C 346 -37.46 -16.42 6.61
CA LEU C 346 -38.44 -15.73 5.79
C LEU C 346 -39.84 -16.25 6.00
N LEU C 347 -40.10 -17.06 7.02
CA LEU C 347 -41.40 -17.69 7.23
C LEU C 347 -41.99 -17.39 8.60
N ASN C 348 -41.47 -16.40 9.31
CA ASN C 348 -41.88 -16.19 10.69
C ASN C 348 -43.36 -15.80 10.80
N TYR C 349 -43.72 -14.63 10.28
CA TYR C 349 -45.06 -14.07 10.39
C TYR C 349 -45.50 -13.83 11.83
N ASN C 350 -44.61 -14.06 12.79
CA ASN C 350 -44.85 -13.65 14.16
C ASN C 350 -44.39 -12.24 14.43
N VAL C 351 -43.46 -11.74 13.63
CA VAL C 351 -42.88 -10.43 13.85
C VAL C 351 -43.37 -9.48 12.76
N SER C 352 -43.04 -8.20 12.93
CA SER C 352 -43.40 -7.20 11.95
C SER C 352 -42.55 -7.36 10.70
N ARG C 353 -43.19 -7.29 9.54
CA ARG C 353 -42.52 -7.46 8.26
C ARG C 353 -43.15 -6.56 7.24
N ALA C 354 -42.68 -6.68 6.01
CA ALA C 354 -43.25 -5.99 4.86
C ALA C 354 -44.28 -6.84 4.15
N ASN C 355 -44.09 -8.15 4.14
CA ASN C 355 -44.99 -9.08 3.45
C ASN C 355 -45.02 -8.82 1.95
N CYS C 356 -43.90 -8.38 1.38
CA CYS C 356 -43.91 -7.98 -0.02
C CYS C 356 -42.96 -8.78 -0.89
N ASN C 357 -41.65 -8.68 -0.68
CA ASN C 357 -40.68 -9.16 -1.66
C ASN C 357 -39.70 -10.04 -0.93
N LYS C 358 -40.01 -11.30 -0.76
CA LYS C 358 -39.11 -12.19 -0.06
C LYS C 358 -37.95 -12.52 -0.98
N ILE C 359 -36.75 -12.11 -0.61
CA ILE C 359 -35.56 -12.32 -1.42
C ILE C 359 -34.43 -12.79 -0.54
N ILE C 360 -33.58 -13.65 -1.09
CA ILE C 360 -32.35 -14.07 -0.44
C ILE C 360 -31.20 -13.57 -1.29
N MET C 361 -30.18 -13.03 -0.65
CA MET C 361 -28.99 -12.49 -1.32
C MET C 361 -27.80 -13.29 -0.84
N LEU C 362 -27.35 -14.24 -1.62
CA LEU C 362 -26.27 -15.12 -1.20
C LEU C 362 -24.93 -14.57 -1.68
N PHE C 363 -24.09 -14.17 -0.73
CA PHE C 363 -22.77 -13.65 -1.02
C PHE C 363 -21.76 -14.77 -0.83
N THR C 364 -21.18 -15.25 -1.91
CA THR C 364 -20.29 -16.40 -1.82
C THR C 364 -19.11 -16.17 -2.74
N ASP C 365 -18.33 -17.21 -2.95
CA ASP C 365 -17.34 -17.17 -4.01
C ASP C 365 -17.60 -18.21 -5.09
N GLY C 366 -17.67 -19.48 -4.72
CA GLY C 366 -17.91 -20.52 -5.69
C GLY C 366 -18.08 -21.83 -4.98
N GLY C 367 -18.80 -22.75 -5.59
CA GLY C 367 -19.02 -24.02 -4.93
C GLY C 367 -19.29 -25.15 -5.89
N GLU C 368 -19.64 -26.32 -5.35
CA GLU C 368 -19.99 -27.46 -6.15
C GLU C 368 -21.44 -27.89 -5.97
N GLU C 369 -22.08 -27.50 -4.89
CA GLU C 369 -23.44 -27.92 -4.58
C GLU C 369 -24.45 -26.91 -5.10
N ARG C 370 -25.56 -27.40 -5.62
CA ARG C 370 -26.65 -26.53 -6.01
C ARG C 370 -27.90 -26.67 -5.16
N ALA C 371 -27.94 -27.63 -4.23
CA ALA C 371 -28.95 -27.68 -3.17
C ALA C 371 -30.37 -27.79 -3.72
N GLN C 372 -30.56 -28.61 -4.74
CA GLN C 372 -31.87 -28.72 -5.39
C GLN C 372 -32.93 -29.24 -4.44
N GLU C 373 -32.53 -30.01 -3.43
CA GLU C 373 -33.51 -30.56 -2.49
C GLU C 373 -34.16 -29.46 -1.69
N ILE C 374 -33.36 -28.49 -1.25
CA ILE C 374 -33.86 -27.43 -0.39
C ILE C 374 -34.79 -26.50 -1.15
N PHE C 375 -34.47 -26.23 -2.40
CA PHE C 375 -35.37 -25.41 -3.21
C PHE C 375 -36.65 -26.16 -3.53
N ALA C 376 -36.57 -27.47 -3.80
CA ALA C 376 -37.79 -28.22 -4.05
C ALA C 376 -38.64 -28.31 -2.79
N LYS C 377 -38.01 -28.22 -1.62
CA LYS C 377 -38.75 -28.34 -0.39
C LYS C 377 -39.35 -27.01 0.06
N TYR C 378 -38.63 -25.90 -0.14
CA TYR C 378 -38.93 -24.65 0.54
C TYR C 378 -39.52 -23.57 -0.35
N ASN C 379 -39.21 -23.52 -1.63
CA ASN C 379 -39.99 -22.68 -2.54
C ASN C 379 -40.32 -23.46 -3.80
N LYS C 380 -40.97 -24.60 -3.61
CA LYS C 380 -41.74 -25.26 -4.66
C LYS C 380 -42.36 -24.29 -5.63
N ASP C 381 -43.05 -23.26 -5.14
CA ASP C 381 -43.83 -22.36 -5.97
C ASP C 381 -43.11 -21.08 -6.33
N LYS C 382 -41.86 -20.91 -5.89
CA LYS C 382 -41.03 -19.77 -6.27
C LYS C 382 -41.67 -18.45 -5.86
N LYS C 383 -41.88 -18.29 -4.56
CA LYS C 383 -42.29 -17.02 -3.98
C LYS C 383 -41.13 -16.22 -3.43
N VAL C 384 -39.97 -16.84 -3.27
CA VAL C 384 -38.76 -16.19 -2.78
C VAL C 384 -37.77 -16.12 -3.92
N ARG C 385 -37.27 -14.93 -4.21
CA ARG C 385 -36.24 -14.78 -5.23
C ARG C 385 -34.88 -15.03 -4.64
N VAL C 386 -33.92 -15.32 -5.51
CA VAL C 386 -32.56 -15.58 -5.07
C VAL C 386 -31.61 -14.82 -5.99
N PHE C 387 -30.82 -13.93 -5.41
CA PHE C 387 -29.79 -13.21 -6.14
C PHE C 387 -28.48 -13.66 -5.55
N THR C 388 -27.61 -14.20 -6.38
CA THR C 388 -26.32 -14.70 -5.93
C THR C 388 -25.23 -13.76 -6.41
N PHE C 389 -24.24 -13.58 -5.55
CA PHE C 389 -23.10 -12.73 -5.79
C PHE C 389 -21.86 -13.59 -5.64
N SER C 390 -21.00 -13.56 -6.63
CA SER C 390 -19.73 -14.28 -6.57
C SER C 390 -18.63 -13.24 -6.47
N VAL C 391 -17.96 -13.21 -5.33
CA VAL C 391 -17.11 -12.09 -4.96
C VAL C 391 -15.66 -12.53 -5.08
N GLY C 392 -14.82 -11.63 -5.56
CA GLY C 392 -13.39 -11.86 -5.58
C GLY C 392 -12.88 -12.42 -6.89
N GLN C 393 -11.58 -12.72 -6.89
CA GLN C 393 -10.91 -13.42 -7.98
C GLN C 393 -10.43 -14.76 -7.47
N HIS C 394 -11.17 -15.81 -7.78
CA HIS C 394 -10.89 -17.14 -7.31
C HIS C 394 -11.01 -18.08 -8.49
N ASN C 395 -10.57 -19.32 -8.29
CA ASN C 395 -10.61 -20.31 -9.36
C ASN C 395 -11.78 -21.26 -9.19
N TYR C 396 -12.61 -21.05 -8.20
CA TYR C 396 -13.68 -22.00 -7.89
C TYR C 396 -14.73 -21.97 -8.99
N ASP C 397 -15.69 -22.87 -8.87
CA ASP C 397 -16.67 -23.09 -9.91
C ASP C 397 -17.94 -22.29 -9.64
N ARG C 398 -18.46 -21.63 -10.66
CA ARG C 398 -19.59 -20.74 -10.52
C ARG C 398 -20.87 -21.25 -11.12
N GLY C 399 -20.84 -22.34 -11.88
CA GLY C 399 -22.03 -22.93 -12.42
C GLY C 399 -23.17 -23.14 -11.43
N PRO C 400 -22.88 -23.76 -10.28
CA PRO C 400 -23.93 -23.98 -9.29
C PRO C 400 -24.67 -22.74 -8.86
N ILE C 401 -23.98 -21.62 -8.60
CA ILE C 401 -24.67 -20.46 -8.07
C ILE C 401 -25.37 -19.67 -9.17
N GLN C 402 -24.82 -19.70 -10.39
CA GLN C 402 -25.60 -19.20 -11.50
C GLN C 402 -26.89 -19.99 -11.68
N TRP C 403 -26.85 -21.29 -11.41
CA TRP C 403 -28.07 -22.08 -11.48
C TRP C 403 -29.05 -21.68 -10.39
N MET C 404 -28.55 -21.54 -9.15
CA MET C 404 -29.41 -21.09 -8.06
C MET C 404 -30.13 -19.81 -8.41
N ALA C 405 -29.43 -18.89 -9.06
CA ALA C 405 -30.04 -17.63 -9.44
C ALA C 405 -31.07 -17.81 -10.53
N CYS C 406 -30.73 -18.53 -11.58
CA CYS C 406 -31.59 -18.66 -12.75
C CYS C 406 -32.80 -19.54 -12.49
N GLU C 407 -32.73 -20.38 -11.47
CA GLU C 407 -33.86 -21.24 -11.12
C GLU C 407 -34.90 -20.51 -10.29
N ASN C 408 -34.49 -19.82 -9.24
CA ASN C 408 -35.40 -19.13 -8.33
C ASN C 408 -35.56 -17.66 -8.69
N LYS C 409 -35.91 -17.36 -9.93
CA LYS C 409 -36.38 -16.04 -10.33
C LYS C 409 -35.47 -14.91 -9.87
N GLY C 410 -34.20 -15.16 -9.71
CA GLY C 410 -33.29 -14.15 -9.22
C GLY C 410 -32.32 -13.71 -10.27
N TYR C 411 -31.06 -13.55 -9.88
CA TYR C 411 -30.08 -12.97 -10.80
C TYR C 411 -28.69 -13.24 -10.25
N TYR C 412 -27.71 -13.14 -11.13
CA TYR C 412 -26.35 -13.54 -10.81
C TYR C 412 -25.42 -12.37 -11.06
N TYR C 413 -24.56 -12.07 -10.09
CA TYR C 413 -23.65 -10.94 -10.16
C TYR C 413 -22.25 -11.35 -9.79
N GLU C 414 -21.27 -10.66 -10.35
CA GLU C 414 -19.86 -10.89 -10.08
C GLU C 414 -19.22 -9.62 -9.58
N ILE C 415 -18.59 -9.69 -8.42
CA ILE C 415 -17.93 -8.53 -7.84
C ILE C 415 -16.44 -8.82 -7.70
N PRO C 416 -15.61 -8.42 -8.66
CA PRO C 416 -14.19 -8.75 -8.58
C PRO C 416 -13.33 -7.78 -7.79
N SER C 417 -13.77 -6.55 -7.57
CA SER C 417 -12.93 -5.53 -6.97
C SER C 417 -13.81 -4.58 -6.17
N ILE C 418 -13.16 -3.62 -5.50
CA ILE C 418 -13.92 -2.58 -4.81
C ILE C 418 -14.67 -1.71 -5.79
N GLY C 419 -14.04 -1.33 -6.90
CA GLY C 419 -14.70 -0.46 -7.83
C GLY C 419 -15.90 -1.08 -8.51
N ALA C 420 -16.10 -2.37 -8.32
CA ALA C 420 -17.24 -3.08 -8.86
C ALA C 420 -18.40 -3.14 -7.90
N ILE C 421 -18.21 -2.75 -6.65
CA ILE C 421 -19.22 -3.03 -5.64
C ILE C 421 -20.45 -2.17 -5.88
N ARG C 422 -20.29 -0.86 -5.90
CA ARG C 422 -21.43 0.06 -5.92
C ARG C 422 -22.42 -0.29 -7.02
N ILE C 423 -21.94 -0.57 -8.22
CA ILE C 423 -22.87 -0.79 -9.31
C ILE C 423 -23.54 -2.16 -9.23
N ASN C 424 -22.88 -3.16 -8.66
CA ASN C 424 -23.47 -4.49 -8.61
C ASN C 424 -24.39 -4.68 -7.45
N THR C 425 -24.24 -3.90 -6.39
CA THR C 425 -25.14 -4.00 -5.25
C THR C 425 -26.29 -3.01 -5.31
N GLN C 426 -26.49 -2.31 -6.42
CA GLN C 426 -27.64 -1.43 -6.59
C GLN C 426 -28.49 -1.84 -7.76
N GLU C 427 -28.13 -2.92 -8.43
CA GLU C 427 -28.74 -3.32 -9.68
C GLU C 427 -29.79 -4.39 -9.52
N TYR C 428 -29.93 -4.97 -8.33
CA TYR C 428 -30.98 -5.96 -8.12
C TYR C 428 -32.36 -5.35 -8.21
N LEU C 429 -32.45 -4.02 -8.22
CA LEU C 429 -33.74 -3.36 -8.19
C LEU C 429 -34.36 -3.26 -9.57
N ASP C 430 -33.69 -3.76 -10.60
CA ASP C 430 -34.32 -3.92 -11.90
C ASP C 430 -35.14 -5.19 -11.94
N VAL C 431 -34.63 -6.26 -11.33
CA VAL C 431 -35.38 -7.50 -11.27
C VAL C 431 -36.62 -7.32 -10.41
N LEU C 432 -36.51 -6.55 -9.34
CA LEU C 432 -37.63 -6.36 -8.43
C LEU C 432 -38.70 -5.46 -9.02
N GLY C 433 -38.40 -4.74 -10.09
CA GLY C 433 -39.33 -3.84 -10.72
C GLY C 433 -40.10 -4.40 -11.88
N ARG C 434 -39.77 -5.59 -12.35
CA ARG C 434 -40.53 -6.21 -13.43
C ARG C 434 -42.00 -6.39 -13.13
N PRO C 435 -42.40 -6.90 -11.96
CA PRO C 435 -43.83 -7.08 -11.72
C PRO C 435 -44.57 -5.80 -11.53
N MET C 436 -43.84 -4.70 -11.32
CA MET C 436 -44.41 -3.37 -11.27
C MET C 436 -44.60 -2.80 -12.66
N VAL C 437 -43.70 -3.12 -13.59
CA VAL C 437 -43.87 -2.70 -14.97
C VAL C 437 -45.03 -3.46 -15.62
N LEU C 438 -45.13 -4.75 -15.34
CA LEU C 438 -46.20 -5.55 -15.92
C LEU C 438 -47.56 -5.20 -15.38
N ALA C 439 -47.65 -4.40 -14.32
CA ALA C 439 -48.93 -3.99 -13.78
C ALA C 439 -49.52 -2.79 -14.49
N GLY C 440 -48.72 -1.99 -15.18
CA GLY C 440 -49.27 -0.95 -16.01
C GLY C 440 -49.53 0.32 -15.23
N ASP C 441 -50.74 0.85 -15.36
CA ASP C 441 -51.10 2.10 -14.71
C ASP C 441 -51.56 1.93 -13.28
N LYS C 442 -51.76 0.70 -12.82
CA LYS C 442 -52.00 0.51 -11.40
C LYS C 442 -50.76 0.79 -10.58
N ALA C 443 -49.58 0.76 -11.19
CA ALA C 443 -48.33 0.93 -10.46
C ALA C 443 -47.78 2.34 -10.54
N LYS C 444 -48.51 3.27 -11.13
CA LYS C 444 -48.09 4.66 -11.19
C LYS C 444 -48.83 5.48 -10.14
N GLN C 445 -48.41 5.31 -8.89
CA GLN C 445 -48.92 6.08 -7.77
C GLN C 445 -47.79 6.91 -7.21
N VAL C 446 -48.07 8.19 -6.95
CA VAL C 446 -47.06 9.09 -6.42
C VAL C 446 -46.71 8.70 -4.99
N GLN C 447 -45.44 8.76 -4.67
CA GLN C 447 -44.98 8.47 -3.33
C GLN C 447 -44.11 9.62 -2.85
N TRP C 448 -44.09 9.81 -1.54
CA TRP C 448 -43.29 10.84 -0.93
C TRP C 448 -42.28 10.19 -0.01
N THR C 449 -41.08 10.73 0.05
CA THR C 449 -40.00 10.10 0.79
C THR C 449 -39.99 10.55 2.23
N ASN C 450 -39.08 9.98 2.99
CA ASN C 450 -38.74 10.53 4.28
C ASN C 450 -38.13 11.91 4.07
N VAL C 451 -37.91 12.60 5.17
CA VAL C 451 -37.20 13.87 5.17
C VAL C 451 -35.72 13.59 5.03
N TYR C 452 -35.10 14.16 4.02
CA TYR C 452 -33.66 14.05 3.84
C TYR C 452 -33.14 15.44 3.56
N LEU C 453 -31.84 15.56 3.39
CA LEU C 453 -31.20 16.85 3.12
C LEU C 453 -30.82 16.92 1.66
N ASP C 454 -31.29 17.94 0.96
CA ASP C 454 -31.05 18.10 -0.45
C ASP C 454 -29.57 17.99 -0.79
N ALA C 455 -29.27 17.36 -1.92
CA ALA C 455 -27.87 17.23 -2.33
C ALA C 455 -27.35 18.50 -2.99
N LEU C 456 -28.24 19.43 -3.35
CA LEU C 456 -27.86 20.74 -3.86
C LEU C 456 -28.09 21.83 -2.83
N GLU C 457 -28.01 21.50 -1.54
CA GLU C 457 -27.94 22.46 -0.45
C GLU C 457 -29.18 23.34 -0.34
N LEU C 458 -30.35 22.71 -0.35
CA LEU C 458 -31.60 23.42 -0.19
C LEU C 458 -32.20 23.25 1.20
N GLY C 459 -31.61 22.43 2.04
CA GLY C 459 -32.16 22.19 3.36
C GLY C 459 -32.89 20.88 3.42
N LEU C 460 -33.94 20.79 4.24
CA LEU C 460 -34.70 19.56 4.39
C LEU C 460 -35.86 19.53 3.40
N VAL C 461 -35.97 18.44 2.66
CA VAL C 461 -36.96 18.28 1.61
C VAL C 461 -37.63 16.93 1.73
N ILE C 462 -38.79 16.79 1.12
CA ILE C 462 -39.33 15.51 0.71
C ILE C 462 -39.43 15.55 -0.80
N THR C 463 -39.38 14.39 -1.42
CA THR C 463 -39.44 14.27 -2.87
C THR C 463 -40.58 13.33 -3.23
N GLY C 464 -41.43 13.75 -4.16
CA GLY C 464 -42.48 12.90 -4.67
C GLY C 464 -42.06 12.30 -5.99
N THR C 465 -42.19 10.99 -6.09
CA THR C 465 -41.60 10.25 -7.19
C THR C 465 -42.65 9.51 -8.00
N LEU C 466 -42.24 9.04 -9.17
CA LEU C 466 -43.07 8.32 -10.13
C LEU C 466 -42.18 7.53 -11.08
N PRO C 467 -42.44 6.23 -11.28
CA PRO C 467 -41.63 5.47 -12.23
C PRO C 467 -42.08 5.67 -13.67
N VAL C 468 -41.11 5.63 -14.58
CA VAL C 468 -41.34 5.83 -16.00
C VAL C 468 -41.08 4.52 -16.71
N PHE C 469 -41.98 4.11 -17.61
CA PHE C 469 -41.90 2.80 -18.23
C PHE C 469 -41.42 2.88 -19.68
N ASN C 470 -40.75 1.82 -20.12
CA ASN C 470 -40.30 1.68 -21.50
C ASN C 470 -41.41 1.02 -22.31
N ILE C 471 -42.03 1.77 -23.22
CA ILE C 471 -43.15 1.29 -24.00
C ILE C 471 -42.81 1.52 -25.47
N THR C 472 -42.10 0.58 -26.06
CA THR C 472 -41.79 0.60 -27.49
C THR C 472 -42.36 -0.68 -28.08
N GLY C 473 -42.99 -0.57 -29.24
CA GLY C 473 -43.70 -1.71 -29.75
C GLY C 473 -44.84 -2.04 -28.81
N GLN C 474 -45.45 -1.01 -28.26
CA GLN C 474 -46.56 -1.15 -27.31
C GLN C 474 -47.90 -1.16 -28.01
N PHE C 475 -48.08 -0.32 -29.03
CA PHE C 475 -49.30 -0.27 -29.80
C PHE C 475 -49.40 -1.40 -30.81
N GLU C 476 -48.43 -2.32 -30.82
CA GLU C 476 -48.37 -3.38 -31.80
C GLU C 476 -47.93 -4.73 -31.26
N ASN C 477 -47.75 -4.87 -29.95
CA ASN C 477 -47.36 -6.14 -29.32
C ASN C 477 -46.05 -6.65 -29.92
N LYS C 478 -45.06 -5.76 -29.95
CA LYS C 478 -43.82 -6.08 -30.65
C LYS C 478 -42.70 -6.55 -29.71
N THR C 479 -42.25 -5.67 -28.81
CA THR C 479 -40.88 -5.78 -28.31
C THR C 479 -40.78 -6.64 -27.05
N ASN C 480 -41.36 -6.17 -25.94
CA ASN C 480 -41.42 -6.90 -24.67
C ASN C 480 -40.13 -7.64 -24.31
N LEU C 481 -38.97 -7.14 -24.73
CA LEU C 481 -37.69 -7.72 -24.35
C LEU C 481 -36.86 -6.80 -23.47
N LYS C 482 -36.55 -5.61 -23.98
CA LYS C 482 -35.99 -4.52 -23.20
C LYS C 482 -37.06 -3.81 -22.39
N ASN C 483 -38.32 -4.20 -22.56
CA ASN C 483 -39.48 -3.47 -22.06
C ASN C 483 -39.95 -3.91 -20.70
N GLN C 484 -39.20 -4.77 -20.03
CA GLN C 484 -39.59 -5.17 -18.69
C GLN C 484 -38.93 -4.35 -17.60
N LEU C 485 -38.09 -3.39 -17.97
CA LEU C 485 -37.46 -2.51 -17.01
C LEU C 485 -38.01 -1.10 -17.17
N ILE C 486 -37.78 -0.29 -16.16
CA ILE C 486 -38.23 1.09 -16.19
C ILE C 486 -37.12 1.96 -16.77
N LEU C 487 -37.51 3.12 -17.28
CA LEU C 487 -36.55 4.06 -17.84
C LEU C 487 -35.90 4.91 -16.76
N GLY C 488 -36.50 5.00 -15.60
CA GLY C 488 -36.00 5.86 -14.56
C GLY C 488 -37.16 6.30 -13.68
N VAL C 489 -36.88 7.26 -12.82
CA VAL C 489 -37.85 7.77 -11.88
C VAL C 489 -37.89 9.28 -12.02
N MET C 490 -39.07 9.83 -12.10
CA MET C 490 -39.27 11.27 -12.07
C MET C 490 -39.45 11.72 -10.63
N GLY C 491 -38.85 12.85 -10.28
CA GLY C 491 -38.91 13.35 -8.92
C GLY C 491 -39.16 14.84 -8.89
N VAL C 492 -39.81 15.29 -7.82
CA VAL C 492 -40.10 16.71 -7.63
C VAL C 492 -39.95 17.03 -6.15
N ASP C 493 -39.13 18.03 -5.82
CA ASP C 493 -38.80 18.33 -4.43
C ASP C 493 -39.80 19.28 -3.82
N VAL C 494 -40.01 19.15 -2.52
CA VAL C 494 -40.85 20.04 -1.73
C VAL C 494 -40.10 20.34 -0.46
N SER C 495 -39.75 21.59 -0.23
CA SER C 495 -38.97 21.92 0.94
C SER C 495 -39.88 22.11 2.14
N LEU C 496 -39.39 21.74 3.31
CA LEU C 496 -40.19 21.80 4.51
C LEU C 496 -40.53 23.21 4.92
N GLU C 497 -39.85 24.21 4.38
CA GLU C 497 -40.28 25.58 4.64
C GLU C 497 -41.42 26.02 3.73
N ASP C 498 -41.75 25.28 2.69
CA ASP C 498 -43.03 25.49 2.02
C ASP C 498 -44.18 24.99 2.86
N ILE C 499 -43.97 23.91 3.61
CA ILE C 499 -45.02 23.33 4.43
C ILE C 499 -45.15 24.08 5.73
N LYS C 500 -44.10 24.73 6.20
CA LYS C 500 -44.24 25.60 7.37
C LYS C 500 -44.87 26.92 7.04
N ARG C 501 -45.08 27.24 5.77
CA ARG C 501 -45.81 28.46 5.42
C ARG C 501 -47.30 28.24 5.32
N LEU C 502 -47.75 27.00 5.35
CA LEU C 502 -49.17 26.68 5.38
C LEU C 502 -49.67 26.38 6.77
N THR C 503 -48.77 26.28 7.74
CA THR C 503 -49.12 26.12 9.14
C THR C 503 -48.55 27.33 9.88
N PRO C 504 -49.17 28.50 9.74
CA PRO C 504 -48.62 29.71 10.35
C PRO C 504 -48.84 29.74 11.85
N ARG C 505 -47.83 30.17 12.58
CA ARG C 505 -47.79 29.98 14.02
C ARG C 505 -47.80 31.27 14.82
N PHE C 506 -48.30 32.36 14.27
CA PHE C 506 -48.18 33.64 14.95
C PHE C 506 -49.49 34.15 15.50
N THR C 507 -50.49 33.28 15.66
CA THR C 507 -51.65 33.56 16.48
C THR C 507 -51.77 32.60 17.64
N LEU C 508 -50.95 31.57 17.70
CA LEU C 508 -50.81 30.73 18.87
C LEU C 508 -49.69 31.27 19.72
N CYS C 509 -49.74 31.02 21.01
CA CYS C 509 -48.72 31.55 21.89
C CYS C 509 -47.40 30.88 21.57
N PRO C 510 -46.28 31.30 22.12
CA PRO C 510 -45.02 30.61 21.83
C PRO C 510 -45.00 29.14 22.21
N ASN C 511 -46.04 28.67 22.89
CA ASN C 511 -46.09 27.30 23.38
C ASN C 511 -46.89 26.36 22.49
N GLY C 512 -47.68 26.89 21.57
CA GLY C 512 -48.42 26.05 20.65
C GLY C 512 -47.69 25.84 19.34
N TYR C 513 -48.02 24.77 18.64
CA TYR C 513 -47.33 24.49 17.39
C TYR C 513 -48.09 23.42 16.60
N TYR C 514 -47.63 23.20 15.37
CA TYR C 514 -48.12 22.14 14.51
C TYR C 514 -47.09 21.05 14.42
N PHE C 515 -47.54 19.84 14.15
CA PHE C 515 -46.59 18.79 13.81
C PHE C 515 -47.30 17.71 13.02
N ALA C 516 -46.58 17.10 12.08
CA ALA C 516 -47.14 16.11 11.20
C ALA C 516 -46.40 14.81 11.38
N ILE C 517 -47.00 13.73 10.92
CA ILE C 517 -46.52 12.38 11.24
C ILE C 517 -46.70 11.47 10.05
N ASP C 518 -45.67 10.65 9.81
CA ASP C 518 -45.67 9.55 8.88
C ASP C 518 -46.64 8.47 9.31
N PRO C 519 -46.95 7.52 8.44
CA PRO C 519 -47.52 6.27 8.93
C PRO C 519 -46.43 5.31 9.32
N ASN C 520 -45.40 5.85 9.91
CA ASN C 520 -44.22 5.11 10.32
C ASN C 520 -43.71 5.64 11.63
N GLY C 521 -44.34 6.67 12.16
CA GLY C 521 -43.91 7.31 13.38
C GLY C 521 -43.16 8.57 13.11
N TYR C 522 -42.30 8.55 12.10
CA TYR C 522 -41.35 9.62 11.86
C TYR C 522 -42.06 10.93 11.62
N VAL C 523 -41.35 12.00 11.88
CA VAL C 523 -41.91 13.33 11.94
C VAL C 523 -41.59 14.05 10.65
N LEU C 524 -42.60 14.67 10.06
CA LEU C 524 -42.42 15.51 8.89
C LEU C 524 -42.24 16.97 9.26
N LEU C 525 -42.68 17.36 10.43
CA LEU C 525 -42.82 18.75 10.78
C LEU C 525 -42.89 18.80 12.29
N HIS C 526 -41.94 19.43 12.92
CA HIS C 526 -41.90 19.54 14.36
C HIS C 526 -40.98 20.68 14.72
N PRO C 527 -41.23 21.37 15.83
CA PRO C 527 -40.27 22.37 16.30
C PRO C 527 -38.88 21.83 16.51
N ASN C 528 -38.72 20.59 16.96
CA ASN C 528 -37.46 20.05 17.39
C ASN C 528 -36.75 19.25 16.32
N LEU C 529 -37.12 19.42 15.06
CA LEU C 529 -36.43 18.79 13.94
C LEU C 529 -35.50 19.80 13.30
N GLN C 530 -34.21 19.49 13.30
CA GLN C 530 -33.19 20.38 12.78
C GLN C 530 -32.58 19.83 11.51
N PRO C 531 -31.87 20.67 10.76
CA PRO C 531 -31.27 20.22 9.50
C PRO C 531 -30.03 19.34 9.63
N LYS C 532 -29.79 18.78 10.75
CA LYS C 532 -28.59 17.99 10.91
C LYS C 532 -28.88 16.51 10.80
N PRO C 533 -27.90 15.70 10.46
CA PRO C 533 -28.12 14.25 10.41
C PRO C 533 -28.44 13.67 11.77
N ILE C 534 -29.07 12.50 11.73
CA ILE C 534 -29.33 11.73 12.94
C ILE C 534 -28.07 11.01 13.34
N GLY C 535 -27.70 11.11 14.60
CA GLY C 535 -26.52 10.41 15.08
C GLY C 535 -26.84 9.03 15.59
N VAL C 536 -25.93 8.12 15.36
CA VAL C 536 -26.04 6.75 15.84
C VAL C 536 -24.79 6.46 16.65
N GLY C 537 -24.97 5.91 17.84
CA GLY C 537 -23.81 5.55 18.64
C GLY C 537 -22.90 6.70 19.07
N ILE C 538 -21.67 6.35 19.40
CA ILE C 538 -20.65 7.31 19.81
C ILE C 538 -19.63 7.43 18.69
N PRO C 539 -19.29 8.64 18.26
CA PRO C 539 -18.40 8.77 17.11
C PRO C 539 -16.95 8.63 17.50
N THR C 540 -16.25 7.75 16.81
CA THR C 540 -14.83 7.46 17.07
C THR C 540 -14.15 7.23 15.74
N ILE C 541 -13.04 7.91 15.51
CA ILE C 541 -12.21 7.70 14.32
C ILE C 541 -10.79 7.39 14.76
N ASN C 542 -9.99 6.91 13.81
CA ASN C 542 -8.58 6.62 14.04
C ASN C 542 -7.73 7.65 13.33
N LEU C 543 -7.19 8.61 14.09
CA LEU C 543 -6.46 9.73 13.51
C LEU C 543 -5.10 9.34 12.96
N ARG C 544 -4.61 8.16 13.28
CA ARG C 544 -3.33 7.71 12.79
C ARG C 544 -3.44 6.88 11.52
N LYS C 545 -4.61 6.87 10.88
CA LYS C 545 -4.80 6.16 9.63
C LYS C 545 -5.63 6.99 8.66
N ARG C 546 -5.34 8.27 8.53
CA ARG C 546 -6.10 9.16 7.65
C ARG C 546 -5.16 9.92 6.72
N ARG C 547 -5.07 9.49 5.46
CA ARG C 547 -4.35 10.27 4.48
C ARG C 547 -4.96 11.65 4.36
N PRO C 548 -4.15 12.67 4.06
CA PRO C 548 -4.68 14.05 4.11
C PRO C 548 -5.64 14.38 2.98
N ASN C 549 -5.50 13.75 1.82
CA ASN C 549 -6.11 14.23 0.58
C ASN C 549 -6.77 13.10 -0.20
N VAL C 550 -7.66 12.36 0.45
CA VAL C 550 -8.30 11.20 -0.19
C VAL C 550 -9.82 11.27 -0.21
N GLN C 551 -10.43 12.36 0.25
CA GLN C 551 -11.85 12.64 0.00
C GLN C 551 -12.75 11.55 0.60
N ASN C 552 -12.81 11.58 1.92
CA ASN C 552 -13.76 10.82 2.72
C ASN C 552 -15.18 10.87 2.12
N PRO C 553 -15.95 9.78 2.21
CA PRO C 553 -17.39 9.87 1.92
C PRO C 553 -18.16 10.52 3.07
N LYS C 554 -19.33 11.10 2.73
CA LYS C 554 -20.06 11.89 3.71
C LYS C 554 -21.30 11.24 4.32
N SER C 555 -22.33 10.98 3.52
CA SER C 555 -23.64 10.62 4.07
C SER C 555 -24.62 10.33 2.94
N GLN C 556 -25.60 9.49 3.25
CA GLN C 556 -26.77 9.37 2.38
C GLN C 556 -28.05 9.11 3.16
N GLU C 557 -28.06 9.28 4.46
CA GLU C 557 -29.23 8.84 5.20
C GLU C 557 -30.23 9.97 5.35
N PRO C 558 -31.49 9.63 5.64
CA PRO C 558 -32.49 10.66 5.88
C PRO C 558 -32.55 11.06 7.33
N VAL C 559 -33.24 12.17 7.56
CA VAL C 559 -33.46 12.69 8.90
C VAL C 559 -34.76 12.06 9.40
N THR C 560 -34.66 10.83 9.87
CA THR C 560 -35.80 10.08 10.35
C THR C 560 -35.83 10.17 11.87
N LEU C 561 -36.63 11.09 12.38
CA LEU C 561 -36.76 11.32 13.81
C LEU C 561 -38.16 10.91 14.24
N ASP C 562 -38.25 9.90 15.08
CA ASP C 562 -39.56 9.44 15.50
C ASP C 562 -40.25 10.53 16.30
N PHE C 563 -41.56 10.38 16.47
CA PHE C 563 -42.31 11.39 17.20
C PHE C 563 -42.04 11.30 18.68
N LEU C 564 -41.78 10.11 19.20
CA LEU C 564 -41.52 9.97 20.61
C LEU C 564 -40.07 10.24 20.98
N ASP C 565 -39.22 10.56 20.02
CA ASP C 565 -37.86 11.02 20.28
C ASP C 565 -37.68 12.50 20.02
N ALA C 566 -38.74 13.20 19.66
CA ALA C 566 -38.71 14.64 19.53
C ALA C 566 -39.29 15.35 20.73
N GLU C 567 -40.09 14.67 21.53
CA GLU C 567 -40.71 15.23 22.72
C GLU C 567 -40.45 14.33 23.91
N LEU C 568 -40.85 14.78 25.08
CA LEU C 568 -40.91 13.92 26.24
C LEU C 568 -42.13 13.01 26.12
N GLU C 569 -41.98 11.77 26.55
CA GLU C 569 -42.91 10.70 26.24
C GLU C 569 -43.69 10.28 27.49
N ASN C 570 -45.00 10.41 27.44
CA ASN C 570 -45.88 9.83 28.44
C ASN C 570 -46.38 8.49 27.96
N ASP C 571 -47.41 7.99 28.63
CA ASP C 571 -48.26 6.92 28.12
C ASP C 571 -49.39 7.44 27.26
N ILE C 572 -49.74 8.72 27.39
CA ILE C 572 -50.83 9.27 26.58
C ILE C 572 -50.34 9.66 25.20
N LYS C 573 -49.10 10.12 25.10
CA LYS C 573 -48.57 10.44 23.78
C LYS C 573 -48.38 9.20 22.94
N VAL C 574 -48.10 8.06 23.54
CA VAL C 574 -47.98 6.84 22.74
C VAL C 574 -49.31 6.49 22.12
N GLU C 575 -50.39 6.60 22.88
CA GLU C 575 -51.68 6.24 22.29
C GLU C 575 -52.17 7.32 21.33
N ILE C 576 -51.83 8.59 21.54
CA ILE C 576 -52.12 9.60 20.53
C ILE C 576 -51.39 9.28 19.22
N ARG C 577 -50.10 8.93 19.32
CA ARG C 577 -49.32 8.56 18.15
C ARG C 577 -49.92 7.37 17.43
N ASN C 578 -50.20 6.29 18.16
CA ASN C 578 -50.80 5.12 17.57
C ASN C 578 -52.14 5.43 16.95
N LYS C 579 -52.88 6.37 17.53
CA LYS C 579 -54.20 6.70 17.03
C LYS C 579 -54.15 7.48 15.75
N MET C 580 -53.20 8.38 15.60
CA MET C 580 -53.10 9.10 14.35
C MET C 580 -52.07 8.53 13.39
N ILE C 581 -51.52 7.36 13.68
CA ILE C 581 -50.88 6.57 12.64
C ILE C 581 -51.93 5.80 11.86
N ASP C 582 -53.00 5.39 12.54
CA ASP C 582 -54.16 4.79 11.90
C ASP C 582 -55.16 5.84 11.44
N GLY C 583 -54.69 6.86 10.74
CA GLY C 583 -55.52 7.84 10.08
C GLY C 583 -56.81 8.27 10.75
N GLU C 584 -56.80 8.47 12.06
CA GLU C 584 -57.99 8.85 12.81
C GLU C 584 -57.99 10.34 13.12
N SER C 585 -59.17 10.91 13.18
CA SER C 585 -59.39 12.27 13.65
C SER C 585 -59.60 12.23 15.16
N GLY C 586 -59.34 13.35 15.83
CA GLY C 586 -59.55 13.31 17.27
C GLY C 586 -59.01 14.52 17.99
N GLU C 587 -59.14 14.48 19.31
CA GLU C 587 -58.90 15.61 20.20
C GLU C 587 -58.70 15.07 21.61
N LYS C 588 -57.83 15.72 22.38
CA LYS C 588 -57.47 15.19 23.69
C LYS C 588 -56.76 16.23 24.53
N THR C 589 -57.27 16.47 25.74
CA THR C 589 -56.69 17.42 26.67
C THR C 589 -56.11 16.66 27.85
N PHE C 590 -54.87 16.96 28.20
CA PHE C 590 -54.23 16.25 29.30
C PHE C 590 -53.14 17.13 29.89
N ARG C 591 -52.34 16.55 30.77
CA ARG C 591 -51.30 17.28 31.49
C ARG C 591 -50.00 16.52 31.39
N THR C 592 -48.94 17.22 31.04
CA THR C 592 -47.71 16.59 30.61
C THR C 592 -46.53 17.39 31.10
N LEU C 593 -45.35 16.80 31.00
CA LEU C 593 -44.11 17.52 31.22
C LEU C 593 -43.64 18.10 29.91
N VAL C 594 -43.21 19.35 29.93
CA VAL C 594 -42.71 20.05 28.75
C VAL C 594 -41.28 20.47 29.05
N LYS C 595 -40.37 20.12 28.17
CA LYS C 595 -38.99 20.54 28.32
C LYS C 595 -38.84 21.98 27.87
N SER C 596 -37.90 22.70 28.47
CA SER C 596 -37.73 24.09 28.13
C SER C 596 -36.90 24.24 26.87
N GLN C 597 -36.91 25.44 26.30
CA GLN C 597 -36.19 25.71 25.07
C GLN C 597 -34.71 25.37 25.21
N ASP C 598 -34.03 25.97 26.17
CA ASP C 598 -32.70 25.53 26.57
C ASP C 598 -32.90 24.32 27.47
N GLU C 599 -32.33 23.20 27.10
CA GLU C 599 -32.74 21.98 27.75
C GLU C 599 -32.18 21.88 29.16
N ARG C 600 -32.68 22.72 30.06
CA ARG C 600 -32.26 22.71 31.45
C ARG C 600 -33.41 22.60 32.43
N TYR C 601 -34.63 22.88 32.04
CA TYR C 601 -35.77 22.88 32.93
C TYR C 601 -36.82 21.91 32.44
N ILE C 602 -37.85 21.74 33.26
CA ILE C 602 -39.04 20.99 32.91
C ILE C 602 -40.21 21.64 33.60
N ASP C 603 -41.23 22.01 32.83
CA ASP C 603 -42.46 22.53 33.39
C ASP C 603 -43.53 21.46 33.29
N LYS C 604 -44.58 21.61 34.06
CA LYS C 604 -45.77 20.76 33.94
C LYS C 604 -46.89 21.62 33.39
N GLY C 605 -47.43 21.24 32.25
CA GLY C 605 -48.44 22.04 31.60
C GLY C 605 -49.66 21.24 31.21
N ASN C 606 -50.76 21.94 31.06
CA ASN C 606 -51.93 21.38 30.41
C ASN C 606 -51.84 21.66 28.92
N ARG C 607 -52.09 20.63 28.12
CA ARG C 607 -52.01 20.75 26.67
C ARG C 607 -53.24 20.12 26.04
N THR C 608 -53.54 20.57 24.83
CA THR C 608 -54.60 19.99 24.02
C THR C 608 -54.00 19.61 22.68
N TYR C 609 -54.06 18.34 22.34
CA TYR C 609 -53.67 17.85 21.03
C TYR C 609 -54.92 17.62 20.22
N THR C 610 -54.98 18.21 19.03
CA THR C 610 -56.12 17.99 18.16
C THR C 610 -55.59 17.60 16.79
N TRP C 611 -55.91 16.39 16.34
CA TRP C 611 -55.30 15.85 15.13
C TRP C 611 -56.35 15.44 14.11
N THR C 612 -55.88 15.29 12.88
CA THR C 612 -56.70 14.95 11.73
C THR C 612 -55.80 14.32 10.67
N PRO C 613 -56.36 13.55 9.74
CA PRO C 613 -55.56 13.04 8.63
C PRO C 613 -55.55 13.96 7.43
N VAL C 614 -54.42 14.00 6.74
CA VAL C 614 -54.30 14.71 5.48
C VAL C 614 -54.84 13.79 4.39
N ASN C 615 -55.88 14.22 3.69
CA ASN C 615 -56.79 13.27 3.06
C ASN C 615 -56.17 12.58 1.85
N GLY C 616 -55.38 13.28 1.06
CA GLY C 616 -54.82 12.63 -0.10
C GLY C 616 -53.63 11.75 0.20
N THR C 617 -53.07 11.86 1.40
CA THR C 617 -51.76 11.32 1.70
C THR C 617 -51.86 10.34 2.87
N ASP C 618 -50.72 9.85 3.33
CA ASP C 618 -50.67 9.03 4.53
C ASP C 618 -50.06 9.79 5.71
N TYR C 619 -50.00 11.11 5.60
CA TYR C 619 -49.55 11.94 6.71
C TYR C 619 -50.71 12.21 7.65
N SER C 620 -50.38 12.73 8.82
CA SER C 620 -51.37 13.19 9.78
C SER C 620 -50.90 14.49 10.40
N LEU C 621 -51.81 15.44 10.58
CA LEU C 621 -51.45 16.74 11.12
C LEU C 621 -52.11 16.97 12.46
N ALA C 622 -51.36 17.48 13.42
CA ALA C 622 -51.87 17.76 14.75
C ALA C 622 -51.45 19.15 15.19
N LEU C 623 -52.31 19.77 15.99
CA LEU C 623 -52.06 21.07 16.59
C LEU C 623 -52.00 20.91 18.10
N VAL C 624 -50.94 21.42 18.72
CA VAL C 624 -50.81 21.45 20.16
C VAL C 624 -51.04 22.86 20.63
N LEU C 625 -52.07 23.05 21.45
CA LEU C 625 -52.42 24.33 22.00
C LEU C 625 -52.44 24.25 23.51
N PRO C 626 -51.75 25.12 24.23
CA PRO C 626 -51.94 25.20 25.68
C PRO C 626 -53.14 26.06 25.99
N THR C 627 -54.10 25.49 26.70
CA THR C 627 -55.22 26.29 27.19
C THR C 627 -54.67 27.48 27.95
N TYR C 628 -55.32 28.62 27.81
CA TYR C 628 -54.84 30.02 27.89
C TYR C 628 -54.34 30.51 26.55
N SER C 629 -54.34 29.69 25.50
CA SER C 629 -54.01 30.13 24.17
C SER C 629 -55.16 29.87 23.20
N PHE C 630 -56.39 29.92 23.71
CA PHE C 630 -57.57 29.75 22.87
C PHE C 630 -58.07 31.06 22.31
N TYR C 631 -57.64 32.19 22.84
CA TYR C 631 -57.98 33.49 22.31
C TYR C 631 -56.71 34.26 22.02
N TYR C 632 -56.74 35.02 20.96
CA TYR C 632 -55.64 35.91 20.63
C TYR C 632 -56.17 37.31 20.45
N ILE C 633 -55.25 38.25 20.31
CA ILE C 633 -55.57 39.65 20.09
C ILE C 633 -55.40 39.95 18.62
N LYS C 634 -56.43 40.52 17.99
CA LYS C 634 -56.32 41.05 16.65
C LYS C 634 -56.40 42.56 16.74
N ALA C 635 -55.41 43.24 16.19
CA ALA C 635 -55.35 44.69 16.32
C ALA C 635 -56.44 45.37 15.51
N LYS C 636 -56.88 46.52 16.00
CA LYS C 636 -57.97 47.23 15.35
C LYS C 636 -57.62 48.70 15.16
N ILE C 637 -56.33 48.99 14.97
CA ILE C 637 -55.86 50.36 14.80
C ILE C 637 -56.18 50.77 13.36
N GLU C 638 -57.17 51.64 13.20
CA GLU C 638 -57.66 52.02 11.88
C GLU C 638 -57.78 53.52 11.69
N GLU C 639 -57.08 54.32 12.49
CA GLU C 639 -56.88 55.73 12.18
C GLU C 639 -55.38 56.00 12.06
N THR C 640 -55.02 56.93 11.18
CA THR C 640 -53.61 57.17 10.90
C THR C 640 -52.89 57.81 12.07
N ILE C 641 -53.61 58.49 12.96
CA ILE C 641 -52.95 59.28 14.01
C ILE C 641 -52.16 58.37 14.94
N THR C 642 -52.86 57.42 15.56
CA THR C 642 -52.20 56.56 16.54
C THR C 642 -51.27 55.57 15.86
N GLN C 643 -51.64 55.09 14.67
CA GLN C 643 -50.72 54.26 13.88
C GLN C 643 -49.39 54.97 13.68
N ALA C 644 -49.44 56.24 13.29
CA ALA C 644 -48.22 56.99 13.03
C ALA C 644 -47.44 57.23 14.32
N ARG C 645 -48.14 57.62 15.38
CA ARG C 645 -47.48 57.83 16.67
C ARG C 645 -46.73 56.57 17.10
N TYR C 646 -47.42 55.44 17.11
CA TYR C 646 -46.82 54.17 17.46
C TYR C 646 -45.62 53.87 16.58
N SER C 647 -45.72 54.15 15.28
CA SER C 647 -44.58 53.93 14.41
C SER C 647 -43.41 54.82 14.80
N GLU C 648 -43.69 56.00 15.35
CA GLU C 648 -42.59 56.84 15.81
C GLU C 648 -41.91 56.24 17.02
N THR C 649 -42.66 55.58 17.91
CA THR C 649 -42.08 55.08 19.16
C THR C 649 -40.84 54.23 18.96
N LEU C 650 -40.68 53.54 17.84
CA LEU C 650 -39.54 52.64 17.66
C LEU C 650 -38.60 53.20 16.60
N LYS C 651 -37.71 54.10 17.04
CA LYS C 651 -36.73 54.77 16.20
C LYS C 651 -35.47 54.90 17.05
N PRO C 652 -34.32 54.46 16.55
CA PRO C 652 -33.12 54.39 17.39
C PRO C 652 -32.77 55.68 18.13
N ASP C 653 -32.96 56.84 17.50
CA ASP C 653 -32.51 58.08 18.11
C ASP C 653 -33.12 58.26 19.49
N ASN C 654 -34.41 58.05 19.64
CA ASN C 654 -35.09 58.26 20.91
C ASN C 654 -35.05 57.04 21.81
N PHE C 655 -34.11 56.11 21.60
CA PHE C 655 -34.01 54.96 22.50
C PHE C 655 -33.91 55.42 23.96
N GLU C 656 -33.17 56.49 24.21
CA GLU C 656 -32.96 56.95 25.58
C GLU C 656 -34.24 57.41 26.26
N GLU C 657 -35.39 57.35 25.59
CA GLU C 657 -36.65 57.59 26.24
C GLU C 657 -37.60 56.41 26.18
N SER C 658 -37.35 55.43 25.31
CA SER C 658 -38.14 54.22 25.30
C SER C 658 -37.32 52.98 25.63
N GLY C 659 -36.06 53.13 25.94
CA GLY C 659 -35.27 51.94 26.20
C GLY C 659 -34.95 51.22 24.91
N TYR C 660 -33.81 50.54 24.92
CA TYR C 660 -33.34 49.82 23.75
C TYR C 660 -34.41 48.85 23.26
N THR C 661 -34.78 49.00 21.99
CA THR C 661 -35.88 48.27 21.38
C THR C 661 -35.36 47.26 20.38
N PHE C 662 -35.80 46.02 20.52
CA PHE C 662 -35.57 44.97 19.55
C PHE C 662 -36.88 44.64 18.88
N LEU C 663 -36.79 44.17 17.64
CA LEU C 663 -37.93 43.80 16.84
C LEU C 663 -37.77 42.38 16.37
N ALA C 664 -38.87 41.65 16.31
CA ALA C 664 -38.81 40.25 15.92
C ALA C 664 -38.62 40.13 14.42
N PRO C 665 -37.63 39.41 13.95
CA PRO C 665 -37.32 39.33 12.53
C PRO C 665 -38.25 38.42 11.73
N ARG C 666 -39.52 38.78 11.67
CA ARG C 666 -40.47 37.98 10.93
C ARG C 666 -40.54 38.47 9.50
N ASP C 667 -41.50 37.96 8.72
CA ASP C 667 -41.76 38.50 7.39
C ASP C 667 -43.05 39.31 7.46
N TYR C 668 -42.89 40.61 7.72
CA TYR C 668 -44.05 41.48 7.75
C TYR C 668 -44.45 41.90 6.34
N CYS C 669 -43.48 42.21 5.49
CA CYS C 669 -43.72 42.51 4.08
C CYS C 669 -42.84 41.61 3.23
N SER C 670 -43.28 41.36 2.01
CA SER C 670 -42.52 40.51 1.10
C SER C 670 -41.15 41.07 0.75
N ASP C 671 -40.93 42.36 0.99
CA ASP C 671 -39.70 43.01 0.53
C ASP C 671 -38.61 42.97 1.58
N LEU C 672 -38.87 43.54 2.76
CA LEU C 672 -37.83 43.55 3.79
C LEU C 672 -37.62 42.15 4.31
N LYS C 673 -36.38 41.72 4.28
CA LYS C 673 -36.07 40.37 4.66
C LYS C 673 -35.40 40.35 6.02
N PRO C 674 -35.52 39.26 6.76
CA PRO C 674 -34.81 39.15 8.04
C PRO C 674 -33.31 39.30 7.84
N SER C 675 -32.70 40.07 8.73
CA SER C 675 -31.30 40.45 8.53
C SER C 675 -30.34 39.79 9.51
N ASP C 676 -30.78 39.48 10.72
CA ASP C 676 -30.01 38.88 11.82
C ASP C 676 -29.06 39.90 12.47
N ASN C 677 -28.88 41.07 11.89
CA ASN C 677 -28.32 42.22 12.59
C ASN C 677 -29.51 43.07 12.97
N ASN C 678 -29.94 42.99 14.23
CA ASN C 678 -31.29 43.44 14.53
C ASN C 678 -31.44 44.95 14.40
N THR C 679 -30.37 45.72 14.58
CA THR C 679 -30.47 47.15 14.35
C THR C 679 -30.63 47.45 12.87
N GLU C 680 -29.98 46.67 12.03
CA GLU C 680 -30.23 46.74 10.59
C GLU C 680 -31.70 46.46 10.28
N PHE C 681 -32.25 45.40 10.86
CA PHE C 681 -33.64 45.06 10.60
C PHE C 681 -34.58 46.15 11.09
N LEU C 682 -34.30 46.74 12.26
CA LEU C 682 -35.17 47.79 12.76
C LEU C 682 -35.13 49.01 11.85
N LEU C 683 -33.95 49.37 11.36
CA LEU C 683 -33.84 50.48 10.42
C LEU C 683 -34.63 50.20 9.16
N ASN C 684 -34.45 49.00 8.58
CA ASN C 684 -35.19 48.64 7.39
C ASN C 684 -36.69 48.69 7.64
N PHE C 685 -37.14 48.18 8.79
CA PHE C 685 -38.56 48.15 9.08
C PHE C 685 -39.11 49.55 9.21
N ASN C 686 -38.36 50.47 9.80
CA ASN C 686 -38.84 51.85 9.91
C ASN C 686 -38.93 52.50 8.54
N GLU C 687 -37.84 52.41 7.77
CA GLU C 687 -37.84 52.87 6.38
C GLU C 687 -39.04 52.34 5.63
N PHE C 688 -39.42 51.10 5.89
CA PHE C 688 -40.45 50.45 5.12
C PHE C 688 -41.84 50.87 5.58
N ILE C 689 -42.02 51.03 6.89
CA ILE C 689 -43.35 51.37 7.37
C ILE C 689 -43.67 52.81 7.01
N ASP C 690 -42.65 53.67 6.88
CA ASP C 690 -43.00 55.03 6.52
C ASP C 690 -42.87 55.33 5.02
N ARG C 691 -41.95 54.65 4.32
CA ARG C 691 -41.80 54.88 2.89
C ARG C 691 -42.97 54.32 2.11
N LYS C 692 -43.57 53.24 2.60
CA LYS C 692 -44.79 52.70 2.02
C LYS C 692 -45.89 52.78 3.08
N THR C 693 -47.03 53.34 2.70
CA THR C 693 -48.12 53.70 3.60
C THR C 693 -48.58 52.53 4.46
N PRO C 694 -49.21 52.79 5.61
CA PRO C 694 -49.76 51.70 6.43
C PRO C 694 -51.03 51.11 5.83
N ASN C 695 -51.39 51.56 4.63
CA ASN C 695 -52.42 50.87 3.87
C ASN C 695 -51.98 49.44 3.57
N ASN C 696 -50.67 49.22 3.50
CA ASN C 696 -50.07 47.91 3.30
C ASN C 696 -50.64 47.24 2.07
N PRO C 697 -50.19 47.64 0.88
CA PRO C 697 -50.72 47.05 -0.35
C PRO C 697 -50.50 45.55 -0.45
N SER C 698 -49.30 45.04 -0.14
CA SER C 698 -49.02 43.62 -0.29
C SER C 698 -48.48 42.95 0.97
N CYS C 699 -48.29 43.70 2.06
CA CYS C 699 -47.75 43.12 3.28
C CYS C 699 -48.80 42.36 4.07
N ASN C 700 -48.32 41.65 5.09
CA ASN C 700 -49.15 41.04 6.10
C ASN C 700 -49.53 42.16 7.06
N THR C 701 -50.71 42.74 6.83
CA THR C 701 -51.09 43.90 7.63
C THR C 701 -51.48 43.49 9.05
N ASP C 702 -51.75 42.20 9.28
CA ASP C 702 -52.08 41.77 10.63
C ASP C 702 -50.85 41.74 11.53
N LEU C 703 -49.75 41.18 11.05
CA LEU C 703 -48.52 41.20 11.82
C LEU C 703 -48.06 42.62 12.09
N ILE C 704 -48.10 43.49 11.09
CA ILE C 704 -47.63 44.86 11.29
C ILE C 704 -48.56 45.61 12.25
N ASN C 705 -49.86 45.43 12.12
CA ASN C 705 -50.76 46.09 13.04
C ASN C 705 -50.55 45.63 14.47
N ARG C 706 -50.27 44.33 14.66
CA ARG C 706 -50.04 43.83 16.01
C ARG C 706 -48.74 44.37 16.59
N VAL C 707 -47.68 44.41 15.79
CA VAL C 707 -46.43 44.97 16.26
C VAL C 707 -46.60 46.43 16.65
N LEU C 708 -47.34 47.20 15.84
CA LEU C 708 -47.53 48.60 16.17
C LEU C 708 -48.31 48.77 17.46
N LEU C 709 -49.39 48.01 17.62
CA LEU C 709 -50.14 48.07 18.86
C LEU C 709 -49.25 47.76 20.06
N ASP C 710 -48.41 46.74 19.94
CA ASP C 710 -47.63 46.30 21.08
C ASP C 710 -46.51 47.26 21.38
N ALA C 711 -45.94 47.89 20.36
CA ALA C 711 -44.97 48.95 20.59
C ALA C 711 -45.62 50.13 21.30
N GLY C 712 -46.85 50.46 20.93
CA GLY C 712 -47.54 51.52 21.62
C GLY C 712 -47.72 51.22 23.09
N PHE C 713 -48.18 50.01 23.40
CA PHE C 713 -48.39 49.64 24.80
C PHE C 713 -47.09 49.62 25.58
N THR C 714 -46.06 48.96 25.05
CA THR C 714 -44.79 48.87 25.74
C THR C 714 -44.20 50.25 25.98
N ASN C 715 -44.38 51.16 25.02
CA ASN C 715 -43.82 52.49 25.20
C ASN C 715 -44.61 53.29 26.23
N GLU C 716 -45.93 53.07 26.29
CA GLU C 716 -46.69 53.72 27.35
C GLU C 716 -46.20 53.28 28.71
N LEU C 717 -45.91 51.99 28.86
CA LEU C 717 -45.41 51.49 30.15
C LEU C 717 -44.04 52.06 30.46
N VAL C 718 -43.15 52.09 29.47
CA VAL C 718 -41.81 52.61 29.71
C VAL C 718 -41.87 54.09 30.09
N GLN C 719 -42.72 54.87 29.44
CA GLN C 719 -42.77 56.30 29.73
C GLN C 719 -43.42 56.56 31.08
N ASN C 720 -44.69 56.16 31.23
CA ASN C 720 -45.44 56.61 32.40
C ASN C 720 -44.92 56.00 33.69
N TYR C 721 -44.28 54.84 33.62
CA TYR C 721 -43.92 54.13 34.83
C TYR C 721 -42.42 53.95 35.01
N TRP C 722 -41.73 53.35 34.04
CA TRP C 722 -40.33 52.98 34.26
C TRP C 722 -39.43 54.20 34.33
N SER C 723 -39.87 55.33 33.77
CA SER C 723 -39.03 56.50 33.76
C SER C 723 -39.14 57.29 35.04
N LYS C 724 -40.20 57.10 35.81
CA LYS C 724 -40.38 57.90 37.01
C LYS C 724 -39.34 57.54 38.07
N GLN C 725 -38.87 56.29 38.08
CA GLN C 725 -37.74 55.89 38.91
C GLN C 725 -36.64 55.42 37.98
N LYS C 726 -35.74 56.33 37.61
CA LYS C 726 -34.71 55.99 36.62
C LYS C 726 -33.82 54.87 37.11
N ASN C 727 -33.64 54.75 38.42
CA ASN C 727 -32.94 53.61 38.98
C ASN C 727 -33.56 53.20 40.31
N ILE C 728 -33.57 51.91 40.56
CA ILE C 728 -34.07 51.32 41.79
C ILE C 728 -32.87 50.75 42.52
N LYS C 729 -33.10 50.20 43.71
CA LYS C 729 -31.99 49.83 44.58
C LYS C 729 -31.15 48.71 43.97
N GLY C 730 -31.75 47.55 43.77
CA GLY C 730 -31.01 46.41 43.27
C GLY C 730 -31.33 46.10 41.83
N VAL C 731 -32.34 46.77 41.28
CA VAL C 731 -32.72 46.57 39.90
C VAL C 731 -31.59 47.00 38.98
N LYS C 732 -31.05 46.04 38.25
CA LYS C 732 -30.00 46.31 37.28
C LYS C 732 -30.51 46.61 35.89
N ALA C 733 -31.65 46.02 35.50
CA ALA C 733 -32.27 46.26 34.21
C ALA C 733 -33.77 46.06 34.37
N ARG C 734 -34.49 46.33 33.29
CA ARG C 734 -35.91 46.07 33.22
C ARG C 734 -36.25 45.76 31.78
N PHE C 735 -37.11 44.78 31.55
CA PHE C 735 -37.48 44.42 30.19
C PHE C 735 -38.94 44.06 30.11
N VAL C 736 -39.51 44.32 28.94
CA VAL C 736 -40.80 43.78 28.55
C VAL C 736 -40.59 43.04 27.24
N VAL C 737 -41.15 41.86 27.13
CA VAL C 737 -41.13 41.11 25.90
C VAL C 737 -42.57 40.77 25.57
N THR C 738 -43.04 41.25 24.43
CA THR C 738 -44.44 41.03 24.12
C THR C 738 -44.56 40.13 22.90
N ASP C 739 -45.77 39.62 22.70
CA ASP C 739 -46.15 39.09 21.40
C ASP C 739 -46.16 40.24 20.41
N GLY C 740 -46.47 39.95 19.16
CA GLY C 740 -46.23 40.99 18.20
C GLY C 740 -44.75 40.95 17.85
N GLY C 741 -43.89 41.08 18.84
CA GLY C 741 -42.49 40.88 18.61
C GLY C 741 -41.61 42.03 19.06
N ILE C 742 -42.08 42.80 20.03
CA ILE C 742 -41.35 43.95 20.57
C ILE C 742 -40.65 43.54 21.84
N THR C 743 -39.37 43.87 21.95
CA THR C 743 -38.64 43.77 23.21
C THR C 743 -38.12 45.13 23.61
N ARG C 744 -38.31 45.52 24.86
CA ARG C 744 -37.80 46.81 25.33
C ARG C 744 -37.05 46.65 26.64
N VAL C 745 -35.81 47.10 26.66
CA VAL C 745 -34.93 47.02 27.83
C VAL C 745 -34.58 48.43 28.27
N TYR C 746 -34.98 48.81 29.49
CA TYR C 746 -35.12 50.23 29.80
C TYR C 746 -33.79 50.98 29.88
N PRO C 747 -32.92 50.74 30.85
CA PRO C 747 -31.67 51.51 30.82
C PRO C 747 -30.80 50.98 29.70
N LYS C 748 -30.67 51.77 28.63
CA LYS C 748 -30.02 51.28 27.41
C LYS C 748 -28.61 50.75 27.67
N GLU C 749 -28.02 51.11 28.81
CA GLU C 749 -26.77 50.50 29.21
C GLU C 749 -26.95 49.04 29.62
N ALA C 750 -28.20 48.58 29.67
CA ALA C 750 -28.48 47.15 29.77
C ALA C 750 -28.74 46.55 28.40
N GLY C 751 -29.17 47.36 27.45
CA GLY C 751 -29.54 46.89 26.14
C GLY C 751 -28.46 46.13 25.40
N GLU C 752 -27.21 46.28 25.79
CA GLU C 752 -26.19 45.47 25.14
C GLU C 752 -25.71 44.33 26.01
N ASN C 753 -26.19 44.22 27.24
CA ASN C 753 -26.05 43.01 28.03
C ASN C 753 -27.14 42.00 27.72
N TRP C 754 -28.17 42.41 26.98
CA TRP C 754 -29.29 41.54 26.61
C TRP C 754 -28.86 40.63 25.48
N GLN C 755 -28.75 39.34 25.77
CA GLN C 755 -28.31 38.36 24.77
C GLN C 755 -29.41 37.40 24.34
N GLU C 756 -30.65 37.66 24.73
CA GLU C 756 -31.74 36.79 24.36
C GLU C 756 -32.05 36.93 22.87
N ASN C 757 -32.72 35.93 22.34
CA ASN C 757 -33.19 35.99 20.96
C ASN C 757 -34.14 37.17 20.79
N PRO C 758 -34.06 37.90 19.69
CA PRO C 758 -35.06 38.95 19.46
C PRO C 758 -36.39 38.42 18.97
N GLU C 759 -36.46 37.17 18.54
CA GLU C 759 -37.73 36.57 18.17
C GLU C 759 -38.40 36.04 19.43
N THR C 760 -39.48 36.69 19.84
CA THR C 760 -40.07 36.38 21.13
C THR C 760 -40.72 35.00 21.19
N TYR C 761 -40.64 34.20 20.14
CA TYR C 761 -41.16 32.83 20.19
C TYR C 761 -40.06 31.82 20.45
N GLU C 762 -38.81 32.23 20.47
CA GLU C 762 -37.72 31.34 20.85
C GLU C 762 -37.08 31.70 22.17
N ASP C 763 -37.64 32.64 22.92
CA ASP C 763 -37.11 33.00 24.22
C ASP C 763 -37.54 31.97 25.25
N SER C 764 -36.58 31.32 25.88
CA SER C 764 -36.90 30.28 26.84
C SER C 764 -37.63 30.84 28.06
N PHE C 765 -37.20 32.00 28.55
CA PHE C 765 -37.80 32.55 29.75
C PHE C 765 -39.23 32.99 29.50
N TYR C 766 -39.54 33.41 28.27
CA TYR C 766 -40.91 33.73 27.91
C TYR C 766 -41.81 32.51 28.03
N LYS C 767 -41.40 31.41 27.41
CA LYS C 767 -42.22 30.22 27.42
C LYS C 767 -42.30 29.62 28.81
N ARG C 768 -41.28 29.81 29.63
CA ARG C 768 -41.35 29.29 31.00
C ARG C 768 -42.28 30.15 31.84
N SER C 769 -42.25 31.46 31.66
CA SER C 769 -43.10 32.32 32.46
C SER C 769 -44.55 32.23 32.04
N LEU C 770 -44.83 31.74 30.83
CA LEU C 770 -46.22 31.49 30.46
C LEU C 770 -46.77 30.26 31.14
N ASP C 771 -45.90 29.29 31.44
CA ASP C 771 -46.36 28.03 32.01
C ASP C 771 -46.63 28.15 33.51
N ASN C 772 -45.85 28.98 34.21
CA ASN C 772 -46.03 29.15 35.64
C ASN C 772 -46.96 30.32 35.93
N ASP C 773 -47.53 30.30 37.14
CA ASP C 773 -48.41 31.38 37.60
C ASP C 773 -47.70 32.30 38.58
N ASN C 774 -46.39 32.15 38.72
CA ASN C 774 -45.65 32.85 39.75
C ASN C 774 -44.40 33.42 39.09
N TYR C 775 -43.47 33.89 39.91
CA TYR C 775 -42.25 34.49 39.39
C TYR C 775 -41.27 33.40 39.02
N VAL C 776 -40.66 33.52 37.86
CA VAL C 776 -39.70 32.54 37.39
C VAL C 776 -38.34 33.19 37.38
N PHE C 777 -37.38 32.54 38.04
CA PHE C 777 -35.99 32.97 38.05
C PHE C 777 -35.22 32.13 37.06
N THR C 778 -34.45 32.77 36.22
CA THR C 778 -33.59 32.05 35.30
C THR C 778 -32.15 32.10 35.79
N ALA C 779 -31.53 31.01 35.83
CA ALA C 779 -30.16 30.99 36.30
C ALA C 779 -29.23 31.41 35.18
N PRO C 780 -28.19 32.16 35.44
CA PRO C 780 -27.24 32.49 34.39
C PRO C 780 -26.50 31.27 33.92
N TYR C 781 -25.71 31.40 32.87
CA TYR C 781 -24.83 30.31 32.50
C TYR C 781 -23.52 30.45 33.25
N PHE C 782 -22.90 29.31 33.53
CA PHE C 782 -21.67 29.29 34.28
C PHE C 782 -20.49 29.06 33.35
N ASN C 783 -19.40 29.80 33.59
CA ASN C 783 -18.16 29.69 32.83
C ASN C 783 -18.41 29.93 31.34
N LYS C 784 -19.28 30.88 31.06
CA LYS C 784 -19.61 31.24 29.69
C LYS C 784 -18.82 32.49 29.30
N SER C 785 -18.38 32.54 28.06
CA SER C 785 -17.51 33.61 27.59
C SER C 785 -18.32 34.86 27.33
N GLY C 786 -18.40 35.74 28.34
CA GLY C 786 -19.15 36.96 28.23
C GLY C 786 -19.71 37.40 29.55
N PRO C 787 -20.40 38.54 29.57
CA PRO C 787 -20.94 39.08 30.82
C PRO C 787 -22.05 38.22 31.40
N GLY C 788 -21.79 37.52 32.50
CA GLY C 788 -22.83 36.60 32.92
C GLY C 788 -23.13 36.36 34.38
N ALA C 789 -22.40 36.95 35.31
CA ALA C 789 -22.75 36.77 36.72
C ALA C 789 -23.09 38.09 37.39
N TYR C 790 -22.14 39.02 37.39
CA TYR C 790 -22.30 40.30 38.05
C TYR C 790 -22.49 41.45 37.08
N GLU C 791 -22.13 41.24 35.81
CA GLU C 791 -22.41 42.26 34.81
C GLU C 791 -23.89 42.33 34.51
N SER C 792 -24.52 41.19 34.20
CA SER C 792 -25.93 41.17 33.84
C SER C 792 -26.83 41.21 35.07
N GLY C 793 -26.76 40.19 35.90
CA GLY C 793 -27.69 40.00 36.99
C GLY C 793 -28.46 38.70 36.85
N ILE C 794 -29.38 38.49 37.79
CA ILE C 794 -30.24 37.32 37.79
C ILE C 794 -31.61 37.72 37.29
N MET C 795 -32.10 37.04 36.26
CA MET C 795 -33.36 37.41 35.63
C MET C 795 -34.54 36.84 36.40
N VAL C 796 -35.49 37.69 36.74
CA VAL C 796 -36.80 37.30 37.21
C VAL C 796 -37.80 37.72 36.14
N SER C 797 -38.90 36.98 36.02
CA SER C 797 -39.88 37.31 35.01
C SER C 797 -41.26 36.83 35.42
N LYS C 798 -42.28 37.46 34.88
CA LYS C 798 -43.65 37.09 35.17
C LYS C 798 -44.53 37.44 33.98
N ALA C 799 -45.53 36.62 33.73
CA ALA C 799 -46.40 36.79 32.57
C ALA C 799 -47.57 37.68 32.92
N VAL C 800 -47.76 38.71 32.11
CA VAL C 800 -48.92 39.59 32.22
C VAL C 800 -50.16 38.87 31.75
N GLU C 801 -51.16 38.76 32.62
CA GLU C 801 -52.36 38.01 32.30
C GLU C 801 -53.59 38.88 32.56
N ILE C 802 -54.45 39.00 31.54
CA ILE C 802 -55.56 39.94 31.55
C ILE C 802 -56.85 39.20 31.32
N TYR C 803 -57.95 39.80 31.77
CA TYR C 803 -59.30 39.31 31.54
C TYR C 803 -60.07 40.39 30.82
N ILE C 804 -60.32 40.18 29.53
CA ILE C 804 -60.99 41.20 28.74
C ILE C 804 -62.50 41.16 28.96
N GLN C 805 -63.13 40.04 28.64
CA GLN C 805 -64.55 39.86 28.90
C GLN C 805 -64.79 38.50 29.52
N GLY C 806 -64.01 38.16 30.53
CA GLY C 806 -64.04 36.83 31.09
C GLY C 806 -63.19 35.83 30.33
N LYS C 807 -62.20 36.31 29.58
CA LYS C 807 -61.32 35.46 28.80
C LYS C 807 -59.90 35.68 29.28
N LEU C 808 -59.13 34.61 29.41
CA LEU C 808 -57.74 34.74 29.82
C LEU C 808 -56.83 34.94 28.63
N LEU C 809 -55.90 35.87 28.77
CA LEU C 809 -54.91 36.10 27.75
C LEU C 809 -53.61 36.46 28.44
N LYS C 810 -52.49 35.97 27.92
CA LYS C 810 -51.17 36.31 28.44
C LYS C 810 -50.33 36.87 27.31
N PRO C 811 -50.52 38.16 26.99
CA PRO C 811 -49.89 38.71 25.79
C PRO C 811 -48.45 39.18 25.94
N ALA C 812 -47.90 39.22 27.15
CA ALA C 812 -46.55 39.74 27.32
C ALA C 812 -45.96 39.17 28.59
N VAL C 813 -44.67 39.47 28.79
CA VAL C 813 -43.93 39.00 29.96
C VAL C 813 -43.02 40.14 30.40
N VAL C 814 -43.19 40.59 31.62
CA VAL C 814 -42.37 41.64 32.17
C VAL C 814 -41.30 40.99 33.01
N GLY C 815 -40.23 41.70 33.28
CA GLY C 815 -39.20 41.10 34.09
C GLY C 815 -38.23 42.09 34.65
N ILE C 816 -37.08 41.57 35.06
CA ILE C 816 -36.08 42.37 35.76
C ILE C 816 -34.80 41.58 35.83
N LYS C 817 -33.68 42.28 35.93
CA LYS C 817 -32.43 41.68 36.35
C LYS C 817 -32.14 42.20 37.74
N ILE C 818 -31.78 41.32 38.63
CA ILE C 818 -31.46 41.67 40.00
C ILE C 818 -29.94 41.70 40.13
N ASP C 819 -29.45 42.69 40.87
CA ASP C 819 -28.03 42.83 41.11
C ASP C 819 -27.57 41.78 42.11
N VAL C 820 -26.51 41.07 41.75
CA VAL C 820 -26.04 40.00 42.62
C VAL C 820 -25.64 40.55 43.98
N ASN C 821 -24.86 41.64 44.00
CA ASN C 821 -24.28 42.11 45.25
C ASN C 821 -25.34 42.64 46.19
N SER C 822 -26.31 43.38 45.68
CA SER C 822 -27.42 43.82 46.50
C SER C 822 -28.16 42.63 47.11
N TRP C 823 -28.32 41.55 46.34
CA TRP C 823 -28.98 40.39 46.88
C TRP C 823 -28.15 39.75 47.98
N ILE C 824 -26.83 39.66 47.78
CA ILE C 824 -25.96 39.08 48.79
C ILE C 824 -26.12 39.84 50.10
N GLU C 825 -26.07 41.17 50.03
CA GLU C 825 -26.11 41.94 51.25
C GLU C 825 -27.51 42.06 51.85
N ASN C 826 -28.56 41.73 51.10
CA ASN C 826 -29.82 41.48 51.80
C ASN C 826 -29.91 40.07 52.33
N PHE C 827 -29.07 39.17 51.82
CA PHE C 827 -29.13 37.77 52.22
C PHE C 827 -28.41 37.52 53.52
N THR C 828 -27.26 38.16 53.72
CA THR C 828 -26.52 37.97 54.96
C THR C 828 -27.14 38.74 56.11
N LYS C 829 -27.81 39.85 55.82
CA LYS C 829 -28.44 40.63 56.87
C LYS C 829 -29.73 39.98 57.37
N ASP C 842 -27.93 31.21 60.88
CA ASP C 842 -26.72 31.74 61.47
C ASP C 842 -25.57 31.62 60.49
N CYS C 843 -25.80 32.04 59.25
CA CYS C 843 -24.78 31.98 58.21
C CYS C 843 -24.48 33.39 57.74
N LYS C 844 -23.22 33.79 57.89
CA LYS C 844 -22.70 35.02 57.35
C LYS C 844 -21.50 34.71 56.46
N ARG C 845 -21.02 35.74 55.77
CA ARG C 845 -20.04 35.55 54.71
C ARG C 845 -18.90 34.67 55.17
N ASN C 846 -18.70 33.58 54.45
CA ASN C 846 -17.64 32.61 54.72
C ASN C 846 -17.73 32.03 56.12
N SER C 847 -18.94 31.81 56.63
CA SER C 847 -19.09 30.97 57.80
C SER C 847 -18.61 29.56 57.48
N ASP C 848 -17.92 28.93 58.41
CA ASP C 848 -17.40 27.59 58.20
C ASP C 848 -18.11 26.54 59.07
N VAL C 849 -19.27 26.88 59.61
CA VAL C 849 -19.99 25.93 60.42
C VAL C 849 -21.13 25.34 59.60
N MET C 850 -21.68 26.13 58.68
CA MET C 850 -22.75 25.61 57.84
C MET C 850 -22.88 26.45 56.57
N ASP C 851 -23.65 25.93 55.62
CA ASP C 851 -23.90 26.53 54.32
C ASP C 851 -25.36 26.92 54.18
N CYS C 852 -25.61 28.05 53.52
CA CYS C 852 -26.95 28.47 53.12
C CYS C 852 -26.92 28.80 51.63
N VAL C 853 -27.68 28.04 50.85
CA VAL C 853 -27.79 28.30 49.42
C VAL C 853 -29.24 28.56 49.04
N ILE C 854 -29.41 29.16 47.87
CA ILE C 854 -30.70 29.32 47.23
C ILE C 854 -30.59 28.75 45.83
N LEU C 855 -31.42 27.76 45.53
CA LEU C 855 -31.46 27.13 44.23
C LEU C 855 -32.83 27.36 43.60
N ASP C 856 -32.94 27.06 42.31
CA ASP C 856 -34.22 27.07 41.62
C ASP C 856 -34.56 25.65 41.20
N ASP C 857 -35.79 25.44 40.77
CA ASP C 857 -36.19 24.11 40.34
C ASP C 857 -35.43 23.77 39.07
N GLY C 858 -34.43 22.92 39.22
CA GLY C 858 -33.49 22.70 38.16
C GLY C 858 -32.16 22.50 38.81
N GLY C 859 -32.07 22.94 40.06
CA GLY C 859 -30.90 22.72 40.88
C GLY C 859 -29.73 23.61 40.55
N PHE C 860 -29.96 24.86 40.20
CA PHE C 860 -28.89 25.76 39.84
C PHE C 860 -28.70 26.78 40.94
N LEU C 861 -27.44 27.11 41.21
CA LEU C 861 -27.12 27.95 42.35
C LEU C 861 -27.40 29.42 42.04
N LEU C 862 -28.14 30.07 42.90
CA LEU C 862 -28.46 31.47 42.73
C LEU C 862 -27.88 32.38 43.79
N MET C 863 -28.12 32.12 45.07
CA MET C 863 -27.60 32.97 46.13
C MET C 863 -26.95 32.06 47.15
N ALA C 864 -25.63 32.15 47.25
CA ALA C 864 -24.86 31.35 48.16
C ALA C 864 -24.52 32.13 49.44
N ASN C 865 -23.58 31.59 50.20
CA ASN C 865 -23.20 32.10 51.50
C ASN C 865 -21.68 32.12 51.69
N HIS C 866 -20.91 31.67 50.70
CA HIS C 866 -19.53 31.30 50.95
C HIS C 866 -18.49 31.97 50.07
N ASP C 867 -18.89 32.78 49.09
CA ASP C 867 -17.96 33.64 48.37
C ASP C 867 -16.99 32.81 47.52
N ASP C 868 -16.99 31.50 47.71
CA ASP C 868 -16.43 30.59 46.72
C ASP C 868 -17.52 29.76 46.07
N TYR C 869 -18.68 29.70 46.70
CA TYR C 869 -19.89 29.25 46.05
C TYR C 869 -20.40 30.31 45.07
N THR C 870 -20.55 31.54 45.56
CA THR C 870 -21.03 32.64 44.75
C THR C 870 -20.10 32.95 43.59
N ASN C 871 -18.90 32.38 43.56
CA ASN C 871 -18.07 32.53 42.38
C ASN C 871 -18.62 31.72 41.23
N GLN C 872 -19.23 30.58 41.53
CA GLN C 872 -19.91 29.75 40.54
C GLN C 872 -21.41 29.91 40.72
N ILE C 873 -21.96 30.95 40.12
CA ILE C 873 -23.39 31.18 40.12
C ILE C 873 -23.95 30.69 38.79
N GLY C 874 -25.05 29.96 38.83
CA GLY C 874 -25.59 29.32 37.66
C GLY C 874 -25.08 27.92 37.41
N ARG C 875 -24.39 27.32 38.36
CA ARG C 875 -23.83 25.99 38.23
C ARG C 875 -24.74 24.98 38.91
N PHE C 876 -24.77 23.76 38.37
CA PHE C 876 -25.62 22.74 38.95
C PHE C 876 -25.14 22.40 40.35
N PHE C 877 -26.06 22.42 41.32
CA PHE C 877 -25.66 22.23 42.70
C PHE C 877 -25.04 20.87 42.95
N GLY C 878 -25.43 19.86 42.21
CA GLY C 878 -24.76 18.59 42.35
C GLY C 878 -23.35 18.57 41.85
N GLU C 879 -22.87 19.68 41.32
CA GLU C 879 -21.49 19.81 40.89
C GLU C 879 -20.65 20.62 41.85
N ILE C 880 -21.27 21.20 42.88
CA ILE C 880 -20.55 21.92 43.92
C ILE C 880 -20.88 21.38 45.31
N ASP C 881 -21.76 20.39 45.41
CA ASP C 881 -21.97 19.60 46.61
C ASP C 881 -22.76 18.35 46.28
N PRO C 882 -22.13 17.31 45.71
CA PRO C 882 -22.90 16.19 45.17
C PRO C 882 -23.64 15.38 46.21
N SER C 883 -23.14 15.31 47.44
CA SER C 883 -23.76 14.45 48.45
C SER C 883 -25.17 14.91 48.78
N LEU C 884 -25.32 16.18 49.14
CA LEU C 884 -26.63 16.68 49.52
C LEU C 884 -27.58 16.71 48.35
N MET C 885 -27.06 16.88 47.13
CA MET C 885 -27.93 16.88 45.96
C MET C 885 -28.47 15.49 45.68
N ARG C 886 -27.61 14.47 45.76
CA ARG C 886 -28.11 13.10 45.61
C ARG C 886 -29.12 12.79 46.69
N HIS C 887 -28.89 13.27 47.91
CA HIS C 887 -29.86 13.00 48.95
C HIS C 887 -31.17 13.72 48.68
N LEU C 888 -31.12 14.93 48.12
CA LEU C 888 -32.35 15.66 47.80
C LEU C 888 -33.12 14.96 46.70
N VAL C 889 -32.43 14.43 45.70
CA VAL C 889 -33.11 13.58 44.72
C VAL C 889 -33.73 12.38 45.40
N ASN C 890 -33.06 11.86 46.42
CA ASN C 890 -33.56 10.66 47.10
C ASN C 890 -34.78 10.96 47.95
N ILE C 891 -34.79 12.10 48.64
CA ILE C 891 -35.90 12.48 49.49
C ILE C 891 -37.15 12.76 48.65
N SER C 892 -36.95 12.94 47.35
CA SER C 892 -38.01 13.36 46.42
C SER C 892 -38.46 14.79 46.74
N VAL C 893 -37.49 15.70 46.84
CA VAL C 893 -37.75 17.12 46.76
C VAL C 893 -37.40 17.52 45.32
N TYR C 894 -36.55 16.73 44.69
CA TYR C 894 -36.23 16.85 43.27
C TYR C 894 -36.54 15.55 42.55
N ALA C 895 -37.32 15.64 41.48
CA ALA C 895 -37.44 14.58 40.51
C ALA C 895 -36.55 14.90 39.32
N PHE C 896 -36.38 13.93 38.43
CA PHE C 896 -35.68 14.22 37.19
C PHE C 896 -36.20 13.32 36.08
N ASN C 897 -35.98 13.78 34.85
CA ASN C 897 -36.30 13.02 33.65
C ASN C 897 -35.11 13.05 32.71
N LYS C 898 -34.83 11.91 32.08
CA LYS C 898 -33.73 11.76 31.15
C LYS C 898 -34.26 11.59 29.74
N SER C 899 -33.54 12.13 28.77
CA SER C 899 -33.94 12.10 27.38
C SER C 899 -32.72 11.83 26.52
N TYR C 900 -32.97 11.64 25.23
CA TYR C 900 -31.90 11.52 24.25
C TYR C 900 -32.10 12.58 23.18
N ASP C 901 -31.03 13.26 22.84
CA ASP C 901 -30.98 14.13 21.68
C ASP C 901 -30.26 13.35 20.60
N TYR C 902 -30.94 13.12 19.48
CA TYR C 902 -30.40 12.34 18.39
C TYR C 902 -29.72 13.16 17.34
N GLN C 903 -29.81 14.48 17.41
CA GLN C 903 -29.07 15.35 16.53
C GLN C 903 -28.16 16.19 17.39
N SER C 904 -27.03 15.63 17.80
CA SER C 904 -26.08 16.35 18.61
C SER C 904 -24.74 16.33 17.92
N VAL C 905 -23.85 17.19 18.33
CA VAL C 905 -22.50 17.21 17.80
C VAL C 905 -21.50 16.88 18.90
N CYS C 906 -20.48 16.11 18.55
CA CYS C 906 -19.56 15.56 19.53
C CYS C 906 -18.14 15.69 18.98
N GLU C 907 -17.19 15.87 19.90
CA GLU C 907 -15.78 15.77 19.56
C GLU C 907 -15.33 14.33 19.71
N PRO C 908 -14.90 13.66 18.65
CA PRO C 908 -14.77 12.21 18.68
C PRO C 908 -13.69 11.75 19.65
N GLY C 909 -13.93 10.58 20.26
CA GLY C 909 -12.95 9.96 21.12
C GLY C 909 -11.96 9.13 20.33
N ALA C 910 -11.10 8.44 21.06
CA ALA C 910 -10.02 7.66 20.47
C ALA C 910 -10.41 6.19 20.51
N ALA C 911 -10.69 5.64 19.34
CA ALA C 911 -11.03 4.23 19.17
C ALA C 911 -11.29 3.95 17.70
N SER C 972 -13.60 17.78 12.00
CA SER C 972 -14.22 18.64 13.00
C SER C 972 -15.00 17.82 14.03
N LYS C 973 -16.25 18.22 14.25
CA LYS C 973 -17.16 17.56 15.18
C LYS C 973 -18.14 16.72 14.38
N GLN C 974 -18.42 15.51 14.86
CA GLN C 974 -19.34 14.64 14.14
C GLN C 974 -20.68 14.59 14.87
N SER C 975 -21.62 13.81 14.36
CA SER C 975 -22.96 13.76 14.91
C SER C 975 -23.09 12.58 15.86
N CYS C 976 -23.76 12.80 16.99
CA CYS C 976 -23.84 11.82 18.05
C CYS C 976 -25.18 11.93 18.74
N ILE C 977 -25.49 10.88 19.49
CA ILE C 977 -26.56 10.89 20.48
C ILE C 977 -26.01 11.37 21.80
N THR C 978 -26.74 12.22 22.49
CA THR C 978 -26.36 12.64 23.83
C THR C 978 -27.53 12.45 24.77
N GLU C 979 -27.25 12.09 26.01
CA GLU C 979 -28.30 12.02 27.00
C GLU C 979 -28.41 13.33 27.75
N GLN C 980 -29.63 13.78 27.96
CA GLN C 980 -29.94 15.02 28.65
C GLN C 980 -30.68 14.71 29.93
N THR C 981 -30.45 15.52 30.97
CA THR C 981 -31.13 15.35 32.24
C THR C 981 -31.82 16.65 32.59
N GLN C 982 -32.98 16.56 33.20
CA GLN C 982 -33.66 17.76 33.67
C GLN C 982 -34.27 17.48 35.02
N TYR C 983 -34.02 18.36 35.99
CA TYR C 983 -34.53 18.20 37.33
C TYR C 983 -35.71 19.14 37.54
N PHE C 984 -36.58 18.80 38.48
CA PHE C 984 -37.71 19.66 38.77
C PHE C 984 -38.28 19.30 40.13
N PHE C 985 -39.26 20.07 40.57
CA PHE C 985 -39.98 19.80 41.80
C PHE C 985 -41.13 18.86 41.48
N ASP C 986 -41.29 17.81 42.29
CA ASP C 986 -42.47 16.96 42.17
C ASP C 986 -43.44 17.16 43.34
N ASN C 987 -42.94 17.01 44.55
CA ASN C 987 -43.80 17.09 45.71
C ASN C 987 -44.13 18.55 46.01
N ASP C 988 -45.33 18.79 46.51
CA ASP C 988 -45.82 20.14 46.77
C ASP C 988 -45.66 20.58 48.22
N SER C 989 -44.73 19.98 48.96
CA SER C 989 -44.60 20.36 50.36
C SER C 989 -43.53 21.43 50.53
N LYS C 990 -43.79 22.35 51.46
CA LYS C 990 -43.00 23.54 51.64
C LYS C 990 -41.68 23.31 52.35
N SER C 991 -41.62 22.35 53.27
CA SER C 991 -40.42 22.14 54.07
C SER C 991 -39.97 20.68 53.99
N PHE C 992 -38.67 20.49 54.11
CA PHE C 992 -38.06 19.16 54.19
C PHE C 992 -36.90 19.30 55.17
N SER C 993 -37.06 18.75 56.37
CA SER C 993 -35.97 18.71 57.33
C SER C 993 -35.32 17.34 57.26
N GLY C 994 -34.09 17.23 57.75
CA GLY C 994 -33.51 15.91 57.81
C GLY C 994 -32.06 15.97 58.22
N VAL C 995 -31.39 14.82 58.09
CA VAL C 995 -29.98 14.70 58.42
C VAL C 995 -29.37 13.66 57.50
N LEU C 996 -28.36 14.08 56.73
CA LEU C 996 -27.70 13.19 55.79
C LEU C 996 -26.44 12.67 56.44
N ASP C 997 -26.31 11.35 56.48
CA ASP C 997 -25.15 10.73 57.10
C ASP C 997 -24.26 10.19 55.99
N CYS C 998 -23.00 10.58 56.01
CA CYS C 998 -22.02 9.93 55.15
C CYS C 998 -21.46 8.67 55.77
N GLY C 999 -21.74 8.44 57.06
CA GLY C 999 -21.09 7.37 57.79
C GLY C 999 -19.81 7.93 58.38
N ASN C 1000 -19.71 7.91 59.71
CA ASN C 1000 -18.70 8.65 60.47
C ASN C 1000 -19.06 10.13 60.58
N CYS C 1001 -20.11 10.56 59.91
CA CYS C 1001 -20.51 11.95 59.95
C CYS C 1001 -22.00 12.07 59.71
N SER C 1002 -22.56 13.21 60.08
CA SER C 1002 -23.98 13.44 59.91
C SER C 1002 -24.24 14.94 59.90
N ARG C 1003 -24.54 15.46 58.71
CA ARG C 1003 -24.81 16.87 58.52
C ARG C 1003 -26.31 17.06 58.59
N ILE C 1004 -26.75 17.89 59.47
CA ILE C 1004 -28.17 18.14 59.60
C ILE C 1004 -28.54 19.26 58.65
N PHE C 1005 -29.72 19.17 58.05
CA PHE C 1005 -30.12 20.12 57.02
C PHE C 1005 -31.59 20.44 57.15
N HIS C 1006 -31.96 21.57 56.57
CA HIS C 1006 -33.35 21.98 56.43
C HIS C 1006 -33.48 22.73 55.13
N VAL C 1007 -34.37 22.28 54.25
CA VAL C 1007 -34.68 23.01 53.03
C VAL C 1007 -36.13 23.48 53.14
N GLU C 1008 -36.40 24.64 52.59
CA GLU C 1008 -37.73 25.22 52.63
C GLU C 1008 -38.00 25.89 51.30
N LYS C 1009 -39.16 25.63 50.73
CA LYS C 1009 -39.49 26.18 49.43
C LYS C 1009 -40.06 27.57 49.63
N LEU C 1010 -39.46 28.56 48.95
CA LEU C 1010 -39.98 29.92 49.00
C LEU C 1010 -41.33 29.96 48.29
N MET C 1011 -42.32 30.53 48.95
CA MET C 1011 -43.65 30.56 48.35
C MET C 1011 -43.69 31.58 47.23
N ASN C 1012 -44.46 31.28 46.20
CA ASN C 1012 -44.81 32.19 45.11
C ASN C 1012 -43.68 32.40 44.12
N THR C 1013 -42.63 31.60 44.18
CA THR C 1013 -41.56 31.65 43.20
C THR C 1013 -41.17 30.22 42.88
N ASN C 1014 -40.06 30.04 42.18
CA ASN C 1014 -39.53 28.72 41.90
C ASN C 1014 -38.20 28.51 42.62
N LEU C 1015 -38.10 28.94 43.87
CA LEU C 1015 -36.86 28.92 44.61
C LEU C 1015 -36.97 28.02 45.84
N ILE C 1016 -35.83 27.42 46.20
CA ILE C 1016 -35.69 26.60 47.38
C ILE C 1016 -34.48 27.10 48.17
N PHE C 1017 -34.65 27.21 49.48
CA PHE C 1017 -33.61 27.69 50.38
C PHE C 1017 -33.11 26.53 51.23
N ILE C 1018 -31.81 26.25 51.17
CA ILE C 1018 -31.22 25.10 51.83
C ILE C 1018 -30.24 25.60 52.87
N MET C 1019 -30.32 25.05 54.08
CA MET C 1019 -29.37 25.31 55.15
C MET C 1019 -28.85 23.99 55.66
N VAL C 1020 -27.58 23.70 55.40
CA VAL C 1020 -27.01 22.40 55.72
C VAL C 1020 -25.77 22.60 56.56
N GLU C 1021 -25.41 21.60 57.35
CA GLU C 1021 -24.13 21.64 58.05
C GLU C 1021 -22.99 21.69 57.05
N SER C 1022 -21.89 22.30 57.45
CA SER C 1022 -20.81 22.59 56.50
C SER C 1022 -20.20 21.32 55.96
N LYS C 1023 -19.45 21.46 54.87
CA LYS C 1023 -18.93 20.30 54.17
C LYS C 1023 -17.51 19.99 54.58
N GLY C 1024 -16.73 21.01 54.94
CA GLY C 1024 -15.33 20.82 55.27
C GLY C 1024 -15.13 20.22 56.64
N THR C 1025 -16.21 19.98 57.39
CA THR C 1025 -16.06 19.26 58.64
C THR C 1025 -15.54 17.84 58.40
N CYS C 1026 -16.36 17.02 57.75
CA CYS C 1026 -16.05 15.62 57.53
C CYS C 1026 -15.77 15.36 56.06
N PRO C 1027 -14.58 14.93 55.72
CA PRO C 1027 -14.27 14.65 54.31
C PRO C 1027 -14.98 13.40 53.80
N CYS C 1028 -16.27 13.57 53.49
CA CYS C 1028 -17.06 12.54 52.83
C CYS C 1028 -17.56 13.06 51.50
N ASP C 1029 -17.42 12.23 50.47
CA ASP C 1029 -17.94 12.54 49.14
C ASP C 1029 -17.87 11.28 48.31
N THR C 1030 -18.72 11.21 47.28
CA THR C 1030 -18.70 10.08 46.36
C THR C 1030 -18.25 10.47 44.96
N ARG C 1031 -18.98 11.35 44.29
CA ARG C 1031 -18.70 11.69 42.90
C ARG C 1031 -19.67 12.76 42.44
N LEU C 1032 -19.29 13.55 41.44
CA LEU C 1032 -20.16 14.61 40.99
C LEU C 1032 -21.44 14.05 40.39
N LEU C 1033 -22.47 14.88 40.38
CA LEU C 1033 -23.77 14.57 39.79
C LEU C 1033 -23.98 15.60 38.69
N ILE C 1034 -23.80 15.20 37.46
CA ILE C 1034 -23.74 16.15 36.37
C ILE C 1034 -25.12 16.31 35.74
N GLN C 1035 -25.43 17.53 35.34
CA GLN C 1035 -26.62 17.87 34.57
C GLN C 1035 -26.09 18.54 33.31
N ALA C 1036 -25.76 17.74 32.31
CA ALA C 1036 -25.20 18.29 31.09
C ALA C 1036 -25.34 17.26 30.00
N GLU C 1037 -25.35 17.73 28.76
CA GLU C 1037 -25.37 16.82 27.63
C GLU C 1037 -24.20 15.87 27.76
N GLN C 1038 -24.47 14.60 28.02
CA GLN C 1038 -23.42 13.61 28.15
C GLN C 1038 -23.49 12.70 26.95
N THR C 1039 -22.44 12.69 26.14
CA THR C 1039 -22.45 11.87 24.95
C THR C 1039 -22.73 10.42 25.29
N SER C 1040 -23.69 9.82 24.61
CA SER C 1040 -24.19 8.49 24.92
C SER C 1040 -24.18 7.64 23.67
N ASP C 1041 -24.64 6.41 23.81
CA ASP C 1041 -24.86 5.56 22.66
C ASP C 1041 -26.22 4.90 22.63
N GLY C 1042 -26.82 4.64 23.78
CA GLY C 1042 -28.08 3.94 23.86
C GLY C 1042 -29.21 4.72 23.24
N PRO C 1043 -30.42 4.16 23.26
CA PRO C 1043 -30.84 2.89 23.86
C PRO C 1043 -30.38 1.65 23.12
N ASP C 1044 -30.48 0.51 23.79
CA ASP C 1044 -29.98 -0.74 23.26
C ASP C 1044 -30.94 -1.24 22.19
N PRO C 1045 -30.49 -1.32 20.94
CA PRO C 1045 -31.42 -1.70 19.86
C PRO C 1045 -31.80 -3.14 19.86
N CYS C 1046 -31.02 -4.03 20.50
CA CYS C 1046 -31.39 -5.43 20.55
C CYS C 1046 -32.63 -5.65 21.41
N ASP C 1047 -33.01 -4.68 22.24
CA ASP C 1047 -34.20 -4.74 23.06
C ASP C 1047 -35.37 -3.98 22.49
N MET C 1048 -35.13 -2.86 21.79
CA MET C 1048 -36.22 -2.18 21.12
C MET C 1048 -36.81 -3.03 20.02
N VAL C 1049 -36.03 -3.98 19.52
CA VAL C 1049 -36.48 -4.82 18.41
C VAL C 1049 -37.44 -5.89 18.91
N LYS C 1050 -37.29 -6.32 20.16
CA LYS C 1050 -38.21 -7.29 20.73
C LYS C 1050 -39.58 -6.70 21.01
N GLN C 1051 -39.64 -5.41 21.36
CA GLN C 1051 -40.89 -4.71 21.63
C GLN C 1051 -40.86 -3.41 20.85
N PRO C 1052 -41.25 -3.44 19.59
CA PRO C 1052 -41.09 -2.27 18.72
C PRO C 1052 -42.34 -1.41 18.70
N ARG C 1053 -42.16 -0.18 18.20
CA ARG C 1053 -43.26 0.77 18.16
C ARG C 1053 -44.25 0.40 17.08
N TYR C 1054 -45.49 0.80 17.28
CA TYR C 1054 -46.55 0.47 16.33
C TYR C 1054 -46.27 1.15 15.00
N ARG C 1055 -46.76 0.56 13.93
CA ARG C 1055 -46.30 0.90 12.61
C ARG C 1055 -47.35 0.49 11.60
N LYS C 1056 -47.42 1.22 10.50
CA LYS C 1056 -48.33 0.89 9.41
C LYS C 1056 -47.56 0.80 8.11
N GLY C 1057 -47.74 -0.30 7.39
CA GLY C 1057 -47.01 -0.51 6.18
C GLY C 1057 -47.82 -0.14 4.96
N PRO C 1058 -47.16 0.09 3.84
CA PRO C 1058 -47.89 0.26 2.59
C PRO C 1058 -48.62 -1.02 2.26
N ASP C 1059 -49.84 -0.89 1.76
CA ASP C 1059 -50.62 -2.05 1.41
C ASP C 1059 -50.55 -2.41 -0.07
N VAL C 1060 -49.91 -1.59 -0.89
CA VAL C 1060 -49.71 -1.91 -2.29
C VAL C 1060 -48.37 -2.62 -2.44
N CYS C 1061 -48.39 -3.76 -3.13
CA CYS C 1061 -47.19 -4.57 -3.30
C CYS C 1061 -47.26 -5.17 -4.69
N PHE C 1062 -46.25 -4.88 -5.50
CA PHE C 1062 -46.12 -5.42 -6.85
C PHE C 1062 -44.96 -6.39 -6.83
N ASP C 1063 -45.26 -7.64 -6.56
CA ASP C 1063 -44.37 -8.75 -6.87
C ASP C 1063 -45.24 -9.83 -7.50
N ASN C 1064 -44.60 -10.85 -8.03
CA ASN C 1064 -45.31 -12.01 -8.57
C ASN C 1064 -46.31 -11.61 -9.65
N ASN C 1065 -45.79 -11.24 -10.80
CA ASN C 1065 -46.57 -11.34 -12.03
C ASN C 1065 -46.19 -12.64 -12.71
N VAL C 1066 -47.16 -13.27 -13.35
CA VAL C 1066 -46.89 -14.55 -14.02
C VAL C 1066 -46.40 -14.36 -15.45
N LEU C 1067 -46.56 -13.17 -16.01
CA LEU C 1067 -46.05 -12.85 -17.34
C LEU C 1067 -44.59 -12.45 -17.30
N GLU C 1068 -43.94 -12.64 -16.16
CA GLU C 1068 -42.54 -12.27 -16.03
C GLU C 1068 -41.66 -13.23 -16.79
N ASP C 1069 -40.45 -12.79 -17.11
CA ASP C 1069 -39.62 -13.51 -18.04
C ASP C 1069 -38.56 -14.37 -17.38
N TYR C 1070 -37.75 -13.78 -16.50
CA TYR C 1070 -36.63 -14.41 -15.81
C TYR C 1070 -35.86 -15.37 -16.69
N THR C 1071 -35.71 -15.04 -17.96
CA THR C 1071 -34.73 -15.66 -18.83
C THR C 1071 -33.43 -14.87 -18.82
N ASP C 1072 -33.42 -13.76 -18.10
CA ASP C 1072 -32.25 -12.92 -17.91
C ASP C 1072 -31.78 -13.09 -16.47
N CYS C 1073 -30.58 -13.63 -16.30
CA CYS C 1073 -30.10 -13.97 -14.99
C CYS C 1073 -28.58 -14.13 -14.92
#